data_1HFH
# 
_entry.id   1HFH 
# 
_audit_conform.dict_name       mmcif_pdbx.dic 
_audit_conform.dict_version    5.398 
_audit_conform.dict_location   http://mmcif.pdb.org/dictionaries/ascii/mmcif_pdbx.dic 
# 
loop_
_database_2.database_id 
_database_2.database_code 
_database_2.pdbx_database_accession 
_database_2.pdbx_DOI 
PDB   1HFH         pdb_00001hfh 10.2210/pdb1hfh/pdb 
WWPDB D_1000173826 ?            ?                   
# 
loop_
_pdbx_audit_revision_history.ordinal 
_pdbx_audit_revision_history.data_content_type 
_pdbx_audit_revision_history.major_revision 
_pdbx_audit_revision_history.minor_revision 
_pdbx_audit_revision_history.revision_date 
1 'Structure model' 1 0 1993-07-15 
2 'Structure model' 1 1 2008-03-24 
3 'Structure model' 1 2 2011-07-13 
4 'Structure model' 1 3 2022-02-23 
5 'Structure model' 1 4 2024-11-13 
# 
_pdbx_audit_revision_details.ordinal             1 
_pdbx_audit_revision_details.revision_ordinal    1 
_pdbx_audit_revision_details.data_content_type   'Structure model' 
_pdbx_audit_revision_details.provider            repository 
_pdbx_audit_revision_details.type                'Initial release' 
_pdbx_audit_revision_details.description         ? 
_pdbx_audit_revision_details.details             ? 
# 
loop_
_pdbx_audit_revision_group.ordinal 
_pdbx_audit_revision_group.revision_ordinal 
_pdbx_audit_revision_group.data_content_type 
_pdbx_audit_revision_group.group 
1 2 'Structure model' 'Version format compliance' 
2 3 'Structure model' 'Version format compliance' 
3 4 'Structure model' 'Database references'       
4 4 'Structure model' 'Derived calculations'      
5 4 'Structure model' Other                       
6 5 'Structure model' 'Data collection'           
7 5 'Structure model' 'Structure summary'         
# 
loop_
_pdbx_audit_revision_category.ordinal 
_pdbx_audit_revision_category.revision_ordinal 
_pdbx_audit_revision_category.data_content_type 
_pdbx_audit_revision_category.category 
1 4 'Structure model' database_2                
2 4 'Structure model' pdbx_database_status      
3 4 'Structure model' pdbx_struct_assembly      
4 4 'Structure model' pdbx_struct_oper_list     
5 5 'Structure model' chem_comp_atom            
6 5 'Structure model' chem_comp_bond            
7 5 'Structure model' pdbx_entry_details        
8 5 'Structure model' pdbx_modification_feature 
# 
loop_
_pdbx_audit_revision_item.ordinal 
_pdbx_audit_revision_item.revision_ordinal 
_pdbx_audit_revision_item.data_content_type 
_pdbx_audit_revision_item.item 
1 4 'Structure model' '_database_2.pdbx_DOI'                
2 4 'Structure model' '_database_2.pdbx_database_accession' 
3 4 'Structure model' '_pdbx_database_status.process_site'  
# 
_pdbx_database_status.status_code                     REL 
_pdbx_database_status.entry_id                        1HFH 
_pdbx_database_status.recvd_initial_deposition_date   1993-02-23 
_pdbx_database_status.deposit_site                    ? 
_pdbx_database_status.process_site                    BNL 
_pdbx_database_status.SG_entry                        . 
_pdbx_database_status.pdb_format_compatible           Y 
_pdbx_database_status.status_code_mr                  ? 
_pdbx_database_status.status_code_sf                  ? 
_pdbx_database_status.status_code_cs                  ? 
_pdbx_database_status.status_code_nmr_data            ? 
_pdbx_database_status.methods_development_category    ? 
# 
loop_
_audit_author.name 
_audit_author.pdbx_ordinal 
'Barlow, P.N.'      1 
'Steinkasserer, A.' 2 
'Norman, D.G.'      3 
'Kieffer, B.'       4 
'Wiles, A.P.'       5 
'Sim, R.B.'         6 
'Campbell, I.D.'    7 
# 
_citation.id                        primary 
_citation.title                     'Solution structure of a pair of complement modules by nuclear magnetic resonance.' 
_citation.journal_abbrev            J.Mol.Biol. 
_citation.journal_volume            232 
_citation.page_first                268 
_citation.page_last                 284 
_citation.year                      1993 
_citation.journal_id_ASTM           JMOBAK 
_citation.country                   UK 
_citation.journal_id_ISSN           0022-2836 
_citation.journal_id_CSD            0070 
_citation.book_publisher            ? 
_citation.pdbx_database_id_PubMed   8331663 
_citation.pdbx_database_id_DOI      10.1006/jmbi.1993.1381 
# 
loop_
_citation_author.citation_id 
_citation_author.name 
_citation_author.ordinal 
_citation_author.identifier_ORCID 
primary 'Barlow, P.N.'      1 ? 
primary 'Steinkasserer, A.' 2 ? 
primary 'Norman, D.G.'      3 ? 
primary 'Kieffer, B.'       4 ? 
primary 'Wiles, A.P.'       5 ? 
primary 'Sim, R.B.'         6 ? 
primary 'Campbell, I.D.'    7 ? 
# 
_entity.id                         1 
_entity.type                       polymer 
_entity.src_method                 man 
_entity.pdbx_description           'FACTOR H, 15TH AND 16TH C-MODULE PAIR' 
_entity.formula_weight             13164.611 
_entity.pdbx_number_of_molecules   1 
_entity.pdbx_ec                    ? 
_entity.pdbx_mutation              ? 
_entity.pdbx_fragment              ? 
_entity.details                    ? 
# 
_entity_poly.entity_id                      1 
_entity_poly.type                           'polypeptide(L)' 
_entity_poly.nstd_linkage                   no 
_entity_poly.nstd_monomer                   no 
_entity_poly.pdbx_seq_one_letter_code       
;EKIPCSQPPQIEHGTINSSRSSQESYAHGTKLSYTCEGGFRISEENETTCYMGKWSSPPQCEGLPCKSPPEISHGVVAHM
SDSYQYGEEVTYKCFEGFGIDGPAIAKCLGEKWSHPPSCI
;
_entity_poly.pdbx_seq_one_letter_code_can   
;EKIPCSQPPQIEHGTINSSRSSQESYAHGTKLSYTCEGGFRISEENETTCYMGKWSSPPQCEGLPCKSPPEISHGVVAHM
SDSYQYGEEVTYKCFEGFGIDGPAIAKCLGEKWSHPPSCI
;
_entity_poly.pdbx_strand_id                 A 
_entity_poly.pdbx_target_identifier         ? 
# 
loop_
_entity_poly_seq.entity_id 
_entity_poly_seq.num 
_entity_poly_seq.mon_id 
_entity_poly_seq.hetero 
1 1   GLU n 
1 2   LYS n 
1 3   ILE n 
1 4   PRO n 
1 5   CYS n 
1 6   SER n 
1 7   GLN n 
1 8   PRO n 
1 9   PRO n 
1 10  GLN n 
1 11  ILE n 
1 12  GLU n 
1 13  HIS n 
1 14  GLY n 
1 15  THR n 
1 16  ILE n 
1 17  ASN n 
1 18  SER n 
1 19  SER n 
1 20  ARG n 
1 21  SER n 
1 22  SER n 
1 23  GLN n 
1 24  GLU n 
1 25  SER n 
1 26  TYR n 
1 27  ALA n 
1 28  HIS n 
1 29  GLY n 
1 30  THR n 
1 31  LYS n 
1 32  LEU n 
1 33  SER n 
1 34  TYR n 
1 35  THR n 
1 36  CYS n 
1 37  GLU n 
1 38  GLY n 
1 39  GLY n 
1 40  PHE n 
1 41  ARG n 
1 42  ILE n 
1 43  SER n 
1 44  GLU n 
1 45  GLU n 
1 46  ASN n 
1 47  GLU n 
1 48  THR n 
1 49  THR n 
1 50  CYS n 
1 51  TYR n 
1 52  MET n 
1 53  GLY n 
1 54  LYS n 
1 55  TRP n 
1 56  SER n 
1 57  SER n 
1 58  PRO n 
1 59  PRO n 
1 60  GLN n 
1 61  CYS n 
1 62  GLU n 
1 63  GLY n 
1 64  LEU n 
1 65  PRO n 
1 66  CYS n 
1 67  LYS n 
1 68  SER n 
1 69  PRO n 
1 70  PRO n 
1 71  GLU n 
1 72  ILE n 
1 73  SER n 
1 74  HIS n 
1 75  GLY n 
1 76  VAL n 
1 77  VAL n 
1 78  ALA n 
1 79  HIS n 
1 80  MET n 
1 81  SER n 
1 82  ASP n 
1 83  SER n 
1 84  TYR n 
1 85  GLN n 
1 86  TYR n 
1 87  GLY n 
1 88  GLU n 
1 89  GLU n 
1 90  VAL n 
1 91  THR n 
1 92  TYR n 
1 93  LYS n 
1 94  CYS n 
1 95  PHE n 
1 96  GLU n 
1 97  GLY n 
1 98  PHE n 
1 99  GLY n 
1 100 ILE n 
1 101 ASP n 
1 102 GLY n 
1 103 PRO n 
1 104 ALA n 
1 105 ILE n 
1 106 ALA n 
1 107 LYS n 
1 108 CYS n 
1 109 LEU n 
1 110 GLY n 
1 111 GLU n 
1 112 LYS n 
1 113 TRP n 
1 114 SER n 
1 115 HIS n 
1 116 PRO n 
1 117 PRO n 
1 118 SER n 
1 119 CYS n 
1 120 ILE n 
# 
_entity_src_gen.entity_id                          1 
_entity_src_gen.pdbx_src_id                        1 
_entity_src_gen.pdbx_alt_source_flag               sample 
_entity_src_gen.pdbx_seq_type                      ? 
_entity_src_gen.pdbx_beg_seq_num                   ? 
_entity_src_gen.pdbx_end_seq_num                   ? 
_entity_src_gen.gene_src_common_name               human 
_entity_src_gen.gene_src_genus                     Homo 
_entity_src_gen.pdbx_gene_src_gene                 ? 
_entity_src_gen.gene_src_species                   ? 
_entity_src_gen.gene_src_strain                    ? 
_entity_src_gen.gene_src_tissue                    ? 
_entity_src_gen.gene_src_tissue_fraction           ? 
_entity_src_gen.gene_src_details                   ? 
_entity_src_gen.pdbx_gene_src_fragment             ? 
_entity_src_gen.pdbx_gene_src_scientific_name      'Homo sapiens' 
_entity_src_gen.pdbx_gene_src_ncbi_taxonomy_id     9606 
_entity_src_gen.pdbx_gene_src_variant              ? 
_entity_src_gen.pdbx_gene_src_cell_line            ? 
_entity_src_gen.pdbx_gene_src_atcc                 ? 
_entity_src_gen.pdbx_gene_src_organ                ? 
_entity_src_gen.pdbx_gene_src_organelle            ? 
_entity_src_gen.pdbx_gene_src_cell                 ? 
_entity_src_gen.pdbx_gene_src_cellular_location    ? 
_entity_src_gen.host_org_common_name               ? 
_entity_src_gen.pdbx_host_org_scientific_name      ? 
_entity_src_gen.pdbx_host_org_ncbi_taxonomy_id     ? 
_entity_src_gen.host_org_genus                     ? 
_entity_src_gen.pdbx_host_org_gene                 ? 
_entity_src_gen.pdbx_host_org_organ                ? 
_entity_src_gen.host_org_species                   ? 
_entity_src_gen.pdbx_host_org_tissue               ? 
_entity_src_gen.pdbx_host_org_tissue_fraction      ? 
_entity_src_gen.pdbx_host_org_strain               ? 
_entity_src_gen.pdbx_host_org_variant              ? 
_entity_src_gen.pdbx_host_org_cell_line            ? 
_entity_src_gen.pdbx_host_org_atcc                 ? 
_entity_src_gen.pdbx_host_org_culture_collection   ? 
_entity_src_gen.pdbx_host_org_cell                 ? 
_entity_src_gen.pdbx_host_org_organelle            ? 
_entity_src_gen.pdbx_host_org_cellular_location    ? 
_entity_src_gen.pdbx_host_org_vector_type          ? 
_entity_src_gen.pdbx_host_org_vector               ? 
_entity_src_gen.host_org_details                   ? 
_entity_src_gen.expression_system_id               ? 
_entity_src_gen.plasmid_name                       ? 
_entity_src_gen.plasmid_details                    ? 
_entity_src_gen.pdbx_description                   ? 
# 
loop_
_chem_comp.id 
_chem_comp.type 
_chem_comp.mon_nstd_flag 
_chem_comp.name 
_chem_comp.pdbx_synonyms 
_chem_comp.formula 
_chem_comp.formula_weight 
ALA 'L-peptide linking' y ALANINE         ? 'C3 H7 N O2'     89.093  
ARG 'L-peptide linking' y ARGININE        ? 'C6 H15 N4 O2 1' 175.209 
ASN 'L-peptide linking' y ASPARAGINE      ? 'C4 H8 N2 O3'    132.118 
ASP 'L-peptide linking' y 'ASPARTIC ACID' ? 'C4 H7 N O4'     133.103 
CYS 'L-peptide linking' y CYSTEINE        ? 'C3 H7 N O2 S'   121.158 
GLN 'L-peptide linking' y GLUTAMINE       ? 'C5 H10 N2 O3'   146.144 
GLU 'L-peptide linking' y 'GLUTAMIC ACID' ? 'C5 H9 N O4'     147.129 
GLY 'peptide linking'   y GLYCINE         ? 'C2 H5 N O2'     75.067  
HIS 'L-peptide linking' y HISTIDINE       ? 'C6 H10 N3 O2 1' 156.162 
ILE 'L-peptide linking' y ISOLEUCINE      ? 'C6 H13 N O2'    131.173 
LEU 'L-peptide linking' y LEUCINE         ? 'C6 H13 N O2'    131.173 
LYS 'L-peptide linking' y LYSINE          ? 'C6 H15 N2 O2 1' 147.195 
MET 'L-peptide linking' y METHIONINE      ? 'C5 H11 N O2 S'  149.211 
PHE 'L-peptide linking' y PHENYLALANINE   ? 'C9 H11 N O2'    165.189 
PRO 'L-peptide linking' y PROLINE         ? 'C5 H9 N O2'     115.130 
SER 'L-peptide linking' y SERINE          ? 'C3 H7 N O3'     105.093 
THR 'L-peptide linking' y THREONINE       ? 'C4 H9 N O3'     119.119 
TRP 'L-peptide linking' y TRYPTOPHAN      ? 'C11 H12 N2 O2'  204.225 
TYR 'L-peptide linking' y TYROSINE        ? 'C9 H11 N O3'    181.189 
VAL 'L-peptide linking' y VALINE          ? 'C5 H11 N O2'    117.146 
# 
loop_
_pdbx_poly_seq_scheme.asym_id 
_pdbx_poly_seq_scheme.entity_id 
_pdbx_poly_seq_scheme.seq_id 
_pdbx_poly_seq_scheme.mon_id 
_pdbx_poly_seq_scheme.ndb_seq_num 
_pdbx_poly_seq_scheme.pdb_seq_num 
_pdbx_poly_seq_scheme.auth_seq_num 
_pdbx_poly_seq_scheme.pdb_mon_id 
_pdbx_poly_seq_scheme.auth_mon_id 
_pdbx_poly_seq_scheme.pdb_strand_id 
_pdbx_poly_seq_scheme.pdb_ins_code 
_pdbx_poly_seq_scheme.hetero 
A 1 1   GLU 1   1   1   GLU GLU A . n 
A 1 2   LYS 2   2   2   LYS LYS A . n 
A 1 3   ILE 3   3   3   ILE ILE A . n 
A 1 4   PRO 4   4   4   PRO PRO A . n 
A 1 5   CYS 5   5   5   CYS CYS A . n 
A 1 6   SER 6   6   6   SER SER A . n 
A 1 7   GLN 7   7   7   GLN GLN A . n 
A 1 8   PRO 8   8   8   PRO PRO A . n 
A 1 9   PRO 9   9   9   PRO PRO A . n 
A 1 10  GLN 10  10  10  GLN GLN A . n 
A 1 11  ILE 11  11  11  ILE ILE A . n 
A 1 12  GLU 12  12  12  GLU GLU A . n 
A 1 13  HIS 13  13  13  HIS HIS A . n 
A 1 14  GLY 14  14  14  GLY GLY A . n 
A 1 15  THR 15  15  15  THR THR A . n 
A 1 16  ILE 16  16  16  ILE ILE A . n 
A 1 17  ASN 17  17  17  ASN ASN A . n 
A 1 18  SER 18  18  18  SER SER A . n 
A 1 19  SER 19  19  19  SER SER A . n 
A 1 20  ARG 20  20  20  ARG ARG A . n 
A 1 21  SER 21  21  21  SER SER A . n 
A 1 22  SER 22  22  22  SER SER A . n 
A 1 23  GLN 23  23  23  GLN GLN A . n 
A 1 24  GLU 24  24  24  GLU GLU A . n 
A 1 25  SER 25  25  25  SER SER A . n 
A 1 26  TYR 26  26  26  TYR TYR A . n 
A 1 27  ALA 27  27  27  ALA ALA A . n 
A 1 28  HIS 28  28  28  HIS HIS A . n 
A 1 29  GLY 29  29  29  GLY GLY A . n 
A 1 30  THR 30  30  30  THR THR A . n 
A 1 31  LYS 31  31  31  LYS LYS A . n 
A 1 32  LEU 32  32  32  LEU LEU A . n 
A 1 33  SER 33  33  33  SER SER A . n 
A 1 34  TYR 34  34  34  TYR TYR A . n 
A 1 35  THR 35  35  35  THR THR A . n 
A 1 36  CYS 36  36  36  CYS CYS A . n 
A 1 37  GLU 37  37  37  GLU GLU A . n 
A 1 38  GLY 38  38  38  GLY GLY A . n 
A 1 39  GLY 39  39  39  GLY GLY A . n 
A 1 40  PHE 40  40  40  PHE PHE A . n 
A 1 41  ARG 41  41  41  ARG ARG A . n 
A 1 42  ILE 42  42  42  ILE ILE A . n 
A 1 43  SER 43  43  43  SER SER A . n 
A 1 44  GLU 44  44  44  GLU GLU A . n 
A 1 45  GLU 45  45  45  GLU GLU A . n 
A 1 46  ASN 46  46  46  ASN ASN A . n 
A 1 47  GLU 47  47  47  GLU GLU A . n 
A 1 48  THR 48  48  48  THR THR A . n 
A 1 49  THR 49  49  49  THR THR A . n 
A 1 50  CYS 50  50  50  CYS CYS A . n 
A 1 51  TYR 51  51  51  TYR TYR A . n 
A 1 52  MET 52  52  52  MET MET A . n 
A 1 53  GLY 53  53  53  GLY GLY A . n 
A 1 54  LYS 54  54  54  LYS LYS A . n 
A 1 55  TRP 55  55  55  TRP TRP A . n 
A 1 56  SER 56  56  56  SER SER A . n 
A 1 57  SER 57  57  57  SER SER A . n 
A 1 58  PRO 58  58  58  PRO PRO A . n 
A 1 59  PRO 59  59  59  PRO PRO A . n 
A 1 60  GLN 60  60  60  GLN GLN A . n 
A 1 61  CYS 61  61  61  CYS CYS A . n 
A 1 62  GLU 62  62  62  GLU GLU A . n 
A 1 63  GLY 63  63  63  GLY GLY A . n 
A 1 64  LEU 64  64  64  LEU LEU A . n 
A 1 65  PRO 65  65  65  PRO PRO A . n 
A 1 66  CYS 66  66  66  CYS CYS A . n 
A 1 67  LYS 67  67  67  LYS LYS A . n 
A 1 68  SER 68  68  68  SER SER A . n 
A 1 69  PRO 69  69  69  PRO PRO A . n 
A 1 70  PRO 70  70  70  PRO PRO A . n 
A 1 71  GLU 71  71  71  GLU GLU A . n 
A 1 72  ILE 72  72  72  ILE ILE A . n 
A 1 73  SER 73  73  73  SER SER A . n 
A 1 74  HIS 74  74  74  HIS HIS A . n 
A 1 75  GLY 75  75  75  GLY GLY A . n 
A 1 76  VAL 76  76  76  VAL VAL A . n 
A 1 77  VAL 77  77  77  VAL VAL A . n 
A 1 78  ALA 78  78  78  ALA ALA A . n 
A 1 79  HIS 79  79  79  HIS HIS A . n 
A 1 80  MET 80  80  80  MET MET A . n 
A 1 81  SER 81  81  81  SER SER A . n 
A 1 82  ASP 82  82  82  ASP ASP A . n 
A 1 83  SER 83  83  83  SER SER A . n 
A 1 84  TYR 84  84  84  TYR TYR A . n 
A 1 85  GLN 85  85  85  GLN GLN A . n 
A 1 86  TYR 86  86  86  TYR TYR A . n 
A 1 87  GLY 87  87  87  GLY GLY A . n 
A 1 88  GLU 88  88  88  GLU GLU A . n 
A 1 89  GLU 89  89  89  GLU GLU A . n 
A 1 90  VAL 90  90  90  VAL VAL A . n 
A 1 91  THR 91  91  91  THR THR A . n 
A 1 92  TYR 92  92  92  TYR TYR A . n 
A 1 93  LYS 93  93  93  LYS LYS A . n 
A 1 94  CYS 94  94  94  CYS CYS A . n 
A 1 95  PHE 95  95  95  PHE PHE A . n 
A 1 96  GLU 96  96  96  GLU GLU A . n 
A 1 97  GLY 97  97  97  GLY GLY A . n 
A 1 98  PHE 98  98  98  PHE PHE A . n 
A 1 99  GLY 99  99  99  GLY GLY A . n 
A 1 100 ILE 100 100 100 ILE ILE A . n 
A 1 101 ASP 101 101 101 ASP ASP A . n 
A 1 102 GLY 102 102 102 GLY GLY A . n 
A 1 103 PRO 103 103 103 PRO PRO A . n 
A 1 104 ALA 104 104 104 ALA ALA A . n 
A 1 105 ILE 105 105 105 ILE ILE A . n 
A 1 106 ALA 106 106 106 ALA ALA A . n 
A 1 107 LYS 107 107 107 LYS LYS A . n 
A 1 108 CYS 108 108 108 CYS CYS A . n 
A 1 109 LEU 109 109 109 LEU LEU A . n 
A 1 110 GLY 110 110 110 GLY GLY A . n 
A 1 111 GLU 111 111 111 GLU GLU A . n 
A 1 112 LYS 112 112 112 LYS LYS A . n 
A 1 113 TRP 113 113 113 TRP TRP A . n 
A 1 114 SER 114 114 114 SER SER A . n 
A 1 115 HIS 115 115 115 HIS HIS A . n 
A 1 116 PRO 116 116 116 PRO PRO A . n 
A 1 117 PRO 117 117 117 PRO PRO A . n 
A 1 118 SER 118 118 118 SER SER A . n 
A 1 119 CYS 119 119 119 CYS CYS A . n 
A 1 120 ILE 120 120 120 ILE ILE A . n 
# 
_cell.entry_id           1HFH 
_cell.length_a           1.000 
_cell.length_b           1.000 
_cell.length_c           1.000 
_cell.angle_alpha        90.00 
_cell.angle_beta         90.00 
_cell.angle_gamma        90.00 
_cell.Z_PDB              1 
_cell.pdbx_unique_axis   ? 
# 
_symmetry.entry_id                         1HFH 
_symmetry.space_group_name_H-M             'P 1' 
_symmetry.pdbx_full_space_group_name_H-M   ? 
_symmetry.cell_setting                     ? 
_symmetry.Int_Tables_number                1 
# 
_exptl.entry_id          1HFH 
_exptl.method            'SOLUTION NMR' 
_exptl.crystals_number   ? 
# 
_struct.entry_id                  1HFH 
_struct.title                     'SOLUTION STRUCTURE OF A PAIR OF COMPLEMENT MODULES BY NUCLEAR MAGNETIC RESONANCE' 
_struct.pdbx_model_details        ? 
_struct.pdbx_CASP_flag            ? 
_struct.pdbx_model_type_details   ? 
# 
_struct_keywords.entry_id        1HFH 
_struct_keywords.pdbx_keywords   GLYCOPROTEIN 
_struct_keywords.text            GLYCOPROTEIN 
# 
_struct_asym.id                            A 
_struct_asym.pdbx_blank_PDB_chainid_flag   Y 
_struct_asym.pdbx_modified                 N 
_struct_asym.entity_id                     1 
_struct_asym.details                       ? 
# 
_struct_ref.id                         1 
_struct_ref.db_name                    UNP 
_struct_ref.db_code                    CFAH_HUMAN 
_struct_ref.entity_id                  1 
_struct_ref.pdbx_db_accession          P08603 
_struct_ref.pdbx_align_begin           1 
_struct_ref.pdbx_seq_one_letter_code   
;MRLLAKIICLMLWAICVAEDCNELPPRRNTEILTGSWSDQTYPEGTQAIYKCRPGYRSLGNVIMVCRKGEWVALNPLRKC
QKRPCGHPGDTPFGTFTLTGGNVFEYGVKAVYTCNEGYQLLGEINYRECDTDGWTNDIPICEVVKCLPVTAPENGKIVSS
AMEPDREYHFGQAVRFVCNSGYKIEGDEEMHCSDDGFWSKEKPKCVEISCKSPDVINGSPISQKIIYKENERFQYKCNMG
YEYSERGDAVCTESGWRPLPSCEEKSCDNPYIPNGDYSPLRIKHRTGDEITYQCRNGFYPATRGNTAKCTSTGWIPAPRC
TLKPCDYPDIKHGGLYHENMRRPYFPVAVGKYYSYYCDEHFETPSGSYWDHIHCTQDGWSPAVPCLRKCYFPYLENGYNQ
NHGRKFVQGKSIDVACHPGYALPKAQTTVTCMENGWSPTPRCIRVKTCSKSSIDIENGFISESQYTYALKEKAKYQCKLG
YVTADGETSGSIRCGKDGWSAQPTCIKSCDIPVFMNARTKNDFTWFKLNDTLDYECHDGYESNTGSTTGSIVCGYNGWSD
LPICYERECELPKIDVHLVPDRKKDQYKVGEVLKFSCKPGFTIVGPNSVQCYHFGLSPDLPICKEQVQSCGPPPELLNGN
VKEKTKEEYGHSEVVEYYCNPRFLMKGPNKIQCVDGEWTTLPVCIVEESTCGDIPELEHGWAQLSSPPYYYGDSVEFNCS
ESFTMIGHRSITCIHGVWTQLPQCVAIDKLKKCKSSNLIILEEHLKNKKEFDHNSNIRYRCRGKEGWIHTVCINGRWDPE
VNCSMAQIQLCPPPPQIPNSHNMTTTLNYRDGEKVSVLCQENYLIQEGEEITCKDGRWQSIPLCVEKIPCSQPPQIEHGT
INSSRSSQESYAHGTKLSYTCEGGFRISEENETTCYMGKWSSPPQCEGLPCKSPPEISHGVVAHMSDSYQYGEEVTYKCF
EGFGIDGPAIAKCLGEKWSHPPSCIKTDCLSLPSFENAIPMGEKKDVYKAGEQVTYTCATYYKMDGASNVTCINSRWTGR
PTCRDTSCVNPPTVQNAYIVSRQMSKYPSGERVRYQCRSPYEMFGDEEVMCLNGNWTEPPQCKDSTGKCGPPPPIDNGDI
TSFPLSVYAPASSVEYQCQNLYQLEGNKRITCRNGQWSEPPKCLHPCVISREIMENYNIALRWTAKQKLYSRTGESVEFV
CKRGYRLSSRSHTLRTTCWDGKLEYPTCAKR
;
_struct_ref.pdbx_db_isoform            ? 
# 
_struct_ref_seq.align_id                      1 
_struct_ref_seq.ref_id                        1 
_struct_ref_seq.pdbx_PDB_id_code              1HFH 
_struct_ref_seq.pdbx_strand_id                A 
_struct_ref_seq.seq_align_beg                 1 
_struct_ref_seq.pdbx_seq_align_beg_ins_code   ? 
_struct_ref_seq.seq_align_end                 120 
_struct_ref_seq.pdbx_seq_align_end_ins_code   ? 
_struct_ref_seq.pdbx_db_accession             P08603 
_struct_ref_seq.db_align_beg                  866 
_struct_ref_seq.pdbx_db_align_beg_ins_code    ? 
_struct_ref_seq.db_align_end                  985 
_struct_ref_seq.pdbx_db_align_end_ins_code    ? 
_struct_ref_seq.pdbx_auth_seq_align_beg       1 
_struct_ref_seq.pdbx_auth_seq_align_end       120 
# 
_pdbx_struct_assembly.id                   1 
_pdbx_struct_assembly.details              author_defined_assembly 
_pdbx_struct_assembly.method_details       ? 
_pdbx_struct_assembly.oligomeric_details   monomeric 
_pdbx_struct_assembly.oligomeric_count     1 
# 
_pdbx_struct_assembly_gen.assembly_id       1 
_pdbx_struct_assembly_gen.oper_expression   1 
_pdbx_struct_assembly_gen.asym_id_list      A 
# 
_pdbx_struct_oper_list.id                   1 
_pdbx_struct_oper_list.type                 'identity operation' 
_pdbx_struct_oper_list.name                 1_555 
_pdbx_struct_oper_list.symmetry_operation   x,y,z 
_pdbx_struct_oper_list.matrix[1][1]         1.0000000000 
_pdbx_struct_oper_list.matrix[1][2]         0.0000000000 
_pdbx_struct_oper_list.matrix[1][3]         0.0000000000 
_pdbx_struct_oper_list.vector[1]            0.0000000000 
_pdbx_struct_oper_list.matrix[2][1]         0.0000000000 
_pdbx_struct_oper_list.matrix[2][2]         1.0000000000 
_pdbx_struct_oper_list.matrix[2][3]         0.0000000000 
_pdbx_struct_oper_list.vector[2]            0.0000000000 
_pdbx_struct_oper_list.matrix[3][1]         0.0000000000 
_pdbx_struct_oper_list.matrix[3][2]         0.0000000000 
_pdbx_struct_oper_list.matrix[3][3]         1.0000000000 
_pdbx_struct_oper_list.vector[3]            0.0000000000 
# 
_struct_biol.id   1 
# 
loop_
_struct_conn.id 
_struct_conn.conn_type_id 
_struct_conn.pdbx_leaving_atom_flag 
_struct_conn.pdbx_PDB_id 
_struct_conn.ptnr1_label_asym_id 
_struct_conn.ptnr1_label_comp_id 
_struct_conn.ptnr1_label_seq_id 
_struct_conn.ptnr1_label_atom_id 
_struct_conn.pdbx_ptnr1_label_alt_id 
_struct_conn.pdbx_ptnr1_PDB_ins_code 
_struct_conn.pdbx_ptnr1_standard_comp_id 
_struct_conn.ptnr1_symmetry 
_struct_conn.ptnr2_label_asym_id 
_struct_conn.ptnr2_label_comp_id 
_struct_conn.ptnr2_label_seq_id 
_struct_conn.ptnr2_label_atom_id 
_struct_conn.pdbx_ptnr2_label_alt_id 
_struct_conn.pdbx_ptnr2_PDB_ins_code 
_struct_conn.ptnr1_auth_asym_id 
_struct_conn.ptnr1_auth_comp_id 
_struct_conn.ptnr1_auth_seq_id 
_struct_conn.ptnr2_auth_asym_id 
_struct_conn.ptnr2_auth_comp_id 
_struct_conn.ptnr2_auth_seq_id 
_struct_conn.ptnr2_symmetry 
_struct_conn.pdbx_ptnr3_label_atom_id 
_struct_conn.pdbx_ptnr3_label_seq_id 
_struct_conn.pdbx_ptnr3_label_comp_id 
_struct_conn.pdbx_ptnr3_label_asym_id 
_struct_conn.pdbx_ptnr3_label_alt_id 
_struct_conn.pdbx_ptnr3_PDB_ins_code 
_struct_conn.details 
_struct_conn.pdbx_dist_value 
_struct_conn.pdbx_value_order 
_struct_conn.pdbx_role 
disulf1 disulf ? ? A CYS 5  SG ? ? ? 1_555 A CYS 50  SG ? ? A CYS 5  A CYS 50  1_555 ? ? ? ? ? ? ? 2.018 ? ? 
disulf2 disulf ? ? A CYS 36 SG ? ? ? 1_555 A CYS 61  SG ? ? A CYS 36 A CYS 61  1_555 ? ? ? ? ? ? ? 2.017 ? ? 
disulf3 disulf ? ? A CYS 66 SG ? ? ? 1_555 A CYS 108 SG ? ? A CYS 66 A CYS 108 1_555 ? ? ? ? ? ? ? 2.018 ? ? 
disulf4 disulf ? ? A CYS 94 SG ? ? ? 1_555 A CYS 119 SG ? ? A CYS 94 A CYS 119 1_555 ? ? ? ? ? ? ? 2.016 ? ? 
# 
_struct_conn_type.id          disulf 
_struct_conn_type.criteria    ? 
_struct_conn_type.reference   ? 
# 
loop_
_pdbx_modification_feature.ordinal 
_pdbx_modification_feature.label_comp_id 
_pdbx_modification_feature.label_asym_id 
_pdbx_modification_feature.label_seq_id 
_pdbx_modification_feature.label_alt_id 
_pdbx_modification_feature.modified_residue_label_comp_id 
_pdbx_modification_feature.modified_residue_label_asym_id 
_pdbx_modification_feature.modified_residue_label_seq_id 
_pdbx_modification_feature.modified_residue_label_alt_id 
_pdbx_modification_feature.auth_comp_id 
_pdbx_modification_feature.auth_asym_id 
_pdbx_modification_feature.auth_seq_id 
_pdbx_modification_feature.PDB_ins_code 
_pdbx_modification_feature.symmetry 
_pdbx_modification_feature.modified_residue_auth_comp_id 
_pdbx_modification_feature.modified_residue_auth_asym_id 
_pdbx_modification_feature.modified_residue_auth_seq_id 
_pdbx_modification_feature.modified_residue_PDB_ins_code 
_pdbx_modification_feature.modified_residue_symmetry 
_pdbx_modification_feature.comp_id_linking_atom 
_pdbx_modification_feature.modified_residue_id_linking_atom 
_pdbx_modification_feature.modified_residue_id 
_pdbx_modification_feature.ref_pcm_id 
_pdbx_modification_feature.ref_comp_id 
_pdbx_modification_feature.type 
_pdbx_modification_feature.category 
1 CYS A 5  ? CYS A 50  ? CYS A 5  ? 1_555 CYS A 50  ? 1_555 SG SG . . . None 'Disulfide bridge' 
2 CYS A 36 ? CYS A 61  ? CYS A 36 ? 1_555 CYS A 61  ? 1_555 SG SG . . . None 'Disulfide bridge' 
3 CYS A 66 ? CYS A 108 ? CYS A 66 ? 1_555 CYS A 108 ? 1_555 SG SG . . . None 'Disulfide bridge' 
4 CYS A 94 ? CYS A 119 ? CYS A 94 ? 1_555 CYS A 119 ? 1_555 SG SG . . . None 'Disulfide bridge' 
# 
loop_
_struct_sheet.id 
_struct_sheet.type 
_struct_sheet.number_strands 
_struct_sheet.details 
A ? 4 ? 
B ? 2 ? 
C ? 3 ? 
# 
loop_
_struct_sheet_order.sheet_id 
_struct_sheet_order.range_id_1 
_struct_sheet_order.range_id_2 
_struct_sheet_order.offset 
_struct_sheet_order.sense 
A 1 2 ? anti-parallel 
A 2 3 ? anti-parallel 
A 3 4 ? anti-parallel 
B 1 2 ? anti-parallel 
C 1 2 ? anti-parallel 
C 2 3 ? anti-parallel 
# 
loop_
_struct_sheet_range.sheet_id 
_struct_sheet_range.id 
_struct_sheet_range.beg_label_comp_id 
_struct_sheet_range.beg_label_asym_id 
_struct_sheet_range.beg_label_seq_id 
_struct_sheet_range.pdbx_beg_PDB_ins_code 
_struct_sheet_range.end_label_comp_id 
_struct_sheet_range.end_label_asym_id 
_struct_sheet_range.end_label_seq_id 
_struct_sheet_range.pdbx_end_PDB_ins_code 
_struct_sheet_range.beg_auth_comp_id 
_struct_sheet_range.beg_auth_asym_id 
_struct_sheet_range.beg_auth_seq_id 
_struct_sheet_range.end_auth_comp_id 
_struct_sheet_range.end_auth_asym_id 
_struct_sheet_range.end_auth_seq_id 
A 1 GLY A 14  ? ILE A 16  ? GLY A 14  ILE A 16  
A 2 THR A 30  ? CYS A 36  ? THR A 30  CYS A 36  
A 3 GLU A 47  ? TYR A 51  ? GLU A 47  TYR A 51  
A 4 LYS A 54  ? TRP A 55  ? LYS A 54  TRP A 55  
B 1 ARG A 41  ? SER A 43  ? ARG A 41  SER A 43  
B 2 GLN A 60  ? GLU A 62  ? GLN A 60  GLU A 62  
C 1 VAL A 76  ? HIS A 79  ? VAL A 76  HIS A 79  
C 2 GLU A 89  ? LYS A 93  ? GLU A 89  LYS A 93  
C 3 ILE A 105 ? LYS A 107 ? ILE A 105 LYS A 107 
# 
loop_
_pdbx_struct_sheet_hbond.sheet_id 
_pdbx_struct_sheet_hbond.range_id_1 
_pdbx_struct_sheet_hbond.range_id_2 
_pdbx_struct_sheet_hbond.range_1_label_atom_id 
_pdbx_struct_sheet_hbond.range_1_label_comp_id 
_pdbx_struct_sheet_hbond.range_1_label_asym_id 
_pdbx_struct_sheet_hbond.range_1_label_seq_id 
_pdbx_struct_sheet_hbond.range_1_PDB_ins_code 
_pdbx_struct_sheet_hbond.range_1_auth_atom_id 
_pdbx_struct_sheet_hbond.range_1_auth_comp_id 
_pdbx_struct_sheet_hbond.range_1_auth_asym_id 
_pdbx_struct_sheet_hbond.range_1_auth_seq_id 
_pdbx_struct_sheet_hbond.range_2_label_atom_id 
_pdbx_struct_sheet_hbond.range_2_label_comp_id 
_pdbx_struct_sheet_hbond.range_2_label_asym_id 
_pdbx_struct_sheet_hbond.range_2_label_seq_id 
_pdbx_struct_sheet_hbond.range_2_PDB_ins_code 
_pdbx_struct_sheet_hbond.range_2_auth_atom_id 
_pdbx_struct_sheet_hbond.range_2_auth_comp_id 
_pdbx_struct_sheet_hbond.range_2_auth_asym_id 
_pdbx_struct_sheet_hbond.range_2_auth_seq_id 
A 1 2 N THR A 15 ? N THR A 15 O THR A 35  ? O THR A 35  
A 2 3 O LEU A 32 ? O LEU A 32 N THR A 48  ? N THR A 48  
A 3 4 N TYR A 51 ? N TYR A 51 O LYS A 54  ? O LYS A 54  
B 1 2 N SER A 43 ? N SER A 43 O GLN A 60  ? O GLN A 60  
C 1 2 O HIS A 79 ? O HIS A 79 N THR A 91  ? N THR A 91  
C 2 3 N VAL A 90 ? N VAL A 90 O ALA A 106 ? O ALA A 106 
# 
_pdbx_entry_details.entry_id                   1HFH 
_pdbx_entry_details.compound_details           ? 
_pdbx_entry_details.source_details             ? 
_pdbx_entry_details.nonpolymer_details         ? 
_pdbx_entry_details.sequence_details           ? 
_pdbx_entry_details.has_ligand_of_interest     ? 
_pdbx_entry_details.has_protein_modification   Y 
# 
loop_
_pdbx_validate_rmsd_angle.id 
_pdbx_validate_rmsd_angle.PDB_model_num 
_pdbx_validate_rmsd_angle.auth_atom_id_1 
_pdbx_validate_rmsd_angle.auth_asym_id_1 
_pdbx_validate_rmsd_angle.auth_comp_id_1 
_pdbx_validate_rmsd_angle.auth_seq_id_1 
_pdbx_validate_rmsd_angle.PDB_ins_code_1 
_pdbx_validate_rmsd_angle.label_alt_id_1 
_pdbx_validate_rmsd_angle.auth_atom_id_2 
_pdbx_validate_rmsd_angle.auth_asym_id_2 
_pdbx_validate_rmsd_angle.auth_comp_id_2 
_pdbx_validate_rmsd_angle.auth_seq_id_2 
_pdbx_validate_rmsd_angle.PDB_ins_code_2 
_pdbx_validate_rmsd_angle.label_alt_id_2 
_pdbx_validate_rmsd_angle.auth_atom_id_3 
_pdbx_validate_rmsd_angle.auth_asym_id_3 
_pdbx_validate_rmsd_angle.auth_comp_id_3 
_pdbx_validate_rmsd_angle.auth_seq_id_3 
_pdbx_validate_rmsd_angle.PDB_ins_code_3 
_pdbx_validate_rmsd_angle.label_alt_id_3 
_pdbx_validate_rmsd_angle.angle_value 
_pdbx_validate_rmsd_angle.angle_target_value 
_pdbx_validate_rmsd_angle.angle_deviation 
_pdbx_validate_rmsd_angle.angle_standard_deviation 
_pdbx_validate_rmsd_angle.linker_flag 
1 1 CG  A TRP 55  ? ? CD1 A TRP 55  ? ? NE1 A TRP 55  ? ? 102.73 110.10 -7.37 1.00 N 
2 1 CD1 A TRP 55  ? ? NE1 A TRP 55  ? ? CE2 A TRP 55  ? ? 116.77 109.00 7.77  0.90 N 
3 1 NE1 A TRP 55  ? ? CE2 A TRP 55  ? ? CZ2 A TRP 55  ? ? 138.51 130.40 8.11  1.10 N 
4 1 CA  A CYS 61  ? ? CB  A CYS 61  ? ? SG  A CYS 61  ? ? 122.26 114.20 8.06  1.10 N 
5 1 CG  A TRP 113 ? ? CD1 A TRP 113 ? ? NE1 A TRP 113 ? ? 103.50 110.10 -6.60 1.00 N 
6 1 CD1 A TRP 113 ? ? NE1 A TRP 113 ? ? CE2 A TRP 113 ? ? 116.99 109.00 7.99  0.90 N 
7 1 NE1 A TRP 113 ? ? CE2 A TRP 113 ? ? CZ2 A TRP 113 ? ? 138.57 130.40 8.17  1.10 N 
# 
loop_
_pdbx_validate_torsion.id 
_pdbx_validate_torsion.PDB_model_num 
_pdbx_validate_torsion.auth_comp_id 
_pdbx_validate_torsion.auth_asym_id 
_pdbx_validate_torsion.auth_seq_id 
_pdbx_validate_torsion.PDB_ins_code 
_pdbx_validate_torsion.label_alt_id 
_pdbx_validate_torsion.phi 
_pdbx_validate_torsion.psi 
1  1 LYS A 2   ? ? -21.49  137.04  
2  1 SER A 6   ? ? -119.25 -169.50 
3  1 GLN A 7   ? ? -33.93  111.64  
4  1 PRO A 8   ? ? -46.65  163.16  
5  1 GLU A 12  ? ? -22.95  -46.20  
6  1 HIS A 13  ? ? -141.85 42.17   
7  1 SER A 19  ? ? 35.78   66.41   
8  1 ARG A 20  ? ? 21.41   -96.10  
9  1 SER A 22  ? ? -121.16 -53.83  
10 1 GLU A 37  ? ? -37.11  157.78  
11 1 PHE A 40  ? ? -24.28  140.13  
12 1 GLU A 44  ? ? 60.74   86.05   
13 1 GLU A 45  ? ? 15.64   113.17  
14 1 ASN A 46  ? ? -68.48  74.72   
15 1 PRO A 58  ? ? -53.63  -179.77 
16 1 PRO A 59  ? ? -53.04  -179.32 
17 1 GLU A 62  ? ? 169.71  -162.16 
18 1 VAL A 76  ? ? -173.54 132.57  
19 1 HIS A 79  ? ? -112.85 61.11   
20 1 SER A 83  ? ? -109.68 77.29   
21 1 TYR A 86  ? ? -8.94   145.20  
22 1 ASP A 101 ? ? -112.59 -135.69 
23 1 ALA A 104 ? ? -96.88  35.72   
24 1 GLU A 111 ? ? -124.65 -69.82  
25 1 LYS A 112 ? ? -105.20 -163.10 
26 1 HIS A 115 ? ? -0.67   77.37   
27 1 PRO A 117 ? ? -25.39  158.77  
28 1 SER A 118 ? ? -110.85 61.48   
# 
loop_
_pdbx_validate_planes.id 
_pdbx_validate_planes.PDB_model_num 
_pdbx_validate_planes.auth_comp_id 
_pdbx_validate_planes.auth_asym_id 
_pdbx_validate_planes.auth_seq_id 
_pdbx_validate_planes.PDB_ins_code 
_pdbx_validate_planes.label_alt_id 
_pdbx_validate_planes.rmsd 
_pdbx_validate_planes.type 
1 1 ARG A 20 ? ? 0.299 'SIDE CHAIN' 
2 1 ARG A 41 ? ? 0.319 'SIDE CHAIN' 
# 
_pdbx_nmr_ensemble.entry_id                             1HFH 
_pdbx_nmr_ensemble.conformers_calculated_total_number   ? 
_pdbx_nmr_ensemble.conformers_submitted_total_number    1 
_pdbx_nmr_ensemble.conformer_selection_criteria         ? 
# 
loop_
_chem_comp_atom.comp_id 
_chem_comp_atom.atom_id 
_chem_comp_atom.type_symbol 
_chem_comp_atom.pdbx_aromatic_flag 
_chem_comp_atom.pdbx_stereo_config 
_chem_comp_atom.pdbx_ordinal 
ALA N    N N N 1   
ALA CA   C N S 2   
ALA C    C N N 3   
ALA O    O N N 4   
ALA CB   C N N 5   
ALA OXT  O N N 6   
ALA H    H N N 7   
ALA H2   H N N 8   
ALA HA   H N N 9   
ALA HB1  H N N 10  
ALA HB2  H N N 11  
ALA HB3  H N N 12  
ALA HXT  H N N 13  
ARG N    N N N 14  
ARG CA   C N S 15  
ARG C    C N N 16  
ARG O    O N N 17  
ARG CB   C N N 18  
ARG CG   C N N 19  
ARG CD   C N N 20  
ARG NE   N N N 21  
ARG CZ   C N N 22  
ARG NH1  N N N 23  
ARG NH2  N N N 24  
ARG OXT  O N N 25  
ARG H    H N N 26  
ARG H2   H N N 27  
ARG HA   H N N 28  
ARG HB2  H N N 29  
ARG HB3  H N N 30  
ARG HG2  H N N 31  
ARG HG3  H N N 32  
ARG HD2  H N N 33  
ARG HD3  H N N 34  
ARG HE   H N N 35  
ARG HH11 H N N 36  
ARG HH12 H N N 37  
ARG HH21 H N N 38  
ARG HH22 H N N 39  
ARG HXT  H N N 40  
ASN N    N N N 41  
ASN CA   C N S 42  
ASN C    C N N 43  
ASN O    O N N 44  
ASN CB   C N N 45  
ASN CG   C N N 46  
ASN OD1  O N N 47  
ASN ND2  N N N 48  
ASN OXT  O N N 49  
ASN H    H N N 50  
ASN H2   H N N 51  
ASN HA   H N N 52  
ASN HB2  H N N 53  
ASN HB3  H N N 54  
ASN HD21 H N N 55  
ASN HD22 H N N 56  
ASN HXT  H N N 57  
ASP N    N N N 58  
ASP CA   C N S 59  
ASP C    C N N 60  
ASP O    O N N 61  
ASP CB   C N N 62  
ASP CG   C N N 63  
ASP OD1  O N N 64  
ASP OD2  O N N 65  
ASP OXT  O N N 66  
ASP H    H N N 67  
ASP H2   H N N 68  
ASP HA   H N N 69  
ASP HB2  H N N 70  
ASP HB3  H N N 71  
ASP HD2  H N N 72  
ASP HXT  H N N 73  
CYS N    N N N 74  
CYS CA   C N R 75  
CYS C    C N N 76  
CYS O    O N N 77  
CYS CB   C N N 78  
CYS SG   S N N 79  
CYS OXT  O N N 80  
CYS H    H N N 81  
CYS H2   H N N 82  
CYS HA   H N N 83  
CYS HB2  H N N 84  
CYS HB3  H N N 85  
CYS HG   H N N 86  
CYS HXT  H N N 87  
GLN N    N N N 88  
GLN CA   C N S 89  
GLN C    C N N 90  
GLN O    O N N 91  
GLN CB   C N N 92  
GLN CG   C N N 93  
GLN CD   C N N 94  
GLN OE1  O N N 95  
GLN NE2  N N N 96  
GLN OXT  O N N 97  
GLN H    H N N 98  
GLN H2   H N N 99  
GLN HA   H N N 100 
GLN HB2  H N N 101 
GLN HB3  H N N 102 
GLN HG2  H N N 103 
GLN HG3  H N N 104 
GLN HE21 H N N 105 
GLN HE22 H N N 106 
GLN HXT  H N N 107 
GLU N    N N N 108 
GLU CA   C N S 109 
GLU C    C N N 110 
GLU O    O N N 111 
GLU CB   C N N 112 
GLU CG   C N N 113 
GLU CD   C N N 114 
GLU OE1  O N N 115 
GLU OE2  O N N 116 
GLU OXT  O N N 117 
GLU H    H N N 118 
GLU H2   H N N 119 
GLU HA   H N N 120 
GLU HB2  H N N 121 
GLU HB3  H N N 122 
GLU HG2  H N N 123 
GLU HG3  H N N 124 
GLU HE2  H N N 125 
GLU HXT  H N N 126 
GLY N    N N N 127 
GLY CA   C N N 128 
GLY C    C N N 129 
GLY O    O N N 130 
GLY OXT  O N N 131 
GLY H    H N N 132 
GLY H2   H N N 133 
GLY HA2  H N N 134 
GLY HA3  H N N 135 
GLY HXT  H N N 136 
HIS N    N N N 137 
HIS CA   C N S 138 
HIS C    C N N 139 
HIS O    O N N 140 
HIS CB   C N N 141 
HIS CG   C Y N 142 
HIS ND1  N Y N 143 
HIS CD2  C Y N 144 
HIS CE1  C Y N 145 
HIS NE2  N Y N 146 
HIS OXT  O N N 147 
HIS H    H N N 148 
HIS H2   H N N 149 
HIS HA   H N N 150 
HIS HB2  H N N 151 
HIS HB3  H N N 152 
HIS HD1  H N N 153 
HIS HD2  H N N 154 
HIS HE1  H N N 155 
HIS HE2  H N N 156 
HIS HXT  H N N 157 
ILE N    N N N 158 
ILE CA   C N S 159 
ILE C    C N N 160 
ILE O    O N N 161 
ILE CB   C N S 162 
ILE CG1  C N N 163 
ILE CG2  C N N 164 
ILE CD1  C N N 165 
ILE OXT  O N N 166 
ILE H    H N N 167 
ILE H2   H N N 168 
ILE HA   H N N 169 
ILE HB   H N N 170 
ILE HG12 H N N 171 
ILE HG13 H N N 172 
ILE HG21 H N N 173 
ILE HG22 H N N 174 
ILE HG23 H N N 175 
ILE HD11 H N N 176 
ILE HD12 H N N 177 
ILE HD13 H N N 178 
ILE HXT  H N N 179 
LEU N    N N N 180 
LEU CA   C N S 181 
LEU C    C N N 182 
LEU O    O N N 183 
LEU CB   C N N 184 
LEU CG   C N N 185 
LEU CD1  C N N 186 
LEU CD2  C N N 187 
LEU OXT  O N N 188 
LEU H    H N N 189 
LEU H2   H N N 190 
LEU HA   H N N 191 
LEU HB2  H N N 192 
LEU HB3  H N N 193 
LEU HG   H N N 194 
LEU HD11 H N N 195 
LEU HD12 H N N 196 
LEU HD13 H N N 197 
LEU HD21 H N N 198 
LEU HD22 H N N 199 
LEU HD23 H N N 200 
LEU HXT  H N N 201 
LYS N    N N N 202 
LYS CA   C N S 203 
LYS C    C N N 204 
LYS O    O N N 205 
LYS CB   C N N 206 
LYS CG   C N N 207 
LYS CD   C N N 208 
LYS CE   C N N 209 
LYS NZ   N N N 210 
LYS OXT  O N N 211 
LYS H    H N N 212 
LYS H2   H N N 213 
LYS HA   H N N 214 
LYS HB2  H N N 215 
LYS HB3  H N N 216 
LYS HG2  H N N 217 
LYS HG3  H N N 218 
LYS HD2  H N N 219 
LYS HD3  H N N 220 
LYS HE2  H N N 221 
LYS HE3  H N N 222 
LYS HZ1  H N N 223 
LYS HZ2  H N N 224 
LYS HZ3  H N N 225 
LYS HXT  H N N 226 
MET N    N N N 227 
MET CA   C N S 228 
MET C    C N N 229 
MET O    O N N 230 
MET CB   C N N 231 
MET CG   C N N 232 
MET SD   S N N 233 
MET CE   C N N 234 
MET OXT  O N N 235 
MET H    H N N 236 
MET H2   H N N 237 
MET HA   H N N 238 
MET HB2  H N N 239 
MET HB3  H N N 240 
MET HG2  H N N 241 
MET HG3  H N N 242 
MET HE1  H N N 243 
MET HE2  H N N 244 
MET HE3  H N N 245 
MET HXT  H N N 246 
PHE N    N N N 247 
PHE CA   C N S 248 
PHE C    C N N 249 
PHE O    O N N 250 
PHE CB   C N N 251 
PHE CG   C Y N 252 
PHE CD1  C Y N 253 
PHE CD2  C Y N 254 
PHE CE1  C Y N 255 
PHE CE2  C Y N 256 
PHE CZ   C Y N 257 
PHE OXT  O N N 258 
PHE H    H N N 259 
PHE H2   H N N 260 
PHE HA   H N N 261 
PHE HB2  H N N 262 
PHE HB3  H N N 263 
PHE HD1  H N N 264 
PHE HD2  H N N 265 
PHE HE1  H N N 266 
PHE HE2  H N N 267 
PHE HZ   H N N 268 
PHE HXT  H N N 269 
PRO N    N N N 270 
PRO CA   C N S 271 
PRO C    C N N 272 
PRO O    O N N 273 
PRO CB   C N N 274 
PRO CG   C N N 275 
PRO CD   C N N 276 
PRO OXT  O N N 277 
PRO H    H N N 278 
PRO HA   H N N 279 
PRO HB2  H N N 280 
PRO HB3  H N N 281 
PRO HG2  H N N 282 
PRO HG3  H N N 283 
PRO HD2  H N N 284 
PRO HD3  H N N 285 
PRO HXT  H N N 286 
SER N    N N N 287 
SER CA   C N S 288 
SER C    C N N 289 
SER O    O N N 290 
SER CB   C N N 291 
SER OG   O N N 292 
SER OXT  O N N 293 
SER H    H N N 294 
SER H2   H N N 295 
SER HA   H N N 296 
SER HB2  H N N 297 
SER HB3  H N N 298 
SER HG   H N N 299 
SER HXT  H N N 300 
THR N    N N N 301 
THR CA   C N S 302 
THR C    C N N 303 
THR O    O N N 304 
THR CB   C N R 305 
THR OG1  O N N 306 
THR CG2  C N N 307 
THR OXT  O N N 308 
THR H    H N N 309 
THR H2   H N N 310 
THR HA   H N N 311 
THR HB   H N N 312 
THR HG1  H N N 313 
THR HG21 H N N 314 
THR HG22 H N N 315 
THR HG23 H N N 316 
THR HXT  H N N 317 
TRP N    N N N 318 
TRP CA   C N S 319 
TRP C    C N N 320 
TRP O    O N N 321 
TRP CB   C N N 322 
TRP CG   C Y N 323 
TRP CD1  C Y N 324 
TRP CD2  C Y N 325 
TRP NE1  N Y N 326 
TRP CE2  C Y N 327 
TRP CE3  C Y N 328 
TRP CZ2  C Y N 329 
TRP CZ3  C Y N 330 
TRP CH2  C Y N 331 
TRP OXT  O N N 332 
TRP H    H N N 333 
TRP H2   H N N 334 
TRP HA   H N N 335 
TRP HB2  H N N 336 
TRP HB3  H N N 337 
TRP HD1  H N N 338 
TRP HE1  H N N 339 
TRP HE3  H N N 340 
TRP HZ2  H N N 341 
TRP HZ3  H N N 342 
TRP HH2  H N N 343 
TRP HXT  H N N 344 
TYR N    N N N 345 
TYR CA   C N S 346 
TYR C    C N N 347 
TYR O    O N N 348 
TYR CB   C N N 349 
TYR CG   C Y N 350 
TYR CD1  C Y N 351 
TYR CD2  C Y N 352 
TYR CE1  C Y N 353 
TYR CE2  C Y N 354 
TYR CZ   C Y N 355 
TYR OH   O N N 356 
TYR OXT  O N N 357 
TYR H    H N N 358 
TYR H2   H N N 359 
TYR HA   H N N 360 
TYR HB2  H N N 361 
TYR HB3  H N N 362 
TYR HD1  H N N 363 
TYR HD2  H N N 364 
TYR HE1  H N N 365 
TYR HE2  H N N 366 
TYR HH   H N N 367 
TYR HXT  H N N 368 
VAL N    N N N 369 
VAL CA   C N S 370 
VAL C    C N N 371 
VAL O    O N N 372 
VAL CB   C N N 373 
VAL CG1  C N N 374 
VAL CG2  C N N 375 
VAL OXT  O N N 376 
VAL H    H N N 377 
VAL H2   H N N 378 
VAL HA   H N N 379 
VAL HB   H N N 380 
VAL HG11 H N N 381 
VAL HG12 H N N 382 
VAL HG13 H N N 383 
VAL HG21 H N N 384 
VAL HG22 H N N 385 
VAL HG23 H N N 386 
VAL HXT  H N N 387 
# 
loop_
_chem_comp_bond.comp_id 
_chem_comp_bond.atom_id_1 
_chem_comp_bond.atom_id_2 
_chem_comp_bond.value_order 
_chem_comp_bond.pdbx_aromatic_flag 
_chem_comp_bond.pdbx_stereo_config 
_chem_comp_bond.pdbx_ordinal 
ALA N   CA   sing N N 1   
ALA N   H    sing N N 2   
ALA N   H2   sing N N 3   
ALA CA  C    sing N N 4   
ALA CA  CB   sing N N 5   
ALA CA  HA   sing N N 6   
ALA C   O    doub N N 7   
ALA C   OXT  sing N N 8   
ALA CB  HB1  sing N N 9   
ALA CB  HB2  sing N N 10  
ALA CB  HB3  sing N N 11  
ALA OXT HXT  sing N N 12  
ARG N   CA   sing N N 13  
ARG N   H    sing N N 14  
ARG N   H2   sing N N 15  
ARG CA  C    sing N N 16  
ARG CA  CB   sing N N 17  
ARG CA  HA   sing N N 18  
ARG C   O    doub N N 19  
ARG C   OXT  sing N N 20  
ARG CB  CG   sing N N 21  
ARG CB  HB2  sing N N 22  
ARG CB  HB3  sing N N 23  
ARG CG  CD   sing N N 24  
ARG CG  HG2  sing N N 25  
ARG CG  HG3  sing N N 26  
ARG CD  NE   sing N N 27  
ARG CD  HD2  sing N N 28  
ARG CD  HD3  sing N N 29  
ARG NE  CZ   sing N N 30  
ARG NE  HE   sing N N 31  
ARG CZ  NH1  sing N N 32  
ARG CZ  NH2  doub N N 33  
ARG NH1 HH11 sing N N 34  
ARG NH1 HH12 sing N N 35  
ARG NH2 HH21 sing N N 36  
ARG NH2 HH22 sing N N 37  
ARG OXT HXT  sing N N 38  
ASN N   CA   sing N N 39  
ASN N   H    sing N N 40  
ASN N   H2   sing N N 41  
ASN CA  C    sing N N 42  
ASN CA  CB   sing N N 43  
ASN CA  HA   sing N N 44  
ASN C   O    doub N N 45  
ASN C   OXT  sing N N 46  
ASN CB  CG   sing N N 47  
ASN CB  HB2  sing N N 48  
ASN CB  HB3  sing N N 49  
ASN CG  OD1  doub N N 50  
ASN CG  ND2  sing N N 51  
ASN ND2 HD21 sing N N 52  
ASN ND2 HD22 sing N N 53  
ASN OXT HXT  sing N N 54  
ASP N   CA   sing N N 55  
ASP N   H    sing N N 56  
ASP N   H2   sing N N 57  
ASP CA  C    sing N N 58  
ASP CA  CB   sing N N 59  
ASP CA  HA   sing N N 60  
ASP C   O    doub N N 61  
ASP C   OXT  sing N N 62  
ASP CB  CG   sing N N 63  
ASP CB  HB2  sing N N 64  
ASP CB  HB3  sing N N 65  
ASP CG  OD1  doub N N 66  
ASP CG  OD2  sing N N 67  
ASP OD2 HD2  sing N N 68  
ASP OXT HXT  sing N N 69  
CYS N   CA   sing N N 70  
CYS N   H    sing N N 71  
CYS N   H2   sing N N 72  
CYS CA  C    sing N N 73  
CYS CA  CB   sing N N 74  
CYS CA  HA   sing N N 75  
CYS C   O    doub N N 76  
CYS C   OXT  sing N N 77  
CYS CB  SG   sing N N 78  
CYS CB  HB2  sing N N 79  
CYS CB  HB3  sing N N 80  
CYS SG  HG   sing N N 81  
CYS OXT HXT  sing N N 82  
GLN N   CA   sing N N 83  
GLN N   H    sing N N 84  
GLN N   H2   sing N N 85  
GLN CA  C    sing N N 86  
GLN CA  CB   sing N N 87  
GLN CA  HA   sing N N 88  
GLN C   O    doub N N 89  
GLN C   OXT  sing N N 90  
GLN CB  CG   sing N N 91  
GLN CB  HB2  sing N N 92  
GLN CB  HB3  sing N N 93  
GLN CG  CD   sing N N 94  
GLN CG  HG2  sing N N 95  
GLN CG  HG3  sing N N 96  
GLN CD  OE1  doub N N 97  
GLN CD  NE2  sing N N 98  
GLN NE2 HE21 sing N N 99  
GLN NE2 HE22 sing N N 100 
GLN OXT HXT  sing N N 101 
GLU N   CA   sing N N 102 
GLU N   H    sing N N 103 
GLU N   H2   sing N N 104 
GLU CA  C    sing N N 105 
GLU CA  CB   sing N N 106 
GLU CA  HA   sing N N 107 
GLU C   O    doub N N 108 
GLU C   OXT  sing N N 109 
GLU CB  CG   sing N N 110 
GLU CB  HB2  sing N N 111 
GLU CB  HB3  sing N N 112 
GLU CG  CD   sing N N 113 
GLU CG  HG2  sing N N 114 
GLU CG  HG3  sing N N 115 
GLU CD  OE1  doub N N 116 
GLU CD  OE2  sing N N 117 
GLU OE2 HE2  sing N N 118 
GLU OXT HXT  sing N N 119 
GLY N   CA   sing N N 120 
GLY N   H    sing N N 121 
GLY N   H2   sing N N 122 
GLY CA  C    sing N N 123 
GLY CA  HA2  sing N N 124 
GLY CA  HA3  sing N N 125 
GLY C   O    doub N N 126 
GLY C   OXT  sing N N 127 
GLY OXT HXT  sing N N 128 
HIS N   CA   sing N N 129 
HIS N   H    sing N N 130 
HIS N   H2   sing N N 131 
HIS CA  C    sing N N 132 
HIS CA  CB   sing N N 133 
HIS CA  HA   sing N N 134 
HIS C   O    doub N N 135 
HIS C   OXT  sing N N 136 
HIS CB  CG   sing N N 137 
HIS CB  HB2  sing N N 138 
HIS CB  HB3  sing N N 139 
HIS CG  ND1  sing Y N 140 
HIS CG  CD2  doub Y N 141 
HIS ND1 CE1  doub Y N 142 
HIS ND1 HD1  sing N N 143 
HIS CD2 NE2  sing Y N 144 
HIS CD2 HD2  sing N N 145 
HIS CE1 NE2  sing Y N 146 
HIS CE1 HE1  sing N N 147 
HIS NE2 HE2  sing N N 148 
HIS OXT HXT  sing N N 149 
ILE N   CA   sing N N 150 
ILE N   H    sing N N 151 
ILE N   H2   sing N N 152 
ILE CA  C    sing N N 153 
ILE CA  CB   sing N N 154 
ILE CA  HA   sing N N 155 
ILE C   O    doub N N 156 
ILE C   OXT  sing N N 157 
ILE CB  CG1  sing N N 158 
ILE CB  CG2  sing N N 159 
ILE CB  HB   sing N N 160 
ILE CG1 CD1  sing N N 161 
ILE CG1 HG12 sing N N 162 
ILE CG1 HG13 sing N N 163 
ILE CG2 HG21 sing N N 164 
ILE CG2 HG22 sing N N 165 
ILE CG2 HG23 sing N N 166 
ILE CD1 HD11 sing N N 167 
ILE CD1 HD12 sing N N 168 
ILE CD1 HD13 sing N N 169 
ILE OXT HXT  sing N N 170 
LEU N   CA   sing N N 171 
LEU N   H    sing N N 172 
LEU N   H2   sing N N 173 
LEU CA  C    sing N N 174 
LEU CA  CB   sing N N 175 
LEU CA  HA   sing N N 176 
LEU C   O    doub N N 177 
LEU C   OXT  sing N N 178 
LEU CB  CG   sing N N 179 
LEU CB  HB2  sing N N 180 
LEU CB  HB3  sing N N 181 
LEU CG  CD1  sing N N 182 
LEU CG  CD2  sing N N 183 
LEU CG  HG   sing N N 184 
LEU CD1 HD11 sing N N 185 
LEU CD1 HD12 sing N N 186 
LEU CD1 HD13 sing N N 187 
LEU CD2 HD21 sing N N 188 
LEU CD2 HD22 sing N N 189 
LEU CD2 HD23 sing N N 190 
LEU OXT HXT  sing N N 191 
LYS N   CA   sing N N 192 
LYS N   H    sing N N 193 
LYS N   H2   sing N N 194 
LYS CA  C    sing N N 195 
LYS CA  CB   sing N N 196 
LYS CA  HA   sing N N 197 
LYS C   O    doub N N 198 
LYS C   OXT  sing N N 199 
LYS CB  CG   sing N N 200 
LYS CB  HB2  sing N N 201 
LYS CB  HB3  sing N N 202 
LYS CG  CD   sing N N 203 
LYS CG  HG2  sing N N 204 
LYS CG  HG3  sing N N 205 
LYS CD  CE   sing N N 206 
LYS CD  HD2  sing N N 207 
LYS CD  HD3  sing N N 208 
LYS CE  NZ   sing N N 209 
LYS CE  HE2  sing N N 210 
LYS CE  HE3  sing N N 211 
LYS NZ  HZ1  sing N N 212 
LYS NZ  HZ2  sing N N 213 
LYS NZ  HZ3  sing N N 214 
LYS OXT HXT  sing N N 215 
MET N   CA   sing N N 216 
MET N   H    sing N N 217 
MET N   H2   sing N N 218 
MET CA  C    sing N N 219 
MET CA  CB   sing N N 220 
MET CA  HA   sing N N 221 
MET C   O    doub N N 222 
MET C   OXT  sing N N 223 
MET CB  CG   sing N N 224 
MET CB  HB2  sing N N 225 
MET CB  HB3  sing N N 226 
MET CG  SD   sing N N 227 
MET CG  HG2  sing N N 228 
MET CG  HG3  sing N N 229 
MET SD  CE   sing N N 230 
MET CE  HE1  sing N N 231 
MET CE  HE2  sing N N 232 
MET CE  HE3  sing N N 233 
MET OXT HXT  sing N N 234 
PHE N   CA   sing N N 235 
PHE N   H    sing N N 236 
PHE N   H2   sing N N 237 
PHE CA  C    sing N N 238 
PHE CA  CB   sing N N 239 
PHE CA  HA   sing N N 240 
PHE C   O    doub N N 241 
PHE C   OXT  sing N N 242 
PHE CB  CG   sing N N 243 
PHE CB  HB2  sing N N 244 
PHE CB  HB3  sing N N 245 
PHE CG  CD1  doub Y N 246 
PHE CG  CD2  sing Y N 247 
PHE CD1 CE1  sing Y N 248 
PHE CD1 HD1  sing N N 249 
PHE CD2 CE2  doub Y N 250 
PHE CD2 HD2  sing N N 251 
PHE CE1 CZ   doub Y N 252 
PHE CE1 HE1  sing N N 253 
PHE CE2 CZ   sing Y N 254 
PHE CE2 HE2  sing N N 255 
PHE CZ  HZ   sing N N 256 
PHE OXT HXT  sing N N 257 
PRO N   CA   sing N N 258 
PRO N   CD   sing N N 259 
PRO N   H    sing N N 260 
PRO CA  C    sing N N 261 
PRO CA  CB   sing N N 262 
PRO CA  HA   sing N N 263 
PRO C   O    doub N N 264 
PRO C   OXT  sing N N 265 
PRO CB  CG   sing N N 266 
PRO CB  HB2  sing N N 267 
PRO CB  HB3  sing N N 268 
PRO CG  CD   sing N N 269 
PRO CG  HG2  sing N N 270 
PRO CG  HG3  sing N N 271 
PRO CD  HD2  sing N N 272 
PRO CD  HD3  sing N N 273 
PRO OXT HXT  sing N N 274 
SER N   CA   sing N N 275 
SER N   H    sing N N 276 
SER N   H2   sing N N 277 
SER CA  C    sing N N 278 
SER CA  CB   sing N N 279 
SER CA  HA   sing N N 280 
SER C   O    doub N N 281 
SER C   OXT  sing N N 282 
SER CB  OG   sing N N 283 
SER CB  HB2  sing N N 284 
SER CB  HB3  sing N N 285 
SER OG  HG   sing N N 286 
SER OXT HXT  sing N N 287 
THR N   CA   sing N N 288 
THR N   H    sing N N 289 
THR N   H2   sing N N 290 
THR CA  C    sing N N 291 
THR CA  CB   sing N N 292 
THR CA  HA   sing N N 293 
THR C   O    doub N N 294 
THR C   OXT  sing N N 295 
THR CB  OG1  sing N N 296 
THR CB  CG2  sing N N 297 
THR CB  HB   sing N N 298 
THR OG1 HG1  sing N N 299 
THR CG2 HG21 sing N N 300 
THR CG2 HG22 sing N N 301 
THR CG2 HG23 sing N N 302 
THR OXT HXT  sing N N 303 
TRP N   CA   sing N N 304 
TRP N   H    sing N N 305 
TRP N   H2   sing N N 306 
TRP CA  C    sing N N 307 
TRP CA  CB   sing N N 308 
TRP CA  HA   sing N N 309 
TRP C   O    doub N N 310 
TRP C   OXT  sing N N 311 
TRP CB  CG   sing N N 312 
TRP CB  HB2  sing N N 313 
TRP CB  HB3  sing N N 314 
TRP CG  CD1  doub Y N 315 
TRP CG  CD2  sing Y N 316 
TRP CD1 NE1  sing Y N 317 
TRP CD1 HD1  sing N N 318 
TRP CD2 CE2  doub Y N 319 
TRP CD2 CE3  sing Y N 320 
TRP NE1 CE2  sing Y N 321 
TRP NE1 HE1  sing N N 322 
TRP CE2 CZ2  sing Y N 323 
TRP CE3 CZ3  doub Y N 324 
TRP CE3 HE3  sing N N 325 
TRP CZ2 CH2  doub Y N 326 
TRP CZ2 HZ2  sing N N 327 
TRP CZ3 CH2  sing Y N 328 
TRP CZ3 HZ3  sing N N 329 
TRP CH2 HH2  sing N N 330 
TRP OXT HXT  sing N N 331 
TYR N   CA   sing N N 332 
TYR N   H    sing N N 333 
TYR N   H2   sing N N 334 
TYR CA  C    sing N N 335 
TYR CA  CB   sing N N 336 
TYR CA  HA   sing N N 337 
TYR C   O    doub N N 338 
TYR C   OXT  sing N N 339 
TYR CB  CG   sing N N 340 
TYR CB  HB2  sing N N 341 
TYR CB  HB3  sing N N 342 
TYR CG  CD1  doub Y N 343 
TYR CG  CD2  sing Y N 344 
TYR CD1 CE1  sing Y N 345 
TYR CD1 HD1  sing N N 346 
TYR CD2 CE2  doub Y N 347 
TYR CD2 HD2  sing N N 348 
TYR CE1 CZ   doub Y N 349 
TYR CE1 HE1  sing N N 350 
TYR CE2 CZ   sing Y N 351 
TYR CE2 HE2  sing N N 352 
TYR CZ  OH   sing N N 353 
TYR OH  HH   sing N N 354 
TYR OXT HXT  sing N N 355 
VAL N   CA   sing N N 356 
VAL N   H    sing N N 357 
VAL N   H2   sing N N 358 
VAL CA  C    sing N N 359 
VAL CA  CB   sing N N 360 
VAL CA  HA   sing N N 361 
VAL C   O    doub N N 362 
VAL C   OXT  sing N N 363 
VAL CB  CG1  sing N N 364 
VAL CB  CG2  sing N N 365 
VAL CB  HB   sing N N 366 
VAL CG1 HG11 sing N N 367 
VAL CG1 HG12 sing N N 368 
VAL CG1 HG13 sing N N 369 
VAL CG2 HG21 sing N N 370 
VAL CG2 HG22 sing N N 371 
VAL CG2 HG23 sing N N 372 
VAL OXT HXT  sing N N 373 
# 
_atom_sites.entry_id                    1HFH 
_atom_sites.fract_transf_matrix[1][1]   1.000000 
_atom_sites.fract_transf_matrix[1][2]   0.000000 
_atom_sites.fract_transf_matrix[1][3]   0.000000 
_atom_sites.fract_transf_matrix[2][1]   0.000000 
_atom_sites.fract_transf_matrix[2][2]   1.000000 
_atom_sites.fract_transf_matrix[2][3]   0.000000 
_atom_sites.fract_transf_matrix[3][1]   0.000000 
_atom_sites.fract_transf_matrix[3][2]   0.000000 
_atom_sites.fract_transf_matrix[3][3]   1.000000 
_atom_sites.fract_transf_vector[1]      0.00000 
_atom_sites.fract_transf_vector[2]      0.00000 
_atom_sites.fract_transf_vector[3]      0.00000 
# 
loop_
_atom_type.symbol 
C 
H 
N 
O 
S 
# 
loop_
_atom_site.group_PDB 
_atom_site.id 
_atom_site.type_symbol 
_atom_site.label_atom_id 
_atom_site.label_alt_id 
_atom_site.label_comp_id 
_atom_site.label_asym_id 
_atom_site.label_entity_id 
_atom_site.label_seq_id 
_atom_site.pdbx_PDB_ins_code 
_atom_site.Cartn_x 
_atom_site.Cartn_y 
_atom_site.Cartn_z 
_atom_site.occupancy 
_atom_site.B_iso_or_equiv 
_atom_site.pdbx_formal_charge 
_atom_site.auth_seq_id 
_atom_site.auth_comp_id 
_atom_site.auth_asym_id 
_atom_site.auth_atom_id 
_atom_site.pdbx_PDB_model_num 
ATOM 1    N N    . GLU A 1 1   ? -5.339  -3.727  31.701  1.00 0.00 ? 1   GLU A N    1 
ATOM 2    C CA   . GLU A 1 1   ? -4.430  -4.799  31.224  1.00 0.00 ? 1   GLU A CA   1 
ATOM 3    C C    . GLU A 1 1   ? -4.424  -4.866  29.704  1.00 0.00 ? 1   GLU A C    1 
ATOM 4    O O    . GLU A 1 1   ? -5.324  -5.426  29.110  1.00 0.00 ? 1   GLU A O    1 
ATOM 5    C CB   . GLU A 1 1   ? -4.869  -6.178  31.799  1.00 0.00 ? 1   GLU A CB   1 
ATOM 6    C CG   . GLU A 1 1   ? -4.457  -6.258  33.290  1.00 0.00 ? 1   GLU A CG   1 
ATOM 7    C CD   . GLU A 1 1   ? -2.916  -6.274  33.494  1.00 0.00 ? 1   GLU A CD   1 
ATOM 8    O OE1  . GLU A 1 1   ? -2.181  -6.412  32.525  1.00 0.00 ? 1   GLU A OE1  1 
ATOM 9    O OE2  . GLU A 1 1   ? -2.553  -6.150  34.652  1.00 0.00 ? 1   GLU A OE2  1 
ATOM 10   H H1   . GLU A 1 1   ? -5.768  -3.247  30.885  1.00 0.00 ? 1   GLU A H1   1 
ATOM 11   H H2   . GLU A 1 1   ? -6.085  -4.144  32.290  1.00 0.00 ? 1   GLU A H2   1 
ATOM 12   H H3   . GLU A 1 1   ? -4.793  -3.042  32.260  1.00 0.00 ? 1   GLU A H3   1 
ATOM 13   H HA   . GLU A 1 1   ? -3.432  -4.550  31.550  1.00 0.00 ? 1   GLU A HA   1 
ATOM 14   H HB2  . GLU A 1 1   ? -5.943  -6.272  31.724  1.00 0.00 ? 1   GLU A HB2  1 
ATOM 15   H HB3  . GLU A 1 1   ? -4.418  -6.992  31.244  1.00 0.00 ? 1   GLU A HB3  1 
ATOM 16   H HG2  . GLU A 1 1   ? -4.871  -5.413  33.821  1.00 0.00 ? 1   GLU A HG2  1 
ATOM 17   H HG3  . GLU A 1 1   ? -4.864  -7.164  33.717  1.00 0.00 ? 1   GLU A HG3  1 
ATOM 18   N N    . LYS A 1 2   ? -3.395  -4.256  29.158  1.00 0.00 ? 2   LYS A N    1 
ATOM 19   C CA   . LYS A 1 2   ? -3.131  -4.171  27.680  1.00 0.00 ? 2   LYS A CA   1 
ATOM 20   C C    . LYS A 1 2   ? -3.848  -5.271  26.879  1.00 0.00 ? 2   LYS A C    1 
ATOM 21   O O    . LYS A 1 2   ? -3.846  -6.421  27.275  1.00 0.00 ? 2   LYS A O    1 
ATOM 22   C CB   . LYS A 1 2   ? -1.614  -4.276  27.451  1.00 0.00 ? 2   LYS A CB   1 
ATOM 23   C CG   . LYS A 1 2   ? -0.863  -3.121  28.158  1.00 0.00 ? 2   LYS A CG   1 
ATOM 24   C CD   . LYS A 1 2   ? 0.659   -3.352  28.030  1.00 0.00 ? 2   LYS A CD   1 
ATOM 25   C CE   . LYS A 1 2   ? 1.446   -2.250  28.760  1.00 0.00 ? 2   LYS A CE   1 
ATOM 26   N NZ   . LYS A 1 2   ? 1.177   -0.916  28.151  1.00 0.00 ? 2   LYS A NZ   1 
ATOM 27   H H    . LYS A 1 2   ? -2.755  -3.828  29.764  1.00 0.00 ? 2   LYS A H    1 
ATOM 28   H HA   . LYS A 1 2   ? -3.476  -3.207  27.333  1.00 0.00 ? 2   LYS A HA   1 
ATOM 29   H HB2  . LYS A 1 2   ? -1.264  -5.225  27.832  1.00 0.00 ? 2   LYS A HB2  1 
ATOM 30   H HB3  . LYS A 1 2   ? -1.420  -4.233  26.390  1.00 0.00 ? 2   LYS A HB3  1 
ATOM 31   H HG2  . LYS A 1 2   ? -1.133  -2.178  27.701  1.00 0.00 ? 2   LYS A HG2  1 
ATOM 32   H HG3  . LYS A 1 2   ? -1.128  -3.091  29.202  1.00 0.00 ? 2   LYS A HG3  1 
ATOM 33   H HD2  . LYS A 1 2   ? 0.907   -4.295  28.490  1.00 0.00 ? 2   LYS A HD2  1 
ATOM 34   H HD3  . LYS A 1 2   ? 0.952   -3.381  26.991  1.00 0.00 ? 2   LYS A HD3  1 
ATOM 35   H HE2  . LYS A 1 2   ? 1.166   -2.216  29.803  1.00 0.00 ? 2   LYS A HE2  1 
ATOM 36   H HE3  . LYS A 1 2   ? 2.505   -2.450  28.690  1.00 0.00 ? 2   LYS A HE3  1 
ATOM 37   H HZ1  . LYS A 1 2   ? 0.505   -1.022  27.363  1.00 0.00 ? 2   LYS A HZ1  1 
ATOM 38   H HZ2  . LYS A 1 2   ? 0.771   -0.283  28.870  1.00 0.00 ? 2   LYS A HZ2  1 
ATOM 39   H HZ3  . LYS A 1 2   ? 2.067   -0.512  27.796  1.00 0.00 ? 2   LYS A HZ3  1 
ATOM 40   N N    . ILE A 1 3   ? -4.421  -4.900  25.765  1.00 0.00 ? 3   ILE A N    1 
ATOM 41   C CA   . ILE A 1 3   ? -5.141  -5.914  24.940  1.00 0.00 ? 3   ILE A CA   1 
ATOM 42   C C    . ILE A 1 3   ? -4.097  -6.561  24.016  1.00 0.00 ? 3   ILE A C    1 
ATOM 43   O O    . ILE A 1 3   ? -3.242  -5.862  23.506  1.00 0.00 ? 3   ILE A O    1 
ATOM 44   C CB   . ILE A 1 3   ? -6.244  -5.220  24.088  1.00 0.00 ? 3   ILE A CB   1 
ATOM 45   C CG1  . ILE A 1 3   ? -7.257  -4.447  24.971  1.00 0.00 ? 3   ILE A CG1  1 
ATOM 46   C CG2  . ILE A 1 3   ? -7.058  -6.261  23.299  1.00 0.00 ? 3   ILE A CG2  1 
ATOM 47   C CD1  . ILE A 1 3   ? -6.754  -3.044  25.361  1.00 0.00 ? 3   ILE A CD1  1 
ATOM 48   H H    . ILE A 1 3   ? -4.377  -3.966  25.472  1.00 0.00 ? 3   ILE A H    1 
ATOM 49   H HA   . ILE A 1 3   ? -5.599  -6.648  25.586  1.00 0.00 ? 3   ILE A HA   1 
ATOM 50   H HB   . ILE A 1 3   ? -5.785  -4.548  23.385  1.00 0.00 ? 3   ILE A HB   1 
ATOM 51   H HG12 . ILE A 1 3   ? -8.185  -4.356  24.434  1.00 0.00 ? 3   ILE A HG12 1 
ATOM 52   H HG13 . ILE A 1 3   ? -7.440  -5.017  25.870  1.00 0.00 ? 3   ILE A HG13 1 
ATOM 53   H HG21 . ILE A 1 3   ? -6.414  -6.838  22.667  1.00 0.00 ? 3   ILE A HG21 1 
ATOM 54   H HG22 . ILE A 1 3   ? -7.572  -6.928  23.973  1.00 0.00 ? 3   ILE A HG22 1 
ATOM 55   H HG23 . ILE A 1 3   ? -7.788  -5.767  22.673  1.00 0.00 ? 3   ILE A HG23 1 
ATOM 56   H HD11 . ILE A 1 3   ? -6.548  -2.475  24.465  1.00 0.00 ? 3   ILE A HD11 1 
ATOM 57   H HD12 . ILE A 1 3   ? -7.525  -2.531  25.921  1.00 0.00 ? 3   ILE A HD12 1 
ATOM 58   H HD13 . ILE A 1 3   ? -5.867  -3.082  25.970  1.00 0.00 ? 3   ILE A HD13 1 
ATOM 59   N N    . PRO A 1 4   ? -4.171  -7.858  23.813  1.00 0.00 ? 4   PRO A N    1 
ATOM 60   C CA   . PRO A 1 4   ? -3.344  -8.543  22.786  1.00 0.00 ? 4   PRO A CA   1 
ATOM 61   C C    . PRO A 1 4   ? -3.813  -8.081  21.411  1.00 0.00 ? 4   PRO A C    1 
ATOM 62   O O    . PRO A 1 4   ? -4.887  -7.534  21.269  1.00 0.00 ? 4   PRO A O    1 
ATOM 63   C CB   . PRO A 1 4   ? -3.581  -10.024 23.020  1.00 0.00 ? 4   PRO A CB   1 
ATOM 64   C CG   . PRO A 1 4   ? -5.026  -10.031 23.558  1.00 0.00 ? 4   PRO A CG   1 
ATOM 65   C CD   . PRO A 1 4   ? -5.048  -8.830  24.528  1.00 0.00 ? 4   PRO A CD   1 
ATOM 66   H HA   . PRO A 1 4   ? -2.303  -8.277  22.926  1.00 0.00 ? 4   PRO A HA   1 
ATOM 67   H HB2  . PRO A 1 4   ? -3.555  -10.578 22.094  1.00 0.00 ? 4   PRO A HB2  1 
ATOM 68   H HB3  . PRO A 1 4   ? -2.870  -10.440 23.715  1.00 0.00 ? 4   PRO A HB3  1 
ATOM 69   H HG2  . PRO A 1 4   ? -5.723  -9.898  22.742  1.00 0.00 ? 4   PRO A HG2  1 
ATOM 70   H HG3  . PRO A 1 4   ? -5.225  -10.962 24.067  1.00 0.00 ? 4   PRO A HG3  1 
ATOM 71   H HD2  . PRO A 1 4   ? -6.051  -8.446  24.622  1.00 0.00 ? 4   PRO A HD2  1 
ATOM 72   H HD3  . PRO A 1 4   ? -4.631  -9.054  25.499  1.00 0.00 ? 4   PRO A HD3  1 
ATOM 73   N N    . CYS A 1 5   ? -3.000  -8.329  20.430  1.00 0.00 ? 5   CYS A N    1 
ATOM 74   C CA   . CYS A 1 5   ? -3.358  -7.918  19.048  1.00 0.00 ? 5   CYS A CA   1 
ATOM 75   C C    . CYS A 1 5   ? -3.862  -9.140  18.284  1.00 0.00 ? 5   CYS A C    1 
ATOM 76   O O    . CYS A 1 5   ? -3.850  -10.242 18.791  1.00 0.00 ? 5   CYS A O    1 
ATOM 77   C CB   . CYS A 1 5   ? -2.112  -7.342  18.383  1.00 0.00 ? 5   CYS A CB   1 
ATOM 78   S SG   . CYS A 1 5   ? -1.713  -5.607  18.705  1.00 0.00 ? 5   CYS A SG   1 
ATOM 79   H H    . CYS A 1 5   ? -2.158  -8.792  20.605  1.00 0.00 ? 5   CYS A H    1 
ATOM 80   H HA   . CYS A 1 5   ? -4.141  -7.166  19.084  1.00 0.00 ? 5   CYS A HA   1 
ATOM 81   H HB2  . CYS A 1 5   ? -1.263  -7.928  18.700  1.00 0.00 ? 5   CYS A HB2  1 
ATOM 82   H HB3  . CYS A 1 5   ? -2.213  -7.482  17.328  1.00 0.00 ? 5   CYS A HB3  1 
ATOM 83   N N    . SER A 1 6   ? -4.281  -8.880  17.078  1.00 0.00 ? 6   SER A N    1 
ATOM 84   C CA   . SER A 1 6   ? -4.817  -9.923  16.161  1.00 0.00 ? 6   SER A CA   1 
ATOM 85   C C    . SER A 1 6   ? -3.901  -9.931  14.943  1.00 0.00 ? 6   SER A C    1 
ATOM 86   O O    . SER A 1 6   ? -2.854  -9.311  14.991  1.00 0.00 ? 6   SER A O    1 
ATOM 87   C CB   . SER A 1 6   ? -6.252  -9.531  15.783  1.00 0.00 ? 6   SER A CB   1 
ATOM 88   O OG   . SER A 1 6   ? -6.168  -8.213  15.249  1.00 0.00 ? 6   SER A OG   1 
ATOM 89   H H    . SER A 1 6   ? -4.238  -7.962  16.743  1.00 0.00 ? 6   SER A H    1 
ATOM 90   H HA   . SER A 1 6   ? -4.797  -10.892 16.639  1.00 0.00 ? 6   SER A HA   1 
ATOM 91   H HB2  . SER A 1 6   ? -6.642  -10.188 15.028  1.00 0.00 ? 6   SER A HB2  1 
ATOM 92   H HB3  . SER A 1 6   ? -6.900  -9.536  16.645  1.00 0.00 ? 6   SER A HB3  1 
ATOM 93   H HG   . SER A 1 6   ? -5.254  -7.917  15.271  1.00 0.00 ? 6   SER A HG   1 
ATOM 94   N N    . GLN A 1 7   ? -4.315  -10.631 13.913  1.00 0.00 ? 7   GLN A N    1 
ATOM 95   C CA   . GLN A 1 7   ? -3.519  -10.719 12.645  1.00 0.00 ? 7   GLN A CA   1 
ATOM 96   C C    . GLN A 1 7   ? -2.785  -9.389  12.397  1.00 0.00 ? 7   GLN A C    1 
ATOM 97   O O    . GLN A 1 7   ? -3.465  -8.416  12.131  1.00 0.00 ? 7   GLN A O    1 
ATOM 98   C CB   . GLN A 1 7   ? -4.454  -10.997 11.447  1.00 0.00 ? 7   GLN A CB   1 
ATOM 99   C CG   . GLN A 1 7   ? -5.018  -12.423 11.502  1.00 0.00 ? 7   GLN A CG   1 
ATOM 100  C CD   . GLN A 1 7   ? -3.881  -13.409 11.218  1.00 0.00 ? 7   GLN A CD   1 
ATOM 101  O OE1  . GLN A 1 7   ? -3.357  -13.486 10.125  1.00 0.00 ? 7   GLN A OE1  1 
ATOM 102  N NE2  . GLN A 1 7   ? -3.471  -14.177 12.183  1.00 0.00 ? 7   GLN A NE2  1 
ATOM 103  H H    . GLN A 1 7   ? -5.169  -11.107 13.978  1.00 0.00 ? 7   GLN A H    1 
ATOM 104  H HA   . GLN A 1 7   ? -2.816  -11.526 12.762  1.00 0.00 ? 7   GLN A HA   1 
ATOM 105  H HB2  . GLN A 1 7   ? -5.272  -10.290 11.444  1.00 0.00 ? 7   GLN A HB2  1 
ATOM 106  H HB3  . GLN A 1 7   ? -3.892  -10.869 10.531  1.00 0.00 ? 7   GLN A HB3  1 
ATOM 107  H HG2  . GLN A 1 7   ? -5.440  -12.632 12.474  1.00 0.00 ? 7   GLN A HG2  1 
ATOM 108  H HG3  . GLN A 1 7   ? -5.786  -12.550 10.752  1.00 0.00 ? 7   GLN A HG3  1 
ATOM 109  H HE21 . GLN A 1 7   ? -3.896  -14.105 13.062  1.00 0.00 ? 7   GLN A HE21 1 
ATOM 110  H HE22 . GLN A 1 7   ? -2.744  -14.818 12.033  1.00 0.00 ? 7   GLN A HE22 1 
ATOM 111  N N    . PRO A 1 8   ? -1.472  -9.337  12.486  1.00 0.00 ? 8   PRO A N    1 
ATOM 112  C CA   . PRO A 1 8   ? -0.706  -8.083  12.277  1.00 0.00 ? 8   PRO A CA   1 
ATOM 113  C C    . PRO A 1 8   ? -1.159  -7.337  11.033  1.00 0.00 ? 8   PRO A C    1 
ATOM 114  O O    . PRO A 1 8   ? -1.808  -7.901  10.173  1.00 0.00 ? 8   PRO A O    1 
ATOM 115  C CB   . PRO A 1 8   ? 0.745   -8.535  12.207  1.00 0.00 ? 8   PRO A CB   1 
ATOM 116  C CG   . PRO A 1 8   ? 0.635   -10.048 11.902  1.00 0.00 ? 8   PRO A CG   1 
ATOM 117  C CD   . PRO A 1 8   ? -0.536  -10.453 12.766  1.00 0.00 ? 8   PRO A CD   1 
ATOM 118  H HA   . PRO A 1 8   ? -0.855  -7.431  13.124  1.00 0.00 ? 8   PRO A HA   1 
ATOM 119  H HB2  . PRO A 1 8   ? 1.227   -8.049  11.376  1.00 0.00 ? 8   PRO A HB2  1 
ATOM 120  H HB3  . PRO A 1 8   ? 1.280   -8.343  13.127  1.00 0.00 ? 8   PRO A HB3  1 
ATOM 121  H HG2  . PRO A 1 8   ? 0.431   -10.231 10.855  1.00 0.00 ? 8   PRO A HG2  1 
ATOM 122  H HG3  . PRO A 1 8   ? 1.525   -10.568 12.211  1.00 0.00 ? 8   PRO A HG3  1 
ATOM 123  H HD2  . PRO A 1 8   ? -0.929  -11.406 12.462  1.00 0.00 ? 8   PRO A HD2  1 
ATOM 124  H HD3  . PRO A 1 8   ? -0.267  -10.441 13.808  1.00 0.00 ? 8   PRO A HD3  1 
ATOM 125  N N    . PRO A 1 9   ? -0.798  -6.087  10.950  1.00 0.00 ? 9   PRO A N    1 
ATOM 126  C CA   . PRO A 1 9   ? -1.362  -5.193  9.923   1.00 0.00 ? 9   PRO A CA   1 
ATOM 127  C C    . PRO A 1 9   ? -0.713  -5.606  8.610   1.00 0.00 ? 9   PRO A C    1 
ATOM 128  O O    . PRO A 1 9   ? -0.023  -6.603  8.529   1.00 0.00 ? 9   PRO A O    1 
ATOM 129  C CB   . PRO A 1 9   ? -0.992  -3.791  10.434  1.00 0.00 ? 9   PRO A CB   1 
ATOM 130  C CG   . PRO A 1 9   ? 0.372   -4.026  11.149  1.00 0.00 ? 9   PRO A CG   1 
ATOM 131  C CD   . PRO A 1 9   ? 0.200   -5.401  11.826  1.00 0.00 ? 9   PRO A CD   1 
ATOM 132  H HA   . PRO A 1 9   ? -2.434  -5.313  9.840   1.00 0.00 ? 9   PRO A HA   1 
ATOM 133  H HB2  . PRO A 1 9   ? -0.856  -3.101  9.616   1.00 0.00 ? 9   PRO A HB2  1 
ATOM 134  H HB3  . PRO A 1 9   ? -1.735  -3.407  11.124  1.00 0.00 ? 9   PRO A HB3  1 
ATOM 135  H HG2  . PRO A 1 9   ? 1.196   -4.025  10.451  1.00 0.00 ? 9   PRO A HG2  1 
ATOM 136  H HG3  . PRO A 1 9   ? 0.534   -3.269  11.901  1.00 0.00 ? 9   PRO A HG3  1 
ATOM 137  H HD2  . PRO A 1 9   ? 1.132   -5.940  11.856  1.00 0.00 ? 9   PRO A HD2  1 
ATOM 138  H HD3  . PRO A 1 9   ? -0.176  -5.344  12.816  1.00 0.00 ? 9   PRO A HD3  1 
ATOM 139  N N    . GLN A 1 10  ? -0.971  -4.848  7.600   1.00 0.00 ? 10  GLN A N    1 
ATOM 140  C CA   . GLN A 1 10  ? -0.362  -5.178  6.290   1.00 0.00 ? 10  GLN A CA   1 
ATOM 141  C C    . GLN A 1 10  ? 0.292   -3.875  5.891   1.00 0.00 ? 10  GLN A C    1 
ATOM 142  O O    . GLN A 1 10  ? -0.155  -2.799  6.244   1.00 0.00 ? 10  GLN A O    1 
ATOM 143  C CB   . GLN A 1 10  ? -1.436  -5.587  5.247   1.00 0.00 ? 10  GLN A CB   1 
ATOM 144  C CG   . GLN A 1 10  ? -2.259  -6.822  5.737   1.00 0.00 ? 10  GLN A CG   1 
ATOM 145  C CD   . GLN A 1 10  ? -3.270  -6.467  6.844   1.00 0.00 ? 10  GLN A CD   1 
ATOM 146  O OE1  . GLN A 1 10  ? -3.616  -7.289  7.668   1.00 0.00 ? 10  GLN A OE1  1 
ATOM 147  N NE2  . GLN A 1 10  ? -3.775  -5.265  6.898   1.00 0.00 ? 10  GLN A NE2  1 
ATOM 148  H H    . GLN A 1 10  ? -1.561  -4.074  7.706   1.00 0.00 ? 10  GLN A H    1 
ATOM 149  H HA   . GLN A 1 10  ? 0.408   -5.932  6.386   1.00 0.00 ? 10  GLN A HA   1 
ATOM 150  H HB2  . GLN A 1 10  ? -2.059  -4.737  5.024   1.00 0.00 ? 10  GLN A HB2  1 
ATOM 151  H HB3  . GLN A 1 10  ? -0.937  -5.873  4.335   1.00 0.00 ? 10  GLN A HB3  1 
ATOM 152  H HG2  . GLN A 1 10  ? -2.811  -7.235  4.902   1.00 0.00 ? 10  GLN A HG2  1 
ATOM 153  H HG3  . GLN A 1 10  ? -1.596  -7.587  6.113   1.00 0.00 ? 10  GLN A HG3  1 
ATOM 154  H HE21 . GLN A 1 10  ? -3.513  -4.593  6.236   1.00 0.00 ? 10  GLN A HE21 1 
ATOM 155  H HE22 . GLN A 1 10  ? -4.419  -5.035  7.600   1.00 0.00 ? 10  GLN A HE22 1 
ATOM 156  N N    . ILE A 1 11  ? 1.342   -4.027  5.146   1.00 0.00 ? 11  ILE A N    1 
ATOM 157  C CA   . ILE A 1 11  ? 2.092   -2.835  4.670   1.00 0.00 ? 11  ILE A CA   1 
ATOM 158  C C    . ILE A 1 11  ? 1.355   -2.643  3.347   1.00 0.00 ? 11  ILE A C    1 
ATOM 159  O O    . ILE A 1 11  ? 0.839   -3.611  2.825   1.00 0.00 ? 11  ILE A O    1 
ATOM 160  C CB   . ILE A 1 11  ? 3.595   -3.198  4.442   1.00 0.00 ? 11  ILE A CB   1 
ATOM 161  C CG1  . ILE A 1 11  ? 4.101   -4.085  5.610   1.00 0.00 ? 11  ILE A CG1  1 
ATOM 162  C CG2  . ILE A 1 11  ? 4.443   -1.883  4.470   1.00 0.00 ? 11  ILE A CG2  1 
ATOM 163  C CD1  . ILE A 1 11  ? 5.538   -4.543  5.326   1.00 0.00 ? 11  ILE A CD1  1 
ATOM 164  H H    . ILE A 1 11  ? 1.627   -4.929  4.897   1.00 0.00 ? 11  ILE A H    1 
ATOM 165  H HA   . ILE A 1 11  ? 1.930   -1.984  5.313   1.00 0.00 ? 11  ILE A HA   1 
ATOM 166  H HB   . ILE A 1 11  ? 3.719   -3.707  3.497   1.00 0.00 ? 11  ILE A HB   1 
ATOM 167  H HG12 . ILE A 1 11  ? 4.066   -3.539  6.523   1.00 0.00 ? 11  ILE A HG12 1 
ATOM 168  H HG13 . ILE A 1 11  ? 3.463   -4.945  5.745   1.00 0.00 ? 11  ILE A HG13 1 
ATOM 169  H HG21 . ILE A 1 11  ? 4.115   -1.196  3.711   1.00 0.00 ? 11  ILE A HG21 1 
ATOM 170  H HG22 . ILE A 1 11  ? 4.352   -1.405  5.434   1.00 0.00 ? 11  ILE A HG22 1 
ATOM 171  H HG23 . ILE A 1 11  ? 5.494   -2.081  4.303   1.00 0.00 ? 11  ILE A HG23 1 
ATOM 172  H HD11 . ILE A 1 11  ? 6.203   -3.718  5.128   1.00 0.00 ? 11  ILE A HD11 1 
ATOM 173  H HD12 . ILE A 1 11  ? 5.934   -5.076  6.165   1.00 0.00 ? 11  ILE A HD12 1 
ATOM 174  H HD13 . ILE A 1 11  ? 5.518   -5.202  4.476   1.00 0.00 ? 11  ILE A HD13 1 
ATOM 175  N N    . GLU A 1 12  ? 1.295   -1.434  2.850   1.00 0.00 ? 12  GLU A N    1 
ATOM 176  C CA   . GLU A 1 12  ? 0.592   -1.149  1.546   1.00 0.00 ? 12  GLU A CA   1 
ATOM 177  C C    . GLU A 1 12  ? 0.461   -2.374  0.612   1.00 0.00 ? 12  GLU A C    1 
ATOM 178  O O    . GLU A 1 12  ? -0.581  -2.662  0.055   1.00 0.00 ? 12  GLU A O    1 
ATOM 179  C CB   . GLU A 1 12  ? 1.338   0.007   0.799   1.00 0.00 ? 12  GLU A CB   1 
ATOM 180  C CG   . GLU A 1 12  ? 2.764   0.295   1.373   1.00 0.00 ? 12  GLU A CG   1 
ATOM 181  C CD   . GLU A 1 12  ? 2.773   1.112   2.691   1.00 0.00 ? 12  GLU A CD   1 
ATOM 182  O OE1  . GLU A 1 12  ? 1.713   1.502   3.161   1.00 0.00 ? 12  GLU A OE1  1 
ATOM 183  O OE2  . GLU A 1 12  ? 3.879   1.306   3.169   1.00 0.00 ? 12  GLU A OE2  1 
ATOM 184  H H    . GLU A 1 12  ? 1.718   -0.704  3.346   1.00 0.00 ? 12  GLU A H    1 
ATOM 185  H HA   . GLU A 1 12  ? -0.396  -0.818  1.765   1.00 0.00 ? 12  GLU A HA   1 
ATOM 186  H HB2  . GLU A 1 12  ? 1.413   -0.248  -0.246  1.00 0.00 ? 12  GLU A HB2  1 
ATOM 187  H HB3  . GLU A 1 12  ? 0.746   0.905   0.865   1.00 0.00 ? 12  GLU A HB3  1 
ATOM 188  H HG2  . GLU A 1 12  ? 3.249   -0.646  1.573   1.00 0.00 ? 12  GLU A HG2  1 
ATOM 189  H HG3  . GLU A 1 12  ? 3.344   0.827   0.635   1.00 0.00 ? 12  GLU A HG3  1 
ATOM 190  N N    . HIS A 1 13  ? 1.579   -3.036  0.511   1.00 0.00 ? 13  HIS A N    1 
ATOM 191  C CA   . HIS A 1 13  ? 1.758   -4.271  -0.326  1.00 0.00 ? 13  HIS A CA   1 
ATOM 192  C C    . HIS A 1 13  ? 2.677   -5.346  0.343   1.00 0.00 ? 13  HIS A C    1 
ATOM 193  O O    . HIS A 1 13  ? 3.511   -5.956  -0.300  1.00 0.00 ? 13  HIS A O    1 
ATOM 194  C CB   . HIS A 1 13  ? 2.302   -3.762  -1.720  1.00 0.00 ? 13  HIS A CB   1 
ATOM 195  C CG   . HIS A 1 13  ? 2.993   -2.408  -1.522  1.00 0.00 ? 13  HIS A CG   1 
ATOM 196  N ND1  . HIS A 1 13  ? 2.793   -1.340  -2.217  1.00 0.00 ? 13  HIS A ND1  1 
ATOM 197  C CD2  . HIS A 1 13  ? 3.924   -2.037  -0.578  1.00 0.00 ? 13  HIS A CD2  1 
ATOM 198  C CE1  . HIS A 1 13  ? 3.532   -0.387  -1.745  1.00 0.00 ? 13  HIS A CE1  1 
ATOM 199  N NE2  . HIS A 1 13  ? 4.250   -0.778  -0.731  1.00 0.00 ? 13  HIS A NE2  1 
ATOM 200  H H    . HIS A 1 13  ? 2.322   -2.672  1.033   1.00 0.00 ? 13  HIS A H    1 
ATOM 201  H HA   . HIS A 1 13  ? 0.788   -4.724  -0.472  1.00 0.00 ? 13  HIS A HA   1 
ATOM 202  H HB2  . HIS A 1 13  ? 3.007   -4.458  -2.157  1.00 0.00 ? 13  HIS A HB2  1 
ATOM 203  H HB3  . HIS A 1 13  ? 1.481   -3.621  -2.403  1.00 0.00 ? 13  HIS A HB3  1 
ATOM 204  H HD1  . HIS A 1 13  ? 2.186   -1.263  -2.983  1.00 0.00 ? 13  HIS A HD1  1 
ATOM 205  H HD2  . HIS A 1 13  ? 4.320   -2.683  0.180   1.00 0.00 ? 13  HIS A HD2  1 
ATOM 206  H HE1  . HIS A 1 13  ? 3.558   0.615   -2.122  1.00 0.00 ? 13  HIS A HE1  1 
ATOM 207  N N    . GLY A 1 14  ? 2.502   -5.556  1.631   1.00 0.00 ? 14  GLY A N    1 
ATOM 208  C CA   . GLY A 1 14  ? 3.315   -6.565  2.394   1.00 0.00 ? 14  GLY A CA   1 
ATOM 209  C C    . GLY A 1 14  ? 2.489   -7.336  3.443   1.00 0.00 ? 14  GLY A C    1 
ATOM 210  O O    . GLY A 1 14  ? 1.314   -7.081  3.627   1.00 0.00 ? 14  GLY A O    1 
ATOM 211  H H    . GLY A 1 14  ? 1.827   -5.043  2.112   1.00 0.00 ? 14  GLY A H    1 
ATOM 212  H HA2  . GLY A 1 14  ? 3.710   -7.292  1.701   1.00 0.00 ? 14  GLY A HA2  1 
ATOM 213  H HA3  . GLY A 1 14  ? 4.130   -6.065  2.895   1.00 0.00 ? 14  GLY A HA3  1 
ATOM 214  N N    . THR A 1 15  ? 3.152   -8.260  4.097   1.00 0.00 ? 15  THR A N    1 
ATOM 215  C CA   . THR A 1 15  ? 2.512   -9.112  5.157   1.00 0.00 ? 15  THR A CA   1 
ATOM 216  C C    . THR A 1 15  ? 3.573   -9.363  6.235   1.00 0.00 ? 15  THR A C    1 
ATOM 217  O O    . THR A 1 15  ? 4.734   -9.061  6.049   1.00 0.00 ? 15  THR A O    1 
ATOM 218  C CB   . THR A 1 15  ? 2.045   -10.492 4.593   1.00 0.00 ? 15  THR A CB   1 
ATOM 219  O OG1  . THR A 1 15  ? 2.155   -10.435 3.177   1.00 0.00 ? 15  THR A OG1  1 
ATOM 220  C CG2  . THR A 1 15  ? 0.531   -10.700 4.802   1.00 0.00 ? 15  THR A CG2  1 
ATOM 221  H H    . THR A 1 15  ? 4.102   -8.388  3.902   1.00 0.00 ? 15  THR A H    1 
ATOM 222  H HA   . THR A 1 15  ? 1.697   -8.568  5.612   1.00 0.00 ? 15  THR A HA   1 
ATOM 223  H HB   . THR A 1 15  ? 2.606   -11.319 5.002   1.00 0.00 ? 15  THR A HB   1 
ATOM 224  H HG1  . THR A 1 15  ? 2.675   -11.186 2.888   1.00 0.00 ? 15  THR A HG1  1 
ATOM 225  H HG21 . THR A 1 15  ? 0.294   -10.672 5.857   1.00 0.00 ? 15  THR A HG21 1 
ATOM 226  H HG22 . THR A 1 15  ? -0.038  -9.933  4.295   1.00 0.00 ? 15  THR A HG22 1 
ATOM 227  H HG23 . THR A 1 15  ? 0.240   -11.664 4.406   1.00 0.00 ? 15  THR A HG23 1 
ATOM 228  N N    . ILE A 1 16  ? 3.151   -9.932  7.331   1.00 0.00 ? 16  ILE A N    1 
ATOM 229  C CA   . ILE A 1 16  ? 4.102   -10.211 8.454   1.00 0.00 ? 16  ILE A CA   1 
ATOM 230  C C    . ILE A 1 16  ? 4.956   -11.455 8.166   1.00 0.00 ? 16  ILE A C    1 
ATOM 231  O O    . ILE A 1 16  ? 4.496   -12.392 7.540   1.00 0.00 ? 16  ILE A O    1 
ATOM 232  C CB   . ILE A 1 16  ? 3.254   -10.406 9.758   1.00 0.00 ? 16  ILE A CB   1 
ATOM 233  C CG1  . ILE A 1 16  ? 4.077   -10.065 11.031  1.00 0.00 ? 16  ILE A CG1  1 
ATOM 234  C CG2  . ILE A 1 16  ? 2.686   -11.862 9.870   1.00 0.00 ? 16  ILE A CG2  1 
ATOM 235  C CD1  . ILE A 1 16  ? 4.124   -8.530  11.197  1.00 0.00 ? 16  ILE A CD1  1 
ATOM 236  H H    . ILE A 1 16  ? 2.209   -10.175 7.407   1.00 0.00 ? 16  ILE A H    1 
ATOM 237  H HA   . ILE A 1 16  ? 4.771   -9.365  8.562   1.00 0.00 ? 16  ILE A HA   1 
ATOM 238  H HB   . ILE A 1 16  ? 2.419   -9.723  9.711   1.00 0.00 ? 16  ILE A HB   1 
ATOM 239  H HG12 . ILE A 1 16  ? 3.620   -10.508 11.903  1.00 0.00 ? 16  ILE A HG12 1 
ATOM 240  H HG13 . ILE A 1 16  ? 5.082   -10.447 10.944  1.00 0.00 ? 16  ILE A HG13 1 
ATOM 241  H HG21 . ILE A 1 16  ? 2.051   -12.073 9.019   1.00 0.00 ? 16  ILE A HG21 1 
ATOM 242  H HG22 . ILE A 1 16  ? 3.480   -12.595 9.901   1.00 0.00 ? 16  ILE A HG22 1 
ATOM 243  H HG23 . ILE A 1 16  ? 2.096   -11.983 10.766  1.00 0.00 ? 16  ILE A HG23 1 
ATOM 244  H HD11 . ILE A 1 16  ? 4.579   -8.079  10.334  1.00 0.00 ? 16  ILE A HD11 1 
ATOM 245  H HD12 . ILE A 1 16  ? 3.130   -8.125  11.308  1.00 0.00 ? 16  ILE A HD12 1 
ATOM 246  H HD13 . ILE A 1 16  ? 4.686   -8.243  12.064  1.00 0.00 ? 16  ILE A HD13 1 
ATOM 247  N N    . ASN A 1 17  ? 6.176   -11.406 8.640   1.00 0.00 ? 17  ASN A N    1 
ATOM 248  C CA   . ASN A 1 17  ? 7.128   -12.546 8.451   1.00 0.00 ? 17  ASN A CA   1 
ATOM 249  C C    . ASN A 1 17  ? 7.545   -13.039 9.843   1.00 0.00 ? 17  ASN A C    1 
ATOM 250  O O    . ASN A 1 17  ? 8.695   -12.996 10.241  1.00 0.00 ? 17  ASN A O    1 
ATOM 251  C CB   . ASN A 1 17  ? 8.323   -12.042 7.644   1.00 0.00 ? 17  ASN A CB   1 
ATOM 252  C CG   . ASN A 1 17  ? 9.243   -13.219 7.268   1.00 0.00 ? 17  ASN A CG   1 
ATOM 253  O OD1  . ASN A 1 17  ? 10.017  -13.718 8.061   1.00 0.00 ? 17  ASN A OD1  1 
ATOM 254  N ND2  . ASN A 1 17  ? 9.182   -13.699 6.056   1.00 0.00 ? 17  ASN A ND2  1 
ATOM 255  H H    . ASN A 1 17  ? 6.468   -10.601 9.120   1.00 0.00 ? 17  ASN A H    1 
ATOM 256  H HA   . ASN A 1 17  ? 6.643   -13.357 7.925   1.00 0.00 ? 17  ASN A HA   1 
ATOM 257  H HB2  . ASN A 1 17  ? 7.946   -11.594 6.743   1.00 0.00 ? 17  ASN A HB2  1 
ATOM 258  H HB3  . ASN A 1 17  ? 8.890   -11.306 8.197   1.00 0.00 ? 17  ASN A HB3  1 
ATOM 259  H HD21 . ASN A 1 17  ? 8.559   -13.311 5.405   1.00 0.00 ? 17  ASN A HD21 1 
ATOM 260  H HD22 . ASN A 1 17  ? 9.757   -14.450 5.800   1.00 0.00 ? 17  ASN A HD22 1 
ATOM 261  N N    . SER A 1 18  ? 6.541   -13.493 10.542  1.00 0.00 ? 18  SER A N    1 
ATOM 262  C CA   . SER A 1 18  ? 6.701   -14.030 11.924  1.00 0.00 ? 18  SER A CA   1 
ATOM 263  C C    . SER A 1 18  ? 6.173   -15.466 11.871  1.00 0.00 ? 18  SER A C    1 
ATOM 264  O O    . SER A 1 18  ? 4.981   -15.676 12.003  1.00 0.00 ? 18  SER A O    1 
ATOM 265  C CB   . SER A 1 18  ? 5.885   -13.151 12.882  1.00 0.00 ? 18  SER A CB   1 
ATOM 266  O OG   . SER A 1 18  ? 6.048   -13.754 14.160  1.00 0.00 ? 18  SER A OG   1 
ATOM 267  H H    . SER A 1 18  ? 5.644   -13.478 10.145  1.00 0.00 ? 18  SER A H    1 
ATOM 268  H HA   . SER A 1 18  ? 7.746   -14.040 12.206  1.00 0.00 ? 18  SER A HA   1 
ATOM 269  H HB2  . SER A 1 18  ? 6.290   -12.152 12.901  1.00 0.00 ? 18  SER A HB2  1 
ATOM 270  H HB3  . SER A 1 18  ? 4.839   -13.125 12.617  1.00 0.00 ? 18  SER A HB3  1 
ATOM 271  H HG   . SER A 1 18  ? 6.644   -14.503 14.081  1.00 0.00 ? 18  SER A HG   1 
ATOM 272  N N    . SER A 1 19  ? 7.085   -16.396 11.684  1.00 0.00 ? 19  SER A N    1 
ATOM 273  C CA   . SER A 1 19  ? 6.738   -17.857 11.599  1.00 0.00 ? 19  SER A CA   1 
ATOM 274  C C    . SER A 1 19  ? 5.385   -18.062 10.889  1.00 0.00 ? 19  SER A C    1 
ATOM 275  O O    . SER A 1 19  ? 4.407   -18.497 11.468  1.00 0.00 ? 19  SER A O    1 
ATOM 276  C CB   . SER A 1 19  ? 6.723   -18.430 13.049  1.00 0.00 ? 19  SER A CB   1 
ATOM 277  O OG   . SER A 1 19  ? 5.828   -17.610 13.789  1.00 0.00 ? 19  SER A OG   1 
ATOM 278  H H    . SER A 1 19  ? 8.025   -16.130 11.600  1.00 0.00 ? 19  SER A H    1 
ATOM 279  H HA   . SER A 1 19  ? 7.504   -18.357 11.023  1.00 0.00 ? 19  SER A HA   1 
ATOM 280  H HB2  . SER A 1 19  ? 6.368   -19.450 13.074  1.00 0.00 ? 19  SER A HB2  1 
ATOM 281  H HB3  . SER A 1 19  ? 7.705   -18.376 13.494  1.00 0.00 ? 19  SER A HB3  1 
ATOM 282  H HG   . SER A 1 19  ? 6.323   -17.222 14.515  1.00 0.00 ? 19  SER A HG   1 
ATOM 283  N N    . ARG A 1 20  ? 5.440   -17.711 9.625   1.00 0.00 ? 20  ARG A N    1 
ATOM 284  C CA   . ARG A 1 20  ? 4.300   -17.780 8.652   1.00 0.00 ? 20  ARG A CA   1 
ATOM 285  C C    . ARG A 1 20  ? 2.913   -17.802 9.323   1.00 0.00 ? 20  ARG A C    1 
ATOM 286  O O    . ARG A 1 20  ? 2.398   -16.747 9.646   1.00 0.00 ? 20  ARG A O    1 
ATOM 287  C CB   . ARG A 1 20  ? 4.554   -19.047 7.786   1.00 0.00 ? 20  ARG A CB   1 
ATOM 288  C CG   . ARG A 1 20  ? 5.922   -18.923 7.050   1.00 0.00 ? 20  ARG A CG   1 
ATOM 289  C CD   . ARG A 1 20  ? 5.855   -17.868 5.902   1.00 0.00 ? 20  ARG A CD   1 
ATOM 290  N NE   . ARG A 1 20  ? 5.157   -18.399 4.681   1.00 0.00 ? 20  ARG A NE   1 
ATOM 291  C CZ   . ARG A 1 20  ? 4.874   -19.667 4.531   1.00 0.00 ? 20  ARG A CZ   1 
ATOM 292  N NH1  . ARG A 1 20  ? 5.834   -20.488 4.201   1.00 0.00 ? 20  ARG A NH1  1 
ATOM 293  N NH2  . ARG A 1 20  ? 3.649   -20.074 4.720   1.00 0.00 ? 20  ARG A NH2  1 
ATOM 294  H H    . ARG A 1 20  ? 6.297   -17.379 9.288   1.00 0.00 ? 20  ARG A H    1 
ATOM 295  H HA   . ARG A 1 20  ? 4.343   -16.897 8.034   1.00 0.00 ? 20  ARG A HA   1 
ATOM 296  H HB2  . ARG A 1 20  ? 4.592   -19.912 8.433   1.00 0.00 ? 20  ARG A HB2  1 
ATOM 297  H HB3  . ARG A 1 20  ? 3.748   -19.183 7.083   1.00 0.00 ? 20  ARG A HB3  1 
ATOM 298  H HG2  . ARG A 1 20  ? 6.687   -18.624 7.749   1.00 0.00 ? 20  ARG A HG2  1 
ATOM 299  H HG3  . ARG A 1 20  ? 6.206   -19.887 6.658   1.00 0.00 ? 20  ARG A HG3  1 
ATOM 300  H HD2  . ARG A 1 20  ? 5.339   -16.976 6.226   1.00 0.00 ? 20  ARG A HD2  1 
ATOM 301  H HD3  . ARG A 1 20  ? 6.859   -17.588 5.620   1.00 0.00 ? 20  ARG A HD3  1 
ATOM 302  H HE   . ARG A 1 20  ? 4.903   -17.773 3.971   1.00 0.00 ? 20  ARG A HE   1 
ATOM 303  H HH11 . ARG A 1 20  ? 6.762   -20.142 4.065   1.00 0.00 ? 20  ARG A HH11 1 
ATOM 304  H HH12 . ARG A 1 20  ? 5.642   -21.461 4.079   1.00 0.00 ? 20  ARG A HH12 1 
ATOM 305  H HH21 . ARG A 1 20  ? 2.939   -19.418 4.974   1.00 0.00 ? 20  ARG A HH21 1 
ATOM 306  H HH22 . ARG A 1 20  ? 3.421   -21.041 4.608   1.00 0.00 ? 20  ARG A HH22 1 
ATOM 307  N N    . SER A 1 21  ? 2.354   -18.971 9.512   1.00 0.00 ? 21  SER A N    1 
ATOM 308  C CA   . SER A 1 21  ? 1.016   -19.085 10.157  1.00 0.00 ? 21  SER A CA   1 
ATOM 309  C C    . SER A 1 21  ? 1.208   -20.026 11.350  1.00 0.00 ? 21  SER A C    1 
ATOM 310  O O    . SER A 1 21  ? 1.156   -21.236 11.223  1.00 0.00 ? 21  SER A O    1 
ATOM 311  C CB   . SER A 1 21  ? 0.026   -19.654 9.126   1.00 0.00 ? 21  SER A CB   1 
ATOM 312  O OG   . SER A 1 21  ? -1.216  -19.684 9.817   1.00 0.00 ? 21  SER A OG   1 
ATOM 313  H H    . SER A 1 21  ? 2.818   -19.784 9.228   1.00 0.00 ? 21  SER A H    1 
ATOM 314  H HA   . SER A 1 21  ? 0.681   -18.120 10.515  1.00 0.00 ? 21  SER A HA   1 
ATOM 315  H HB2  . SER A 1 21  ? -0.057  -19.005 8.267   1.00 0.00 ? 21  SER A HB2  1 
ATOM 316  H HB3  . SER A 1 21  ? 0.290   -20.652 8.813   1.00 0.00 ? 21  SER A HB3  1 
ATOM 317  H HG   . SER A 1 21  ? -1.850  -19.169 9.311   1.00 0.00 ? 21  SER A HG   1 
ATOM 318  N N    . SER A 1 22  ? 1.436   -19.403 12.473  1.00 0.00 ? 22  SER A N    1 
ATOM 319  C CA   . SER A 1 22  ? 1.654   -20.106 13.767  1.00 0.00 ? 22  SER A CA   1 
ATOM 320  C C    . SER A 1 22  ? 0.589   -19.634 14.761  1.00 0.00 ? 22  SER A C    1 
ATOM 321  O O    . SER A 1 22  ? -0.124  -20.422 15.351  1.00 0.00 ? 22  SER A O    1 
ATOM 322  C CB   . SER A 1 22  ? 3.074   -19.759 14.232  1.00 0.00 ? 22  SER A CB   1 
ATOM 323  O OG   . SER A 1 22  ? 3.146   -18.338 14.221  1.00 0.00 ? 22  SER A OG   1 
ATOM 324  H H    . SER A 1 22  ? 1.469   -18.427 12.483  1.00 0.00 ? 22  SER A H    1 
ATOM 325  H HA   . SER A 1 22  ? 1.557   -21.174 13.630  1.00 0.00 ? 22  SER A HA   1 
ATOM 326  H HB2  . SER A 1 22  ? 3.254   -20.116 15.228  1.00 0.00 ? 22  SER A HB2  1 
ATOM 327  H HB3  . SER A 1 22  ? 3.804   -20.153 13.545  1.00 0.00 ? 22  SER A HB3  1 
ATOM 328  H HG   . SER A 1 22  ? 3.792   -18.083 13.558  1.00 0.00 ? 22  SER A HG   1 
ATOM 329  N N    . GLN A 1 23  ? 0.537   -18.336 14.894  1.00 0.00 ? 23  GLN A N    1 
ATOM 330  C CA   . GLN A 1 23  ? -0.429  -17.659 15.810  1.00 0.00 ? 23  GLN A CA   1 
ATOM 331  C C    . GLN A 1 23  ? -1.404  -16.780 15.027  1.00 0.00 ? 23  GLN A C    1 
ATOM 332  O O    . GLN A 1 23  ? -1.204  -16.489 13.863  1.00 0.00 ? 23  GLN A O    1 
ATOM 333  C CB   . GLN A 1 23  ? 0.362   -16.794 16.812  1.00 0.00 ? 23  GLN A CB   1 
ATOM 334  C CG   . GLN A 1 23  ? 0.641   -17.577 18.102  1.00 0.00 ? 23  GLN A CG   1 
ATOM 335  C CD   . GLN A 1 23  ? 1.482   -16.689 19.027  1.00 0.00 ? 23  GLN A CD   1 
ATOM 336  O OE1  . GLN A 1 23  ? 2.685   -16.590 18.888  1.00 0.00 ? 23  GLN A OE1  1 
ATOM 337  N NE2  . GLN A 1 23  ? 0.890   -16.019 19.978  1.00 0.00 ? 23  GLN A NE2  1 
ATOM 338  H H    . GLN A 1 23  ? 1.162   -17.796 14.369  1.00 0.00 ? 23  GLN A H    1 
ATOM 339  H HA   . GLN A 1 23  ? -1.007  -18.406 16.336  1.00 0.00 ? 23  GLN A HA   1 
ATOM 340  H HB2  . GLN A 1 23  ? 1.304   -16.505 16.365  1.00 0.00 ? 23  GLN A HB2  1 
ATOM 341  H HB3  . GLN A 1 23  ? -0.186  -15.894 17.047  1.00 0.00 ? 23  GLN A HB3  1 
ATOM 342  H HG2  . GLN A 1 23  ? -0.285  -17.829 18.601  1.00 0.00 ? 23  GLN A HG2  1 
ATOM 343  H HG3  . GLN A 1 23  ? 1.189   -18.483 17.886  1.00 0.00 ? 23  GLN A HG3  1 
ATOM 344  H HE21 . GLN A 1 23  ? -0.081  -16.084 20.095  1.00 0.00 ? 23  GLN A HE21 1 
ATOM 345  H HE22 . GLN A 1 23  ? 1.418   -15.450 20.577  1.00 0.00 ? 23  GLN A HE22 1 
ATOM 346  N N    . GLU A 1 24  ? -2.433  -16.387 15.732  1.00 0.00 ? 24  GLU A N    1 
ATOM 347  C CA   . GLU A 1 24  ? -3.502  -15.519 15.161  1.00 0.00 ? 24  GLU A CA   1 
ATOM 348  C C    . GLU A 1 24  ? -3.440  -14.207 15.927  1.00 0.00 ? 24  GLU A C    1 
ATOM 349  O O    . GLU A 1 24  ? -3.539  -13.138 15.355  1.00 0.00 ? 24  GLU A O    1 
ATOM 350  C CB   . GLU A 1 24  ? -4.881  -16.181 15.353  1.00 0.00 ? 24  GLU A CB   1 
ATOM 351  C CG   . GLU A 1 24  ? -4.961  -17.550 14.626  1.00 0.00 ? 24  GLU A CG   1 
ATOM 352  C CD   . GLU A 1 24  ? -4.812  -17.391 13.095  1.00 0.00 ? 24  GLU A CD   1 
ATOM 353  O OE1  . GLU A 1 24  ? -3.687  -17.201 12.656  1.00 0.00 ? 24  GLU A OE1  1 
ATOM 354  O OE2  . GLU A 1 24  ? -5.841  -17.465 12.444  1.00 0.00 ? 24  GLU A OE2  1 
ATOM 355  H H    . GLU A 1 24  ? -2.508  -16.669 16.667  1.00 0.00 ? 24  GLU A H    1 
ATOM 356  H HA   . GLU A 1 24  ? -3.292  -15.327 14.127  1.00 0.00 ? 24  GLU A HA   1 
ATOM 357  H HB2  . GLU A 1 24  ? -5.061  -16.332 16.409  1.00 0.00 ? 24  GLU A HB2  1 
ATOM 358  H HB3  . GLU A 1 24  ? -5.653  -15.529 14.971  1.00 0.00 ? 24  GLU A HB3  1 
ATOM 359  H HG2  . GLU A 1 24  ? -4.180  -18.203 14.984  1.00 0.00 ? 24  GLU A HG2  1 
ATOM 360  H HG3  . GLU A 1 24  ? -5.915  -18.012 14.842  1.00 0.00 ? 24  GLU A HG3  1 
ATOM 361  N N    . SER A 1 25  ? -3.275  -14.359 17.215  1.00 0.00 ? 25  SER A N    1 
ATOM 362  C CA   . SER A 1 25  ? -3.186  -13.189 18.127  1.00 0.00 ? 25  SER A CA   1 
ATOM 363  C C    . SER A 1 25  ? -1.756  -13.109 18.658  1.00 0.00 ? 25  SER A C    1 
ATOM 364  O O    . SER A 1 25  ? -1.040  -14.090 18.705  1.00 0.00 ? 25  SER A O    1 
ATOM 365  C CB   . SER A 1 25  ? -4.174  -13.372 19.296  1.00 0.00 ? 25  SER A CB   1 
ATOM 366  O OG   . SER A 1 25  ? -3.799  -14.589 19.934  1.00 0.00 ? 25  SER A OG   1 
ATOM 367  H H    . SER A 1 25  ? -3.211  -15.264 17.587  1.00 0.00 ? 25  SER A H    1 
ATOM 368  H HA   . SER A 1 25  ? -3.408  -12.283 17.584  1.00 0.00 ? 25  SER A HA   1 
ATOM 369  H HB2  . SER A 1 25  ? -4.097  -12.560 20.004  1.00 0.00 ? 25  SER A HB2  1 
ATOM 370  H HB3  . SER A 1 25  ? -5.190  -13.453 18.937  1.00 0.00 ? 25  SER A HB3  1 
ATOM 371  H HG   . SER A 1 25  ? -3.041  -14.965 19.480  1.00 0.00 ? 25  SER A HG   1 
ATOM 372  N N    . TYR A 1 26  ? -1.411  -11.912 19.041  1.00 0.00 ? 26  TYR A N    1 
ATOM 373  C CA   . TYR A 1 26  ? -0.056  -11.619 19.590  1.00 0.00 ? 26  TYR A CA   1 
ATOM 374  C C    . TYR A 1 26  ? -0.266  -10.937 20.929  1.00 0.00 ? 26  TYR A C    1 
ATOM 375  O O    . TYR A 1 26  ? -1.369  -10.533 21.233  1.00 0.00 ? 26  TYR A O    1 
ATOM 376  C CB   . TYR A 1 26  ? 0.683   -10.714 18.580  1.00 0.00 ? 26  TYR A CB   1 
ATOM 377  C CG   . TYR A 1 26  ? 0.772   -11.513 17.269  1.00 0.00 ? 26  TYR A CG   1 
ATOM 378  C CD1  . TYR A 1 26  ? -0.324  -11.571 16.432  1.00 0.00 ? 26  TYR A CD1  1 
ATOM 379  C CD2  . TYR A 1 26  ? 1.919   -12.200 16.921  1.00 0.00 ? 26  TYR A CD2  1 
ATOM 380  C CE1  . TYR A 1 26  ? -0.283  -12.302 15.269  1.00 0.00 ? 26  TYR A CE1  1 
ATOM 381  C CE2  . TYR A 1 26  ? 1.959   -12.935 15.751  1.00 0.00 ? 26  TYR A CE2  1 
ATOM 382  C CZ   . TYR A 1 26  ? 0.857   -12.989 14.917  1.00 0.00 ? 26  TYR A CZ   1 
ATOM 383  O OH   . TYR A 1 26  ? 0.888   -13.717 13.745  1.00 0.00 ? 26  TYR A OH   1 
ATOM 384  H H    . TYR A 1 26  ? -2.062  -11.186 18.964  1.00 0.00 ? 26  TYR A H    1 
ATOM 385  H HA   . TYR A 1 26  ? 0.487   -12.539 19.754  1.00 0.00 ? 26  TYR A HA   1 
ATOM 386  H HB2  . TYR A 1 26  ? 0.156   -9.788  18.393  1.00 0.00 ? 26  TYR A HB2  1 
ATOM 387  H HB3  . TYR A 1 26  ? 1.665   -10.476 18.937  1.00 0.00 ? 26  TYR A HB3  1 
ATOM 388  H HD1  . TYR A 1 26  ? -1.220  -11.030 16.697  1.00 0.00 ? 26  TYR A HD1  1 
ATOM 389  H HD2  . TYR A 1 26  ? 2.787   -12.164 17.567  1.00 0.00 ? 26  TYR A HD2  1 
ATOM 390  H HE1  . TYR A 1 26  ? -1.153  -12.336 14.630  1.00 0.00 ? 26  TYR A HE1  1 
ATOM 391  H HE2  . TYR A 1 26  ? 2.857   -13.468 15.483  1.00 0.00 ? 26  TYR A HE2  1 
ATOM 392  H HH   . TYR A 1 26  ? 1.772   -14.076 13.636  1.00 0.00 ? 26  TYR A HH   1 
ATOM 393  N N    . ALA A 1 27  ? 0.782   -10.805 21.694  1.00 0.00 ? 27  ALA A N    1 
ATOM 394  C CA   . ALA A 1 27  ? 0.630   -10.144 23.027  1.00 0.00 ? 27  ALA A CA   1 
ATOM 395  C C    . ALA A 1 27  ? 0.876   -8.645  22.888  1.00 0.00 ? 27  ALA A C    1 
ATOM 396  O O    . ALA A 1 27  ? 1.112   -8.137  21.809  1.00 0.00 ? 27  ALA A O    1 
ATOM 397  C CB   . ALA A 1 27  ? 1.649   -10.758 24.009  1.00 0.00 ? 27  ALA A CB   1 
ATOM 398  H H    . ALA A 1 27  ? 1.656   -11.135 21.398  1.00 0.00 ? 27  ALA A H    1 
ATOM 399  H HA   . ALA A 1 27  ? -0.370  -10.300 23.404  1.00 0.00 ? 27  ALA A HA   1 
ATOM 400  H HB1  . ALA A 1 27  ? 1.475   -11.821 24.107  1.00 0.00 ? 27  ALA A HB1  1 
ATOM 401  H HB2  . ALA A 1 27  ? 2.662   -10.602 23.660  1.00 0.00 ? 27  ALA A HB2  1 
ATOM 402  H HB3  . ALA A 1 27  ? 1.546   -10.301 24.983  1.00 0.00 ? 27  ALA A HB3  1 
ATOM 403  N N    . HIS A 1 28  ? 0.805   -7.989  24.013  1.00 0.00 ? 28  HIS A N    1 
ATOM 404  C CA   . HIS A 1 28  ? 1.027   -6.516  24.052  1.00 0.00 ? 28  HIS A CA   1 
ATOM 405  C C    . HIS A 1 28  ? 2.529   -6.378  24.283  1.00 0.00 ? 28  HIS A C    1 
ATOM 406  O O    . HIS A 1 28  ? 3.104   -7.067  25.105  1.00 0.00 ? 28  HIS A O    1 
ATOM 407  C CB   . HIS A 1 28  ? 0.246   -5.907  25.215  1.00 0.00 ? 28  HIS A CB   1 
ATOM 408  C CG   . HIS A 1 28  ? 0.539   -6.694  26.494  1.00 0.00 ? 28  HIS A CG   1 
ATOM 409  N ND1  . HIS A 1 28  ? -0.126  -7.719  26.914  1.00 0.00 ? 28  HIS A ND1  1 
ATOM 410  C CD2  . HIS A 1 28  ? 1.527   -6.515  27.440  1.00 0.00 ? 28  HIS A CD2  1 
ATOM 411  C CE1  . HIS A 1 28  ? 0.393   -8.147  28.020  1.00 0.00 ? 28  HIS A CE1  1 
ATOM 412  N NE2  . HIS A 1 28  ? 1.426   -7.427  28.386  1.00 0.00 ? 28  HIS A NE2  1 
ATOM 413  H H    . HIS A 1 28  ? 0.603   -8.476  24.838  1.00 0.00 ? 28  HIS A H    1 
ATOM 414  H HA   . HIS A 1 28  ? 0.752   -6.067  23.110  1.00 0.00 ? 28  HIS A HA   1 
ATOM 415  H HB2  . HIS A 1 28  ? 0.545   -4.880  25.353  1.00 0.00 ? 28  HIS A HB2  1 
ATOM 416  H HB3  . HIS A 1 28  ? -0.814  -5.936  25.028  1.00 0.00 ? 28  HIS A HB3  1 
ATOM 417  H HD1  . HIS A 1 28  ? -0.903  -8.112  26.464  1.00 0.00 ? 28  HIS A HD1  1 
ATOM 418  H HD2  . HIS A 1 28  ? 2.274   -5.738  27.391  1.00 0.00 ? 28  HIS A HD2  1 
ATOM 419  H HE1  . HIS A 1 28  ? 0.019   -8.995  28.576  1.00 0.00 ? 28  HIS A HE1  1 
ATOM 420  N N    . GLY A 1 29  ? 3.124   -5.488  23.540  1.00 0.00 ? 29  GLY A N    1 
ATOM 421  C CA   . GLY A 1 29  ? 4.587   -5.267  23.662  1.00 0.00 ? 29  GLY A CA   1 
ATOM 422  C C    . GLY A 1 29  ? 5.192   -6.351  22.758  1.00 0.00 ? 29  GLY A C    1 
ATOM 423  O O    . GLY A 1 29  ? 6.243   -6.888  23.050  1.00 0.00 ? 29  GLY A O    1 
ATOM 424  H H    . GLY A 1 29  ? 2.631   -4.949  22.892  1.00 0.00 ? 29  GLY A H    1 
ATOM 425  H HA2  . GLY A 1 29  ? 4.842   -4.283  23.298  1.00 0.00 ? 29  GLY A HA2  1 
ATOM 426  H HA3  . GLY A 1 29  ? 4.917   -5.398  24.683  1.00 0.00 ? 29  GLY A HA3  1 
ATOM 427  N N    . THR A 1 30  ? 4.491   -6.629  21.680  1.00 0.00 ? 30  THR A N    1 
ATOM 428  C CA   . THR A 1 30  ? 4.948   -7.663  20.707  1.00 0.00 ? 30  THR A CA   1 
ATOM 429  C C    . THR A 1 30  ? 5.409   -6.979  19.440  1.00 0.00 ? 30  THR A C    1 
ATOM 430  O O    . THR A 1 30  ? 4.673   -6.244  18.814  1.00 0.00 ? 30  THR A O    1 
ATOM 431  C CB   . THR A 1 30  ? 3.815   -8.638  20.335  1.00 0.00 ? 30  THR A CB   1 
ATOM 432  O OG1  . THR A 1 30  ? 3.564   -9.381  21.521  1.00 0.00 ? 30  THR A OG1  1 
ATOM 433  C CG2  . THR A 1 30  ? 4.341   -9.662  19.294  1.00 0.00 ? 30  THR A CG2  1 
ATOM 434  H H    . THR A 1 30  ? 3.655   -6.144  21.517  1.00 0.00 ? 30  THR A H    1 
ATOM 435  H HA   . THR A 1 30  ? 5.758   -8.244  21.119  1.00 0.00 ? 30  THR A HA   1 
ATOM 436  H HB   . THR A 1 30  ? 2.914   -8.139  20.013  1.00 0.00 ? 30  THR A HB   1 
ATOM 437  H HG1  . THR A 1 30  ? 3.690   -10.313 21.331  1.00 0.00 ? 30  THR A HG1  1 
ATOM 438  H HG21 . THR A 1 30  ? 5.198   -10.187 19.687  1.00 0.00 ? 30  THR A HG21 1 
ATOM 439  H HG22 . THR A 1 30  ? 3.588   -10.386 19.041  1.00 0.00 ? 30  THR A HG22 1 
ATOM 440  H HG23 . THR A 1 30  ? 4.638   -9.153  18.387  1.00 0.00 ? 30  THR A HG23 1 
ATOM 441  N N    . LYS A 1 31  ? 6.638   -7.274  19.126  1.00 0.00 ? 31  LYS A N    1 
ATOM 442  C CA   . LYS A 1 31  ? 7.285   -6.709  17.915  1.00 0.00 ? 31  LYS A CA   1 
ATOM 443  C C    . LYS A 1 31  ? 7.699   -7.868  17.017  1.00 0.00 ? 31  LYS A C    1 
ATOM 444  O O    . LYS A 1 31  ? 8.545   -8.674  17.348  1.00 0.00 ? 31  LYS A O    1 
ATOM 445  C CB   . LYS A 1 31  ? 8.527   -5.844  18.329  1.00 0.00 ? 31  LYS A CB   1 
ATOM 446  C CG   . LYS A 1 31  ? 9.024   -6.248  19.736  1.00 0.00 ? 31  LYS A CG   1 
ATOM 447  C CD   . LYS A 1 31  ? 10.382  -5.600  20.102  1.00 0.00 ? 31  LYS A CD   1 
ATOM 448  C CE   . LYS A 1 31  ? 10.288  -4.061  20.156  1.00 0.00 ? 31  LYS A CE   1 
ATOM 449  N NZ   . LYS A 1 31  ? 11.591  -3.504  20.620  1.00 0.00 ? 31  LYS A NZ   1 
ATOM 450  H H    . LYS A 1 31  ? 7.148   -7.886  19.699  1.00 0.00 ? 31  LYS A H    1 
ATOM 451  H HA   . LYS A 1 31  ? 6.540   -6.131  17.397  1.00 0.00 ? 31  LYS A HA   1 
ATOM 452  H HB2  . LYS A 1 31  ? 9.324   -5.981  17.612  1.00 0.00 ? 31  LYS A HB2  1 
ATOM 453  H HB3  . LYS A 1 31  ? 8.245   -4.802  18.328  1.00 0.00 ? 31  LYS A HB3  1 
ATOM 454  H HG2  . LYS A 1 31  ? 8.277   -5.930  20.450  1.00 0.00 ? 31  LYS A HG2  1 
ATOM 455  H HG3  . LYS A 1 31  ? 9.109   -7.322  19.787  1.00 0.00 ? 31  LYS A HG3  1 
ATOM 456  H HD2  . LYS A 1 31  ? 10.685  -5.962  21.074  1.00 0.00 ? 31  LYS A HD2  1 
ATOM 457  H HD3  . LYS A 1 31  ? 11.133  -5.890  19.383  1.00 0.00 ? 31  LYS A HD3  1 
ATOM 458  H HE2  . LYS A 1 31  ? 10.075  -3.659  19.177  1.00 0.00 ? 31  LYS A HE2  1 
ATOM 459  H HE3  . LYS A 1 31  ? 9.514   -3.748  20.844  1.00 0.00 ? 31  LYS A HE3  1 
ATOM 460  H HZ1  . LYS A 1 31  ? 12.257  -4.284  20.800  1.00 0.00 ? 31  LYS A HZ1  1 
ATOM 461  H HZ2  . LYS A 1 31  ? 11.982  -2.876  19.888  1.00 0.00 ? 31  LYS A HZ2  1 
ATOM 462  H HZ3  . LYS A 1 31  ? 11.446  -2.966  21.499  1.00 0.00 ? 31  LYS A HZ3  1 
ATOM 463  N N    . LEU A 1 32  ? 7.044   -7.882  15.889  1.00 0.00 ? 32  LEU A N    1 
ATOM 464  C CA   . LEU A 1 32  ? 7.268   -8.926  14.843  1.00 0.00 ? 32  LEU A CA   1 
ATOM 465  C C    . LEU A 1 32  ? 8.072   -8.266  13.719  1.00 0.00 ? 32  LEU A C    1 
ATOM 466  O O    . LEU A 1 32  ? 8.149   -7.053  13.684  1.00 0.00 ? 32  LEU A O    1 
ATOM 467  C CB   . LEU A 1 32  ? 5.910   -9.378  14.319  1.00 0.00 ? 32  LEU A CB   1 
ATOM 468  C CG   . LEU A 1 32  ? 4.949   -9.781  15.461  1.00 0.00 ? 32  LEU A CG   1 
ATOM 469  C CD1  . LEU A 1 32  ? 3.570   -10.076 14.833  1.00 0.00 ? 32  LEU A CD1  1 
ATOM 470  C CD2  . LEU A 1 32  ? 5.455   -11.045 16.191  1.00 0.00 ? 32  LEU A CD2  1 
ATOM 471  H H    . LEU A 1 32  ? 6.389   -7.171  15.725  1.00 0.00 ? 32  LEU A H    1 
ATOM 472  H HA   . LEU A 1 32  ? 7.830   -9.756  15.251  1.00 0.00 ? 32  LEU A HA   1 
ATOM 473  H HB2  . LEU A 1 32  ? 5.473   -8.522  13.831  1.00 0.00 ? 32  LEU A HB2  1 
ATOM 474  H HB3  . LEU A 1 32  ? 6.018   -10.168 13.591  1.00 0.00 ? 32  LEU A HB3  1 
ATOM 475  H HG   . LEU A 1 32  ? 4.870   -8.970  16.167  1.00 0.00 ? 32  LEU A HG   1 
ATOM 476  H HD11 . LEU A 1 32  ? 3.225   -9.216  14.277  1.00 0.00 ? 32  LEU A HD11 1 
ATOM 477  H HD12 . LEU A 1 32  ? 3.628   -10.920 14.163  1.00 0.00 ? 32  LEU A HD12 1 
ATOM 478  H HD13 . LEU A 1 32  ? 2.847   -10.286 15.602  1.00 0.00 ? 32  LEU A HD13 1 
ATOM 479  H HD21 . LEU A 1 32  ? 5.522   -11.874 15.506  1.00 0.00 ? 32  LEU A HD21 1 
ATOM 480  H HD22 . LEU A 1 32  ? 6.426   -10.876 16.629  1.00 0.00 ? 32  LEU A HD22 1 
ATOM 481  H HD23 . LEU A 1 32  ? 4.766   -11.306 16.980  1.00 0.00 ? 32  LEU A HD23 1 
ATOM 482  N N    . SER A 1 33  ? 8.623   -9.062  12.834  1.00 0.00 ? 33  SER A N    1 
ATOM 483  C CA   . SER A 1 33  ? 9.421   -8.475  11.705  1.00 0.00 ? 33  SER A CA   1 
ATOM 484  C C    . SER A 1 33  ? 8.482   -8.427  10.501  1.00 0.00 ? 33  SER A C    1 
ATOM 485  O O    . SER A 1 33  ? 7.416   -9.015  10.537  1.00 0.00 ? 33  SER A O    1 
ATOM 486  C CB   . SER A 1 33  ? 10.609  -9.355  11.339  1.00 0.00 ? 33  SER A CB   1 
ATOM 487  O OG   . SER A 1 33  ? 11.225  -9.692  12.573  1.00 0.00 ? 33  SER A OG   1 
ATOM 488  H H    . SER A 1 33  ? 8.517   -10.033 12.906  1.00 0.00 ? 33  SER A H    1 
ATOM 489  H HA   . SER A 1 33  ? 9.753   -7.481  11.957  1.00 0.00 ? 33  SER A HA   1 
ATOM 490  H HB2  . SER A 1 33  ? 10.303  -10.243 10.811  1.00 0.00 ? 33  SER A HB2  1 
ATOM 491  H HB3  . SER A 1 33  ? 11.300  -8.779  10.736  1.00 0.00 ? 33  SER A HB3  1 
ATOM 492  H HG   . SER A 1 33  ? 11.217  -10.647 12.660  1.00 0.00 ? 33  SER A HG   1 
ATOM 493  N N    . TYR A 1 34  ? 8.887   -7.746  9.459   1.00 0.00 ? 34  TYR A N    1 
ATOM 494  C CA   . TYR A 1 34  ? 7.984   -7.671  8.271   1.00 0.00 ? 34  TYR A CA   1 
ATOM 495  C C    . TYR A 1 34  ? 8.670   -8.083  6.968   1.00 0.00 ? 34  TYR A C    1 
ATOM 496  O O    . TYR A 1 34  ? 9.879   -8.162  6.871   1.00 0.00 ? 34  TYR A O    1 
ATOM 497  C CB   . TYR A 1 34  ? 7.509   -6.218  8.187   1.00 0.00 ? 34  TYR A CB   1 
ATOM 498  C CG   . TYR A 1 34  ? 6.038   -6.160  8.552   1.00 0.00 ? 34  TYR A CG   1 
ATOM 499  C CD1  . TYR A 1 34  ? 5.087   -6.713  7.733   1.00 0.00 ? 34  TYR A CD1  1 
ATOM 500  C CD2  . TYR A 1 34  ? 5.660   -5.564  9.733   1.00 0.00 ? 34  TYR A CD2  1 
ATOM 501  C CE1  . TYR A 1 34  ? 3.759   -6.683  8.084   1.00 0.00 ? 34  TYR A CE1  1 
ATOM 502  C CE2  . TYR A 1 34  ? 4.334   -5.533  10.077  1.00 0.00 ? 34  TYR A CE2  1 
ATOM 503  C CZ   . TYR A 1 34  ? 3.390   -6.089  9.263   1.00 0.00 ? 34  TYR A CZ   1 
ATOM 504  O OH   . TYR A 1 34  ? 2.080   -6.044  9.649   1.00 0.00 ? 34  TYR A OH   1 
ATOM 505  H H    . TYR A 1 34  ? 9.755   -7.297  9.462   1.00 0.00 ? 34  TYR A H    1 
ATOM 506  H HA   . TYR A 1 34  ? 7.137   -8.335  8.410   1.00 0.00 ? 34  TYR A HA   1 
ATOM 507  H HB2  . TYR A 1 34  ? 8.073   -5.610  8.876   1.00 0.00 ? 34  TYR A HB2  1 
ATOM 508  H HB3  . TYR A 1 34  ? 7.645   -5.812  7.192   1.00 0.00 ? 34  TYR A HB3  1 
ATOM 509  H HD1  . TYR A 1 34  ? 5.400   -7.161  6.808   1.00 0.00 ? 34  TYR A HD1  1 
ATOM 510  H HD2  . TYR A 1 34  ? 6.402   -5.123  10.384  1.00 0.00 ? 34  TYR A HD2  1 
ATOM 511  H HE1  . TYR A 1 34  ? 3.008   -7.130  7.453   1.00 0.00 ? 34  TYR A HE1  1 
ATOM 512  H HE2  . TYR A 1 34  ? 4.006   -5.079  10.992  1.00 0.00 ? 34  TYR A HE2  1 
ATOM 513  H HH   . TYR A 1 34  ? 1.627   -5.441  9.055   1.00 0.00 ? 34  TYR A HH   1 
ATOM 514  N N    . THR A 1 35  ? 7.822   -8.328  6.006   1.00 0.00 ? 35  THR A N    1 
ATOM 515  C CA   . THR A 1 35  ? 8.252   -8.731  4.635   1.00 0.00 ? 35  THR A CA   1 
ATOM 516  C C    . THR A 1 35  ? 7.219   -8.235  3.623   1.00 0.00 ? 35  THR A C    1 
ATOM 517  O O    . THR A 1 35  ? 6.049   -8.166  3.933   1.00 0.00 ? 35  THR A O    1 
ATOM 518  C CB   . THR A 1 35  ? 8.340   -10.244 4.589   1.00 0.00 ? 35  THR A CB   1 
ATOM 519  O OG1  . THR A 1 35  ? 9.495   -10.568 5.352   1.00 0.00 ? 35  THR A OG1  1 
ATOM 520  C CG2  . THR A 1 35  ? 8.580   -10.811 3.171   1.00 0.00 ? 35  THR A CG2  1 
ATOM 521  H H    . THR A 1 35  ? 6.863   -8.271  6.184   1.00 0.00 ? 35  THR A H    1 
ATOM 522  H HA   . THR A 1 35  ? 9.210   -8.283  4.412   1.00 0.00 ? 35  THR A HA   1 
ATOM 523  H HB   . THR A 1 35  ? 7.453   -10.651 5.051   1.00 0.00 ? 35  THR A HB   1 
ATOM 524  H HG1  . THR A 1 35  ? 10.128  -11.020 4.789   1.00 0.00 ? 35  THR A HG1  1 
ATOM 525  H HG21 . THR A 1 35  ? 9.492   -10.411 2.752   1.00 0.00 ? 35  THR A HG21 1 
ATOM 526  H HG22 . THR A 1 35  ? 8.655   -11.889 3.213   1.00 0.00 ? 35  THR A HG22 1 
ATOM 527  H HG23 . THR A 1 35  ? 7.754   -10.551 2.523   1.00 0.00 ? 35  THR A HG23 1 
ATOM 528  N N    . CYS A 1 36  ? 7.663   -7.909  2.438   1.00 0.00 ? 36  CYS A N    1 
ATOM 529  C CA   . CYS A 1 36  ? 6.712   -7.430  1.393   1.00 0.00 ? 36  CYS A CA   1 
ATOM 530  C C    . CYS A 1 36  ? 6.866   -8.288  0.141   1.00 0.00 ? 36  CYS A C    1 
ATOM 531  O O    . CYS A 1 36  ? 7.809   -9.050  0.041   1.00 0.00 ? 36  CYS A O    1 
ATOM 532  C CB   . CYS A 1 36  ? 7.003   -5.939  1.084   1.00 0.00 ? 36  CYS A CB   1 
ATOM 533  S SG   . CYS A 1 36  ? 6.407   -4.739  2.304   1.00 0.00 ? 36  CYS A SG   1 
ATOM 534  H H    . CYS A 1 36  ? 8.619   -7.985  2.230   1.00 0.00 ? 36  CYS A H    1 
ATOM 535  H HA   . CYS A 1 36  ? 5.703   -7.537  1.747   1.00 0.00 ? 36  CYS A HA   1 
ATOM 536  H HB2  . CYS A 1 36  ? 8.071   -5.806  0.990   1.00 0.00 ? 36  CYS A HB2  1 
ATOM 537  H HB3  . CYS A 1 36  ? 6.553   -5.678  0.137   1.00 0.00 ? 36  CYS A HB3  1 
ATOM 538  N N    . GLU A 1 37  ? 5.926   -8.143  -0.763  1.00 0.00 ? 37  GLU A N    1 
ATOM 539  C CA   . GLU A 1 37  ? 5.927   -8.914  -2.048  1.00 0.00 ? 37  GLU A CA   1 
ATOM 540  C C    . GLU A 1 37  ? 7.300   -9.160  -2.697  1.00 0.00 ? 37  GLU A C    1 
ATOM 541  O O    . GLU A 1 37  ? 8.246   -8.439  -2.444  1.00 0.00 ? 37  GLU A O    1 
ATOM 542  C CB   . GLU A 1 37  ? 5.030   -8.177  -3.047  1.00 0.00 ? 37  GLU A CB   1 
ATOM 543  C CG   . GLU A 1 37  ? 5.392   -6.683  -3.087  1.00 0.00 ? 37  GLU A CG   1 
ATOM 544  C CD   . GLU A 1 37  ? 4.922   -6.098  -4.424  1.00 0.00 ? 37  GLU A CD   1 
ATOM 545  O OE1  . GLU A 1 37  ? 5.574   -6.437  -5.397  1.00 0.00 ? 37  GLU A OE1  1 
ATOM 546  O OE2  . GLU A 1 37  ? 3.955   -5.354  -4.411  1.00 0.00 ? 37  GLU A OE2  1 
ATOM 547  H H    . GLU A 1 37  ? 5.191   -7.511  -0.610  1.00 0.00 ? 37  GLU A H    1 
ATOM 548  H HA   . GLU A 1 37  ? 5.478   -9.875  -1.851  1.00 0.00 ? 37  GLU A HA   1 
ATOM 549  H HB2  . GLU A 1 37  ? 5.143   -8.624  -4.024  1.00 0.00 ? 37  GLU A HB2  1 
ATOM 550  H HB3  . GLU A 1 37  ? 4.002   -8.267  -2.743  1.00 0.00 ? 37  GLU A HB3  1 
ATOM 551  H HG2  . GLU A 1 37  ? 4.894   -6.154  -2.283  1.00 0.00 ? 37  GLU A HG2  1 
ATOM 552  H HG3  . GLU A 1 37  ? 6.455   -6.548  -2.980  1.00 0.00 ? 37  GLU A HG3  1 
ATOM 553  N N    . GLY A 1 38  ? 7.355   -10.176 -3.524  1.00 0.00 ? 38  GLY A N    1 
ATOM 554  C CA   . GLY A 1 38  ? 8.634   -10.521 -4.217  1.00 0.00 ? 38  GLY A CA   1 
ATOM 555  C C    . GLY A 1 38  ? 9.132   -9.333  -5.045  1.00 0.00 ? 38  GLY A C    1 
ATOM 556  O O    . GLY A 1 38  ? 8.450   -8.865  -5.937  1.00 0.00 ? 38  GLY A O    1 
ATOM 557  H H    . GLY A 1 38  ? 6.550   -10.714 -3.692  1.00 0.00 ? 38  GLY A H    1 
ATOM 558  H HA2  . GLY A 1 38  ? 9.377   -10.779 -3.475  1.00 0.00 ? 38  GLY A HA2  1 
ATOM 559  H HA3  . GLY A 1 38  ? 8.469   -11.369 -4.870  1.00 0.00 ? 38  GLY A HA3  1 
ATOM 560  N N    . GLY A 1 39  ? 10.314  -8.894  -4.700  1.00 0.00 ? 39  GLY A N    1 
ATOM 561  C CA   . GLY A 1 39  ? 10.961  -7.745  -5.389  1.00 0.00 ? 39  GLY A CA   1 
ATOM 562  C C    . GLY A 1 39  ? 11.221  -6.653  -4.359  1.00 0.00 ? 39  GLY A C    1 
ATOM 563  O O    . GLY A 1 39  ? 12.359  -6.403  -4.013  1.00 0.00 ? 39  GLY A O    1 
ATOM 564  H H    . GLY A 1 39  ? 10.790  -9.334  -3.964  1.00 0.00 ? 39  GLY A H    1 
ATOM 565  H HA2  . GLY A 1 39  ? 11.894  -8.068  -5.825  1.00 0.00 ? 39  GLY A HA2  1 
ATOM 566  H HA3  . GLY A 1 39  ? 10.318  -7.356  -6.166  1.00 0.00 ? 39  GLY A HA3  1 
ATOM 567  N N    . PHE A 1 40  ? 10.139  -6.045  -3.923  1.00 0.00 ? 40  PHE A N    1 
ATOM 568  C CA   . PHE A 1 40  ? 10.154  -4.940  -2.905  1.00 0.00 ? 40  PHE A CA   1 
ATOM 569  C C    . PHE A 1 40  ? 11.360  -4.905  -1.965  1.00 0.00 ? 40  PHE A C    1 
ATOM 570  O O    . PHE A 1 40  ? 11.832  -5.924  -1.499  1.00 0.00 ? 40  PHE A O    1 
ATOM 571  C CB   . PHE A 1 40  ? 8.853   -5.055  -2.086  1.00 0.00 ? 40  PHE A CB   1 
ATOM 572  C CG   . PHE A 1 40  ? 7.800   -4.134  -2.709  1.00 0.00 ? 40  PHE A CG   1 
ATOM 573  C CD1  . PHE A 1 40  ? 7.338   -4.307  -3.999  1.00 0.00 ? 40  PHE A CD1  1 
ATOM 574  C CD2  . PHE A 1 40  ? 7.301   -3.094  -1.965  1.00 0.00 ? 40  PHE A CD2  1 
ATOM 575  C CE1  . PHE A 1 40  ? 6.395   -3.447  -4.522  1.00 0.00 ? 40  PHE A CE1  1 
ATOM 576  C CE2  . PHE A 1 40  ? 6.367   -2.242  -2.483  1.00 0.00 ? 40  PHE A CE2  1 
ATOM 577  C CZ   . PHE A 1 40  ? 5.910   -2.414  -3.760  1.00 0.00 ? 40  PHE A CZ   1 
ATOM 578  H H    . PHE A 1 40  ? 9.271   -6.328  -4.277  1.00 0.00 ? 40  PHE A H    1 
ATOM 579  H HA   . PHE A 1 40  ? 10.135  -3.994  -3.437  1.00 0.00 ? 40  PHE A HA   1 
ATOM 580  H HB2  . PHE A 1 40  ? 8.478   -6.065  -2.090  1.00 0.00 ? 40  PHE A HB2  1 
ATOM 581  H HB3  . PHE A 1 40  ? 9.019   -4.765  -1.060  1.00 0.00 ? 40  PHE A HB3  1 
ATOM 582  H HD1  . PHE A 1 40  ? 7.706   -5.120  -4.607  1.00 0.00 ? 40  PHE A HD1  1 
ATOM 583  H HD2  . PHE A 1 40  ? 7.639   -2.947  -0.960  1.00 0.00 ? 40  PHE A HD2  1 
ATOM 584  H HE1  . PHE A 1 40  ? 6.046   -3.583  -5.533  1.00 0.00 ? 40  PHE A HE1  1 
ATOM 585  H HE2  . PHE A 1 40  ? 6.006   -1.428  -1.886  1.00 0.00 ? 40  PHE A HE2  1 
ATOM 586  H HZ   . PHE A 1 40  ? 5.166   -1.747  -4.157  1.00 0.00 ? 40  PHE A HZ   1 
ATOM 587  N N    . ARG A 1 41  ? 11.807  -3.703  -1.716  1.00 0.00 ? 41  ARG A N    1 
ATOM 588  C CA   . ARG A 1 41  ? 12.974  -3.467  -0.825  1.00 0.00 ? 41  ARG A CA   1 
ATOM 589  C C    . ARG A 1 41  ? 12.336  -2.813  0.403   1.00 0.00 ? 41  ARG A C    1 
ATOM 590  O O    . ARG A 1 41  ? 11.448  -1.998  0.249   1.00 0.00 ? 41  ARG A O    1 
ATOM 591  C CB   . ARG A 1 41  ? 13.936  -2.553  -1.618  1.00 0.00 ? 41  ARG A CB   1 
ATOM 592  C CG   . ARG A 1 41  ? 14.248  -3.292  -2.958  1.00 0.00 ? 41  ARG A CG   1 
ATOM 593  C CD   . ARG A 1 41  ? 15.289  -2.574  -3.829  1.00 0.00 ? 41  ARG A CD   1 
ATOM 594  N NE   . ARG A 1 41  ? 14.754  -1.254  -4.281  1.00 0.00 ? 41  ARG A NE   1 
ATOM 595  C CZ   . ARG A 1 41  ? 15.498  -0.185  -4.165  1.00 0.00 ? 41  ARG A CZ   1 
ATOM 596  N NH1  . ARG A 1 41  ? 15.444  0.521   -3.070  1.00 0.00 ? 41  ARG A NH1  1 
ATOM 597  N NH2  . ARG A 1 41  ? 16.276  0.141   -5.161  1.00 0.00 ? 41  ARG A NH2  1 
ATOM 598  H H    . ARG A 1 41  ? 11.385  -2.916  -2.113  1.00 0.00 ? 41  ARG A H    1 
ATOM 599  H HA   . ARG A 1 41  ? 13.443  -4.401  -0.548  1.00 0.00 ? 41  ARG A HA   1 
ATOM 600  H HB2  . ARG A 1 41  ? 13.470  -1.598  -1.816  1.00 0.00 ? 41  ARG A HB2  1 
ATOM 601  H HB3  . ARG A 1 41  ? 14.833  -2.393  -1.045  1.00 0.00 ? 41  ARG A HB3  1 
ATOM 602  H HG2  . ARG A 1 41  ? 14.592  -4.297  -2.754  1.00 0.00 ? 41  ARG A HG2  1 
ATOM 603  H HG3  . ARG A 1 41  ? 13.341  -3.368  -3.540  1.00 0.00 ? 41  ARG A HG3  1 
ATOM 604  H HD2  . ARG A 1 41  ? 16.204  -2.430  -3.271  1.00 0.00 ? 41  ARG A HD2  1 
ATOM 605  H HD3  . ARG A 1 41  ? 15.501  -3.173  -4.701  1.00 0.00 ? 41  ARG A HD3  1 
ATOM 606  H HE   . ARG A 1 41  ? 13.851  -1.195  -4.661  1.00 0.00 ? 41  ARG A HE   1 
ATOM 607  H HH11 . ARG A 1 41  ? 14.835  0.246   -2.326  1.00 0.00 ? 41  ARG A HH11 1 
ATOM 608  H HH12 . ARG A 1 41  ? 16.014  1.336   -2.976  1.00 0.00 ? 41  ARG A HH12 1 
ATOM 609  H HH21 . ARG A 1 41  ? 16.291  -0.421  -5.988  1.00 0.00 ? 41  ARG A HH21 1 
ATOM 610  H HH22 . ARG A 1 41  ? 16.858  0.951   -5.098  1.00 0.00 ? 41  ARG A HH22 1 
ATOM 611  N N    . ILE A 1 42  ? 12.806  -3.177  1.570   1.00 0.00 ? 42  ILE A N    1 
ATOM 612  C CA   . ILE A 1 42  ? 12.239  -2.605  2.830   1.00 0.00 ? 42  ILE A CA   1 
ATOM 613  C C    . ILE A 1 42  ? 13.254  -1.681  3.511   1.00 0.00 ? 42  ILE A C    1 
ATOM 614  O O    . ILE A 1 42  ? 14.394  -2.048  3.724   1.00 0.00 ? 42  ILE A O    1 
ATOM 615  C CB   . ILE A 1 42  ? 11.822  -3.855  3.696   1.00 0.00 ? 42  ILE A CB   1 
ATOM 616  C CG1  . ILE A 1 42  ? 10.818  -3.487  4.821   1.00 0.00 ? 42  ILE A CG1  1 
ATOM 617  C CG2  . ILE A 1 42  ? 13.063  -4.475  4.386   1.00 0.00 ? 42  ILE A CG2  1 
ATOM 618  C CD1  . ILE A 1 42  ? 10.059  -4.767  5.258   1.00 0.00 ? 42  ILE A CD1  1 
ATOM 619  H H    . ILE A 1 42  ? 13.533  -3.830  1.625   1.00 0.00 ? 42  ILE A H    1 
ATOM 620  H HA   . ILE A 1 42  ? 11.353  -2.033  2.602   1.00 0.00 ? 42  ILE A HA   1 
ATOM 621  H HB   . ILE A 1 42  ? 11.383  -4.595  3.043   1.00 0.00 ? 42  ILE A HB   1 
ATOM 622  H HG12 . ILE A 1 42  ? 11.341  -3.069  5.671   1.00 0.00 ? 42  ILE A HG12 1 
ATOM 623  H HG13 . ILE A 1 42  ? 10.102  -2.765  4.466   1.00 0.00 ? 42  ILE A HG13 1 
ATOM 624  H HG21 . ILE A 1 42  ? 13.808  -4.743  3.653   1.00 0.00 ? 42  ILE A HG21 1 
ATOM 625  H HG22 . ILE A 1 42  ? 13.492  -3.774  5.088   1.00 0.00 ? 42  ILE A HG22 1 
ATOM 626  H HG23 . ILE A 1 42  ? 12.778  -5.360  4.933   1.00 0.00 ? 42  ILE A HG23 1 
ATOM 627  H HD11 . ILE A 1 42  ? 10.736  -5.540  5.587   1.00 0.00 ? 42  ILE A HD11 1 
ATOM 628  H HD12 . ILE A 1 42  ? 9.378   -4.545  6.061   1.00 0.00 ? 42  ILE A HD12 1 
ATOM 629  H HD13 . ILE A 1 42  ? 9.493   -5.158  4.427   1.00 0.00 ? 42  ILE A HD13 1 
ATOM 630  N N    . SER A 1 43  ? 12.791  -0.495  3.819   1.00 0.00 ? 43  SER A N    1 
ATOM 631  C CA   . SER A 1 43  ? 13.640  0.526   4.491   1.00 0.00 ? 43  SER A CA   1 
ATOM 632  C C    . SER A 1 43  ? 13.056  0.815   5.869   1.00 0.00 ? 43  SER A C    1 
ATOM 633  O O    . SER A 1 43  ? 11.887  0.583   6.122   1.00 0.00 ? 43  SER A O    1 
ATOM 634  C CB   . SER A 1 43  ? 13.663  1.797   3.628   1.00 0.00 ? 43  SER A CB   1 
ATOM 635  O OG   . SER A 1 43  ? 12.319  2.024   3.227   1.00 0.00 ? 43  SER A OG   1 
ATOM 636  H H    . SER A 1 43  ? 11.871  -0.249  3.609   1.00 0.00 ? 43  SER A H    1 
ATOM 637  H HA   . SER A 1 43  ? 14.646  0.151   4.610   1.00 0.00 ? 43  SER A HA   1 
ATOM 638  H HB2  . SER A 1 43  ? 14.001  2.644   4.201   1.00 0.00 ? 43  SER A HB2  1 
ATOM 639  H HB3  . SER A 1 43  ? 14.297  1.666   2.767   1.00 0.00 ? 43  SER A HB3  1 
ATOM 640  H HG   . SER A 1 43  ? 12.072  2.915   3.480   1.00 0.00 ? 43  SER A HG   1 
ATOM 641  N N    . GLU A 1 44  ? 13.934  1.326   6.695   1.00 0.00 ? 44  GLU A N    1 
ATOM 642  C CA   . GLU A 1 44  ? 13.600  1.683   8.106   1.00 0.00 ? 44  GLU A CA   1 
ATOM 643  C C    . GLU A 1 44  ? 13.154  0.390   8.810   1.00 0.00 ? 44  GLU A C    1 
ATOM 644  O O    . GLU A 1 44  ? 11.978  0.095   8.866   1.00 0.00 ? 44  GLU A O    1 
ATOM 645  C CB   . GLU A 1 44  ? 12.471  2.758   8.118   1.00 0.00 ? 44  GLU A CB   1 
ATOM 646  C CG   . GLU A 1 44  ? 12.184  3.172   9.582   1.00 0.00 ? 44  GLU A CG   1 
ATOM 647  C CD   . GLU A 1 44  ? 11.122  4.284   9.606   1.00 0.00 ? 44  GLU A CD   1 
ATOM 648  O OE1  . GLU A 1 44  ? 11.469  5.377   9.185   1.00 0.00 ? 44  GLU A OE1  1 
ATOM 649  O OE2  . GLU A 1 44  ? 10.023  3.980   10.039  1.00 0.00 ? 44  GLU A OE2  1 
ATOM 650  H H    . GLU A 1 44  ? 14.842  1.476   6.359   1.00 0.00 ? 44  GLU A H    1 
ATOM 651  H HA   . GLU A 1 44  ? 14.492  2.059   8.587   1.00 0.00 ? 44  GLU A HA   1 
ATOM 652  H HB2  . GLU A 1 44  ? 12.802  3.623   7.561   1.00 0.00 ? 44  GLU A HB2  1 
ATOM 653  H HB3  . GLU A 1 44  ? 11.562  2.384   7.669   1.00 0.00 ? 44  GLU A HB3  1 
ATOM 654  H HG2  . GLU A 1 44  ? 11.834  2.326   10.157  1.00 0.00 ? 44  GLU A HG2  1 
ATOM 655  H HG3  . GLU A 1 44  ? 13.089  3.546   10.038  1.00 0.00 ? 44  GLU A HG3  1 
ATOM 656  N N    . GLU A 1 45  ? 14.156  -0.304  9.302   1.00 0.00 ? 45  GLU A N    1 
ATOM 657  C CA   . GLU A 1 45  ? 14.051  -1.612  10.042  1.00 0.00 ? 45  GLU A CA   1 
ATOM 658  C C    . GLU A 1 45  ? 12.696  -2.335  9.896   1.00 0.00 ? 45  GLU A C    1 
ATOM 659  O O    . GLU A 1 45  ? 11.686  -1.861  10.381  1.00 0.00 ? 45  GLU A O    1 
ATOM 660  C CB   . GLU A 1 45  ? 14.335  -1.334  11.539  1.00 0.00 ? 45  GLU A CB   1 
ATOM 661  C CG   . GLU A 1 45  ? 14.498  -2.679  12.274  1.00 0.00 ? 45  GLU A CG   1 
ATOM 662  C CD   . GLU A 1 45  ? 14.530  -2.489  13.798  1.00 0.00 ? 45  GLU A CD   1 
ATOM 663  O OE1  . GLU A 1 45  ? 15.384  -1.742  14.251  1.00 0.00 ? 45  GLU A OE1  1 
ATOM 664  O OE2  . GLU A 1 45  ? 13.693  -3.112  14.432  1.00 0.00 ? 45  GLU A OE2  1 
ATOM 665  H H    . GLU A 1 45  ? 15.054  0.063   9.173   1.00 0.00 ? 45  GLU A H    1 
ATOM 666  H HA   . GLU A 1 45  ? 14.825  -2.263  9.662   1.00 0.00 ? 45  GLU A HA   1 
ATOM 667  H HB2  . GLU A 1 45  ? 15.238  -0.748  11.645  1.00 0.00 ? 45  GLU A HB2  1 
ATOM 668  H HB3  . GLU A 1 45  ? 13.511  -0.789  11.976  1.00 0.00 ? 45  GLU A HB3  1 
ATOM 669  H HG2  . GLU A 1 45  ? 13.663  -3.306  12.016  1.00 0.00 ? 45  GLU A HG2  1 
ATOM 670  H HG3  . GLU A 1 45  ? 15.412  -3.167  11.966  1.00 0.00 ? 45  GLU A HG3  1 
ATOM 671  N N    . ASN A 1 46  ? 12.720  -3.471  9.241   1.00 0.00 ? 46  ASN A N    1 
ATOM 672  C CA   . ASN A 1 46  ? 11.465  -4.257  9.028   1.00 0.00 ? 46  ASN A CA   1 
ATOM 673  C C    . ASN A 1 46  ? 10.855  -4.883  10.295  1.00 0.00 ? 46  ASN A C    1 
ATOM 674  O O    . ASN A 1 46  ? 10.930  -6.074  10.514  1.00 0.00 ? 46  ASN A O    1 
ATOM 675  C CB   . ASN A 1 46  ? 11.771  -5.357  8.001   1.00 0.00 ? 46  ASN A CB   1 
ATOM 676  C CG   . ASN A 1 46  ? 13.019  -6.177  8.360   1.00 0.00 ? 46  ASN A CG   1 
ATOM 677  O OD1  . ASN A 1 46  ? 13.264  -6.571  9.483   1.00 0.00 ? 46  ASN A OD1  1 
ATOM 678  N ND2  . ASN A 1 46  ? 13.841  -6.451  7.393   1.00 0.00 ? 46  ASN A ND2  1 
ATOM 679  H H    . ASN A 1 46  ? 13.569  -3.812  8.888   1.00 0.00 ? 46  ASN A H    1 
ATOM 680  H HA   . ASN A 1 46  ? 10.740  -3.604  8.578   1.00 0.00 ? 46  ASN A HA   1 
ATOM 681  H HB2  . ASN A 1 46  ? 10.925  -6.018  7.907   1.00 0.00 ? 46  ASN A HB2  1 
ATOM 682  H HB3  . ASN A 1 46  ? 11.955  -4.881  7.053   1.00 0.00 ? 46  ASN A HB3  1 
ATOM 683  H HD21 . ASN A 1 46  ? 13.637  -6.152  6.486   1.00 0.00 ? 46  ASN A HD21 1 
ATOM 684  H HD22 . ASN A 1 46  ? 14.656  -6.956  7.567   1.00 0.00 ? 46  ASN A HD22 1 
ATOM 685  N N    . GLU A 1 47  ? 10.249  -4.037  11.083  1.00 0.00 ? 47  GLU A N    1 
ATOM 686  C CA   . GLU A 1 47  ? 9.602   -4.474  12.351  1.00 0.00 ? 47  GLU A CA   1 
ATOM 687  C C    . GLU A 1 47  ? 8.408   -3.572  12.687  1.00 0.00 ? 47  GLU A C    1 
ATOM 688  O O    . GLU A 1 47  ? 8.382   -2.404  12.352  1.00 0.00 ? 47  GLU A O    1 
ATOM 689  C CB   . GLU A 1 47  ? 10.609  -4.408  13.538  1.00 0.00 ? 47  GLU A CB   1 
ATOM 690  C CG   . GLU A 1 47  ? 11.218  -5.798  13.897  1.00 0.00 ? 47  GLU A CG   1 
ATOM 691  C CD   . GLU A 1 47  ? 12.390  -6.276  13.009  1.00 0.00 ? 47  GLU A CD   1 
ATOM 692  O OE1  . GLU A 1 47  ? 12.955  -5.485  12.279  1.00 0.00 ? 47  GLU A OE1  1 
ATOM 693  O OE2  . GLU A 1 47  ? 12.673  -7.456  13.122  1.00 0.00 ? 47  GLU A OE2  1 
ATOM 694  H H    . GLU A 1 47  ? 10.213  -3.094  10.829  1.00 0.00 ? 47  GLU A H    1 
ATOM 695  H HA   . GLU A 1 47  ? 9.247   -5.485  12.221  1.00 0.00 ? 47  GLU A HA   1 
ATOM 696  H HB2  . GLU A 1 47  ? 11.399  -3.710  13.304  1.00 0.00 ? 47  GLU A HB2  1 
ATOM 697  H HB3  . GLU A 1 47  ? 10.104  -4.044  14.422  1.00 0.00 ? 47  GLU A HB3  1 
ATOM 698  H HG2  . GLU A 1 47  ? 11.583  -5.735  14.909  1.00 0.00 ? 47  GLU A HG2  1 
ATOM 699  H HG3  . GLU A 1 47  ? 10.443  -6.548  13.879  1.00 0.00 ? 47  GLU A HG3  1 
ATOM 700  N N    . THR A 1 48  ? 7.461   -4.174  13.348  1.00 0.00 ? 48  THR A N    1 
ATOM 701  C CA   . THR A 1 48  ? 6.212   -3.483  13.790  1.00 0.00 ? 48  THR A CA   1 
ATOM 702  C C    . THR A 1 48  ? 6.064   -3.834  15.264  1.00 0.00 ? 48  THR A C    1 
ATOM 703  O O    . THR A 1 48  ? 6.662   -4.791  15.707  1.00 0.00 ? 48  THR A O    1 
ATOM 704  C CB   . THR A 1 48  ? 4.994   -4.011  13.021  1.00 0.00 ? 48  THR A CB   1 
ATOM 705  O OG1  . THR A 1 48  ? 3.866   -3.333  13.561  1.00 0.00 ? 48  THR A OG1  1 
ATOM 706  C CG2  . THR A 1 48  ? 4.755   -5.532  13.307  1.00 0.00 ? 48  THR A CG2  1 
ATOM 707  H H    . THR A 1 48  ? 7.587   -5.122  13.553  1.00 0.00 ? 48  THR A H    1 
ATOM 708  H HA   . THR A 1 48  ? 6.312   -2.414  13.681  1.00 0.00 ? 48  THR A HA   1 
ATOM 709  H HB   . THR A 1 48  ? 5.075   -3.750  11.981  1.00 0.00 ? 48  THR A HB   1 
ATOM 710  H HG1  . THR A 1 48  ? 3.218   -3.983  13.840  1.00 0.00 ? 48  THR A HG1  1 
ATOM 711  H HG21 . THR A 1 48  ? 4.640   -5.690  14.366  1.00 0.00 ? 48  THR A HG21 1 
ATOM 712  H HG22 . THR A 1 48  ? 3.854   -5.885  12.831  1.00 0.00 ? 48  THR A HG22 1 
ATOM 713  H HG23 . THR A 1 48  ? 5.589   -6.127  12.960  1.00 0.00 ? 48  THR A HG23 1 
ATOM 714  N N    . THR A 1 49  ? 5.276   -3.068  15.965  1.00 0.00 ? 49  THR A N    1 
ATOM 715  C CA   . THR A 1 49  ? 5.064   -3.337  17.418  1.00 0.00 ? 49  THR A CA   1 
ATOM 716  C C    . THR A 1 49  ? 3.560   -3.287  17.700  1.00 0.00 ? 49  THR A C    1 
ATOM 717  O O    . THR A 1 49  ? 2.824   -2.656  16.965  1.00 0.00 ? 49  THR A O    1 
ATOM 718  C CB   . THR A 1 49  ? 5.817   -2.261  18.240  1.00 0.00 ? 49  THR A CB   1 
ATOM 719  O OG1  . THR A 1 49  ? 7.179   -2.405  17.850  1.00 0.00 ? 49  THR A OG1  1 
ATOM 720  C CG2  . THR A 1 49  ? 5.793   -2.588  19.749  1.00 0.00 ? 49  THR A CG2  1 
ATOM 721  H H    . THR A 1 49  ? 4.821   -2.318  15.532  1.00 0.00 ? 49  THR A H    1 
ATOM 722  H HA   . THR A 1 49  ? 5.410   -4.336  17.643  1.00 0.00 ? 49  THR A HA   1 
ATOM 723  H HB   . THR A 1 49  ? 5.478   -1.259  18.023  1.00 0.00 ? 49  THR A HB   1 
ATOM 724  H HG1  . THR A 1 49  ? 7.709   -2.617  18.622  1.00 0.00 ? 49  THR A HG1  1 
ATOM 725  H HG21 . THR A 1 49  ? 6.259   -3.544  19.937  1.00 0.00 ? 49  THR A HG21 1 
ATOM 726  H HG22 . THR A 1 49  ? 6.325   -1.827  20.299  1.00 0.00 ? 49  THR A HG22 1 
ATOM 727  H HG23 . THR A 1 49  ? 4.777   -2.621  20.110  1.00 0.00 ? 49  THR A HG23 1 
ATOM 728  N N    . CYS A 1 50  ? 3.167   -3.951  18.760  1.00 0.00 ? 50  CYS A N    1 
ATOM 729  C CA   . CYS A 1 50  ? 1.731   -3.999  19.168  1.00 0.00 ? 50  CYS A CA   1 
ATOM 730  C C    . CYS A 1 50  ? 1.528   -3.334  20.522  1.00 0.00 ? 50  CYS A C    1 
ATOM 731  O O    . CYS A 1 50  ? 2.232   -3.622  21.468  1.00 0.00 ? 50  CYS A O    1 
ATOM 732  C CB   . CYS A 1 50  ? 1.255   -5.445  19.287  1.00 0.00 ? 50  CYS A CB   1 
ATOM 733  S SG   . CYS A 1 50  ? -0.314  -5.694  20.156  1.00 0.00 ? 50  CYS A SG   1 
ATOM 734  H H    . CYS A 1 50  ? 3.833   -4.427  19.297  1.00 0.00 ? 50  CYS A H    1 
ATOM 735  H HA   . CYS A 1 50  ? 1.139   -3.480  18.425  1.00 0.00 ? 50  CYS A HA   1 
ATOM 736  H HB2  . CYS A 1 50  ? 1.141   -5.847  18.294  1.00 0.00 ? 50  CYS A HB2  1 
ATOM 737  H HB3  . CYS A 1 50  ? 2.007   -6.024  19.801  1.00 0.00 ? 50  CYS A HB3  1 
ATOM 738  N N    . TYR A 1 51  ? 0.552   -2.472  20.551  1.00 0.00 ? 51  TYR A N    1 
ATOM 739  C CA   . TYR A 1 51  ? 0.193   -1.716  21.776  1.00 0.00 ? 51  TYR A CA   1 
ATOM 740  C C    . TYR A 1 51  ? -1.331  -1.791  21.931  1.00 0.00 ? 51  TYR A C    1 
ATOM 741  O O    . TYR A 1 51  ? -2.051  -1.587  20.978  1.00 0.00 ? 51  TYR A O    1 
ATOM 742  C CB   . TYR A 1 51  ? 0.693   -0.283  21.577  1.00 0.00 ? 51  TYR A CB   1 
ATOM 743  C CG   . TYR A 1 51  ? 0.431   0.576   22.818  1.00 0.00 ? 51  TYR A CG   1 
ATOM 744  C CD1  . TYR A 1 51  ? 0.726   0.107   24.085  1.00 0.00 ? 51  TYR A CD1  1 
ATOM 745  C CD2  . TYR A 1 51  ? -0.096  1.844   22.678  1.00 0.00 ? 51  TYR A CD2  1 
ATOM 746  C CE1  . TYR A 1 51  ? 0.494   0.893   25.189  1.00 0.00 ? 51  TYR A CE1  1 
ATOM 747  C CE2  . TYR A 1 51  ? -0.327  2.630   23.784  1.00 0.00 ? 51  TYR A CE2  1 
ATOM 748  C CZ   . TYR A 1 51  ? -0.033  2.159   25.047  1.00 0.00 ? 51  TYR A CZ   1 
ATOM 749  O OH   . TYR A 1 51  ? -0.263  2.948   26.157  1.00 0.00 ? 51  TYR A OH   1 
ATOM 750  H H    . TYR A 1 51  ? 0.031   -2.321  19.743  1.00 0.00 ? 51  TYR A H    1 
ATOM 751  H HA   . TYR A 1 51  ? 0.656   -2.184  22.633  1.00 0.00 ? 51  TYR A HA   1 
ATOM 752  H HB2  . TYR A 1 51  ? 1.756   -0.296  21.383  1.00 0.00 ? 51  TYR A HB2  1 
ATOM 753  H HB3  . TYR A 1 51  ? 0.191   0.162   20.728  1.00 0.00 ? 51  TYR A HB3  1 
ATOM 754  H HD1  . TYR A 1 51  ? 1.139   -0.882  24.218  1.00 0.00 ? 51  TYR A HD1  1 
ATOM 755  H HD2  . TYR A 1 51  ? -0.329  2.224   21.693  1.00 0.00 ? 51  TYR A HD2  1 
ATOM 756  H HE1  . TYR A 1 51  ? 0.726   0.513   26.172  1.00 0.00 ? 51  TYR A HE1  1 
ATOM 757  H HE2  . TYR A 1 51  ? -0.739  3.619   23.658  1.00 0.00 ? 51  TYR A HE2  1 
ATOM 758  H HH   . TYR A 1 51  ? 0.239   2.583   26.886  1.00 0.00 ? 51  TYR A HH   1 
ATOM 759  N N    . MET A 1 52  ? -1.773  -2.070  23.128  1.00 0.00 ? 52  MET A N    1 
ATOM 760  C CA   . MET A 1 52  ? -3.237  -2.187  23.450  1.00 0.00 ? 52  MET A CA   1 
ATOM 761  C C    . MET A 1 52  ? -4.121  -2.921  22.395  1.00 0.00 ? 52  MET A C    1 
ATOM 762  O O    . MET A 1 52  ? -5.284  -2.603  22.234  1.00 0.00 ? 52  MET A O    1 
ATOM 763  C CB   . MET A 1 52  ? -3.784  -0.758  23.672  1.00 0.00 ? 52  MET A CB   1 
ATOM 764  C CG   . MET A 1 52  ? -3.146  -0.102  24.910  1.00 0.00 ? 52  MET A CG   1 
ATOM 765  S SD   . MET A 1 52  ? -3.505  1.647   25.232  1.00 0.00 ? 52  MET A SD   1 
ATOM 766  C CE   . MET A 1 52  ? -5.121  1.792   24.424  1.00 0.00 ? 52  MET A CE   1 
ATOM 767  H H    . MET A 1 52  ? -1.120  -2.204  23.845  1.00 0.00 ? 52  MET A H    1 
ATOM 768  H HA   . MET A 1 52  ? -3.320  -2.736  24.375  1.00 0.00 ? 52  MET A HA   1 
ATOM 769  H HB2  . MET A 1 52  ? -3.601  -0.151  22.797  1.00 0.00 ? 52  MET A HB2  1 
ATOM 770  H HB3  . MET A 1 52  ? -4.850  -0.814  23.831  1.00 0.00 ? 52  MET A HB3  1 
ATOM 771  H HG2  . MET A 1 52  ? -3.448  -0.662  25.783  1.00 0.00 ? 52  MET A HG2  1 
ATOM 772  H HG3  . MET A 1 52  ? -2.073  -0.189  24.827  1.00 0.00 ? 52  MET A HG3  1 
ATOM 773  H HE1  . MET A 1 52  ? -5.781  1.008   24.768  1.00 0.00 ? 52  MET A HE1  1 
ATOM 774  H HE2  . MET A 1 52  ? -5.560  2.743   24.690  1.00 0.00 ? 52  MET A HE2  1 
ATOM 775  H HE3  . MET A 1 52  ? -4.999  1.751   23.352  1.00 0.00 ? 52  MET A HE3  1 
ATOM 776  N N    . GLY A 1 53  ? -3.554  -3.878  21.702  1.00 0.00 ? 53  GLY A N    1 
ATOM 777  C CA   . GLY A 1 53  ? -4.318  -4.662  20.666  1.00 0.00 ? 53  GLY A CA   1 
ATOM 778  C C    . GLY A 1 53  ? -4.295  -4.061  19.261  1.00 0.00 ? 53  GLY A C    1 
ATOM 779  O O    . GLY A 1 53  ? -4.765  -4.654  18.309  1.00 0.00 ? 53  GLY A O    1 
ATOM 780  H H    . GLY A 1 53  ? -2.609  -4.084  21.860  1.00 0.00 ? 53  GLY A H    1 
ATOM 781  H HA2  . GLY A 1 53  ? -3.836  -5.621  20.612  1.00 0.00 ? 53  GLY A HA2  1 
ATOM 782  H HA3  . GLY A 1 53  ? -5.339  -4.826  20.968  1.00 0.00 ? 53  GLY A HA3  1 
ATOM 783  N N    . LYS A 1 54  ? -3.735  -2.890  19.201  1.00 0.00 ? 54  LYS A N    1 
ATOM 784  C CA   . LYS A 1 54  ? -3.599  -2.111  17.939  1.00 0.00 ? 54  LYS A CA   1 
ATOM 785  C C    . LYS A 1 54  ? -2.129  -2.257  17.529  1.00 0.00 ? 54  LYS A C    1 
ATOM 786  O O    . LYS A 1 54  ? -1.263  -2.332  18.376  1.00 0.00 ? 54  LYS A O    1 
ATOM 787  C CB   . LYS A 1 54  ? -3.958  -0.642  18.263  1.00 0.00 ? 54  LYS A CB   1 
ATOM 788  C CG   . LYS A 1 54  ? -5.140  -0.106  17.425  1.00 0.00 ? 54  LYS A CG   1 
ATOM 789  C CD   . LYS A 1 54  ? -6.054  0.771   18.325  1.00 0.00 ? 54  LYS A CD   1 
ATOM 790  C CE   . LYS A 1 54  ? -5.288  1.955   18.971  1.00 0.00 ? 54  LYS A CE   1 
ATOM 791  N NZ   . LYS A 1 54  ? -6.197  2.692   19.896  1.00 0.00 ? 54  LYS A NZ   1 
ATOM 792  H H    . LYS A 1 54  ? -3.384  -2.505  20.024  1.00 0.00 ? 54  LYS A H    1 
ATOM 793  H HA   . LYS A 1 54  ? -4.234  -2.535  17.171  1.00 0.00 ? 54  LYS A HA   1 
ATOM 794  H HB2  . LYS A 1 54  ? -4.186  -0.561  19.318  1.00 0.00 ? 54  LYS A HB2  1 
ATOM 795  H HB3  . LYS A 1 54  ? -3.098  -0.016  18.067  1.00 0.00 ? 54  LYS A HB3  1 
ATOM 796  H HG2  . LYS A 1 54  ? -4.760  0.494   16.611  1.00 0.00 ? 54  LYS A HG2  1 
ATOM 797  H HG3  . LYS A 1 54  ? -5.723  -0.917  17.011  1.00 0.00 ? 54  LYS A HG3  1 
ATOM 798  H HD2  . LYS A 1 54  ? -6.870  1.158   17.732  1.00 0.00 ? 54  LYS A HD2  1 
ATOM 799  H HD3  . LYS A 1 54  ? -6.470  0.147   19.103  1.00 0.00 ? 54  LYS A HD3  1 
ATOM 800  H HE2  . LYS A 1 54  ? -4.440  1.607   19.541  1.00 0.00 ? 54  LYS A HE2  1 
ATOM 801  H HE3  . LYS A 1 54  ? -4.939  2.643   18.215  1.00 0.00 ? 54  LYS A HE3  1 
ATOM 802  H HZ1  . LYS A 1 54  ? -7.136  2.247   19.890  1.00 0.00 ? 54  LYS A HZ1  1 
ATOM 803  H HZ2  . LYS A 1 54  ? -5.807  2.658   20.860  1.00 0.00 ? 54  LYS A HZ2  1 
ATOM 804  H HZ3  . LYS A 1 54  ? -6.279  3.682   19.592  1.00 0.00 ? 54  LYS A HZ3  1 
ATOM 805  N N    . TRP A 1 55  ? -1.876  -2.287  16.252  1.00 0.00 ? 55  TRP A N    1 
ATOM 806  C CA   . TRP A 1 55  ? -0.475  -2.423  15.755  1.00 0.00 ? 55  TRP A CA   1 
ATOM 807  C C    . TRP A 1 55  ? -0.023  -1.055  15.270  1.00 0.00 ? 55  TRP A C    1 
ATOM 808  O O    . TRP A 1 55  ? -0.835  -0.192  14.993  1.00 0.00 ? 55  TRP A O    1 
ATOM 809  C CB   . TRP A 1 55  ? -0.434  -3.386  14.604  1.00 0.00 ? 55  TRP A CB   1 
ATOM 810  C CG   . TRP A 1 55  ? -0.505  -4.837  15.067  1.00 0.00 ? 55  TRP A CG   1 
ATOM 811  C CD1  . TRP A 1 55  ? -1.634  -5.582  15.065  1.00 0.00 ? 55  TRP A CD1  1 
ATOM 812  C CD2  . TRP A 1 55  ? 0.534   -5.582  15.493  1.00 0.00 ? 55  TRP A CD2  1 
ATOM 813  N NE1  . TRP A 1 55  ? -1.209  -6.754  15.493  1.00 0.00 ? 55  TRP A NE1  1 
ATOM 814  C CE2  . TRP A 1 55  ? 0.084   -6.854  15.775  1.00 0.00 ? 55  TRP A CE2  1 
ATOM 815  C CE3  . TRP A 1 55  ? 1.873   -5.264  15.666  1.00 0.00 ? 55  TRP A CE3  1 
ATOM 816  C CZ2  . TRP A 1 55  ? 0.971   -7.807  16.225  1.00 0.00 ? 55  TRP A CZ2  1 
ATOM 817  C CZ3  . TRP A 1 55  ? 2.755   -6.218  16.114  1.00 0.00 ? 55  TRP A CZ3  1 
ATOM 818  C CH2  . TRP A 1 55  ? 2.303   -7.485  16.391  1.00 0.00 ? 55  TRP A CH2  1 
ATOM 819  H H    . TRP A 1 55  ? -2.604  -2.221  15.604  1.00 0.00 ? 55  TRP A H    1 
ATOM 820  H HA   . TRP A 1 55  ? 0.206   -2.797  16.508  1.00 0.00 ? 55  TRP A HA   1 
ATOM 821  H HB2  . TRP A 1 55  ? -1.270  -3.202  13.942  1.00 0.00 ? 55  TRP A HB2  1 
ATOM 822  H HB3  . TRP A 1 55  ? 0.468   -3.267  14.040  1.00 0.00 ? 55  TRP A HB3  1 
ATOM 823  H HD1  . TRP A 1 55  ? -2.620  -5.263  14.774  1.00 0.00 ? 55  TRP A HD1  1 
ATOM 824  H HE1  . TRP A 1 55  ? -1.823  -7.515  15.601  1.00 0.00 ? 55  TRP A HE1  1 
ATOM 825  H HE3  . TRP A 1 55  ? 2.239   -4.268  15.465  1.00 0.00 ? 55  TRP A HE3  1 
ATOM 826  H HZ2  . TRP A 1 55  ? 0.622   -8.805  16.441  1.00 0.00 ? 55  TRP A HZ2  1 
ATOM 827  H HZ3  . TRP A 1 55  ? 3.798   -5.975  16.256  1.00 0.00 ? 55  TRP A HZ3  1 
ATOM 828  H HH2  . TRP A 1 55  ? 3.002   -8.226  16.735  1.00 0.00 ? 55  TRP A HH2  1 
ATOM 829  N N    . SER A 1 56  ? 1.271   -0.902  15.175  1.00 0.00 ? 56  SER A N    1 
ATOM 830  C CA   . SER A 1 56  ? 1.832   0.393   14.706  1.00 0.00 ? 56  SER A CA   1 
ATOM 831  C C    . SER A 1 56  ? 2.049   0.248   13.200  1.00 0.00 ? 56  SER A C    1 
ATOM 832  O O    . SER A 1 56  ? 1.998   -0.847  12.670  1.00 0.00 ? 56  SER A O    1 
ATOM 833  C CB   . SER A 1 56  ? 3.156   0.638   15.433  1.00 0.00 ? 56  SER A CB   1 
ATOM 834  O OG   . SER A 1 56  ? 2.798   0.629   16.807  1.00 0.00 ? 56  SER A OG   1 
ATOM 835  H H    . SER A 1 56  ? 1.879   -1.629  15.423  1.00 0.00 ? 56  SER A H    1 
ATOM 836  H HA   . SER A 1 56  ? 1.134   1.197   14.897  1.00 0.00 ? 56  SER A HA   1 
ATOM 837  H HB2  . SER A 1 56  ? 3.885   -0.136  15.241  1.00 0.00 ? 56  SER A HB2  1 
ATOM 838  H HB3  . SER A 1 56  ? 3.565   1.603   15.186  1.00 0.00 ? 56  SER A HB3  1 
ATOM 839  H HG   . SER A 1 56  ? 3.285   -0.077  17.236  1.00 0.00 ? 56  SER A HG   1 
ATOM 840  N N    . SER A 1 57  ? 2.282   1.357   12.549  1.00 0.00 ? 57  SER A N    1 
ATOM 841  C CA   . SER A 1 57  ? 2.501   1.301   11.078  1.00 0.00 ? 57  SER A CA   1 
ATOM 842  C C    . SER A 1 57  ? 3.763   0.450   10.829  1.00 0.00 ? 57  SER A C    1 
ATOM 843  O O    . SER A 1 57  ? 4.766   0.687   11.478  1.00 0.00 ? 57  SER A O    1 
ATOM 844  C CB   . SER A 1 57  ? 2.687   2.739   10.557  1.00 0.00 ? 57  SER A CB   1 
ATOM 845  O OG   . SER A 1 57  ? 2.881   2.583   9.158   1.00 0.00 ? 57  SER A OG   1 
ATOM 846  H H    . SER A 1 57  ? 2.314   2.214   13.023  1.00 0.00 ? 57  SER A H    1 
ATOM 847  H HA   . SER A 1 57  ? 1.630   0.857   10.631  1.00 0.00 ? 57  SER A HA   1 
ATOM 848  H HB2  . SER A 1 57  ? 1.801   3.333   10.726  1.00 0.00 ? 57  SER A HB2  1 
ATOM 849  H HB3  . SER A 1 57  ? 3.548   3.223   10.995  1.00 0.00 ? 57  SER A HB3  1 
ATOM 850  H HG   . SER A 1 57  ? 3.745   2.939   8.937   1.00 0.00 ? 57  SER A HG   1 
ATOM 851  N N    . PRO A 1 58  ? 3.703   -0.509  9.929   1.00 0.00 ? 58  PRO A N    1 
ATOM 852  C CA   . PRO A 1 58  ? 4.892   -1.304  9.513   1.00 0.00 ? 58  PRO A CA   1 
ATOM 853  C C    . PRO A 1 58  ? 6.085   -0.451  9.050   1.00 0.00 ? 58  PRO A C    1 
ATOM 854  O O    . PRO A 1 58  ? 6.025   0.762   9.041   1.00 0.00 ? 58  PRO A O    1 
ATOM 855  C CB   . PRO A 1 58  ? 4.347   -2.207  8.421   1.00 0.00 ? 58  PRO A CB   1 
ATOM 856  C CG   . PRO A 1 58  ? 3.126   -1.429  7.884   1.00 0.00 ? 58  PRO A CG   1 
ATOM 857  C CD   . PRO A 1 58  ? 2.493   -0.959  9.166   1.00 0.00 ? 58  PRO A CD   1 
ATOM 858  H HA   . PRO A 1 58  ? 5.228   -1.892  10.357  1.00 0.00 ? 58  PRO A HA   1 
ATOM 859  H HB2  . PRO A 1 58  ? 5.078   -2.320  7.634   1.00 0.00 ? 58  PRO A HB2  1 
ATOM 860  H HB3  . PRO A 1 58  ? 4.066   -3.176  8.806   1.00 0.00 ? 58  PRO A HB3  1 
ATOM 861  H HG2  . PRO A 1 58  ? 3.408   -0.596  7.255   1.00 0.00 ? 58  PRO A HG2  1 
ATOM 862  H HG3  . PRO A 1 58  ? 2.448   -2.086  7.360   1.00 0.00 ? 58  PRO A HG3  1 
ATOM 863  H HD2  . PRO A 1 58  ? 1.807   -0.151  8.980   1.00 0.00 ? 58  PRO A HD2  1 
ATOM 864  H HD3  . PRO A 1 58  ? 2.013   -1.802  9.647   1.00 0.00 ? 58  PRO A HD3  1 
ATOM 865  N N    . PRO A 1 59  ? 7.147   -1.121  8.672   1.00 0.00 ? 59  PRO A N    1 
ATOM 866  C CA   . PRO A 1 59  ? 8.238   -0.533  7.852   1.00 0.00 ? 59  PRO A CA   1 
ATOM 867  C C    . PRO A 1 59  ? 7.717   0.120   6.572   1.00 0.00 ? 59  PRO A C    1 
ATOM 868  O O    . PRO A 1 59  ? 6.530   0.138   6.304   1.00 0.00 ? 59  PRO A O    1 
ATOM 869  C CB   . PRO A 1 59  ? 9.173   -1.711  7.592   1.00 0.00 ? 59  PRO A CB   1 
ATOM 870  C CG   . PRO A 1 59  ? 8.244   -2.940  7.752   1.00 0.00 ? 59  PRO A CG   1 
ATOM 871  C CD   . PRO A 1 59  ? 7.427   -2.555  8.972   1.00 0.00 ? 59  PRO A CD   1 
ATOM 872  H HA   . PRO A 1 59  ? 8.741   0.223   8.438   1.00 0.00 ? 59  PRO A HA   1 
ATOM 873  H HB2  . PRO A 1 59  ? 9.602   -1.682  6.600   1.00 0.00 ? 59  PRO A HB2  1 
ATOM 874  H HB3  . PRO A 1 59  ? 9.952   -1.725  8.326   1.00 0.00 ? 59  PRO A HB3  1 
ATOM 875  H HG2  . PRO A 1 59  ? 7.630   -3.093  6.876   1.00 0.00 ? 59  PRO A HG2  1 
ATOM 876  H HG3  . PRO A 1 59  ? 8.806   -3.832  7.965   1.00 0.00 ? 59  PRO A HG3  1 
ATOM 877  H HD2  . PRO A 1 59  ? 6.529   -3.143  9.039   1.00 0.00 ? 59  PRO A HD2  1 
ATOM 878  H HD3  . PRO A 1 59  ? 7.988   -2.634  9.885   1.00 0.00 ? 59  PRO A HD3  1 
ATOM 879  N N    . GLN A 1 60  ? 8.651   0.635   5.821   1.00 0.00 ? 60  GLN A N    1 
ATOM 880  C CA   . GLN A 1 60  ? 8.308   1.306   4.539   1.00 0.00 ? 60  GLN A CA   1 
ATOM 881  C C    . GLN A 1 60  ? 8.896   0.501   3.393   1.00 0.00 ? 60  GLN A C    1 
ATOM 882  O O    . GLN A 1 60  ? 10.081  0.600   3.138   1.00 0.00 ? 60  GLN A O    1 
ATOM 883  C CB   . GLN A 1 60  ? 8.891   2.746   4.484   1.00 0.00 ? 60  GLN A CB   1 
ATOM 884  C CG   . GLN A 1 60  ? 7.920   3.753   5.126   1.00 0.00 ? 60  GLN A CG   1 
ATOM 885  C CD   . GLN A 1 60  ? 8.396   5.176   4.784   1.00 0.00 ? 60  GLN A CD   1 
ATOM 886  O OE1  . GLN A 1 60  ? 9.387   5.655   5.299   1.00 0.00 ? 60  GLN A OE1  1 
ATOM 887  N NE2  . GLN A 1 60  ? 7.721   5.882   3.914   1.00 0.00 ? 60  GLN A NE2  1 
ATOM 888  H H    . GLN A 1 60  ? 9.592   0.580   6.089   1.00 0.00 ? 60  GLN A H    1 
ATOM 889  H HA   . GLN A 1 60  ? 7.236   1.347   4.414   1.00 0.00 ? 60  GLN A HA   1 
ATOM 890  H HB2  . GLN A 1 60  ? 9.835   2.781   5.009   1.00 0.00 ? 60  GLN A HB2  1 
ATOM 891  H HB3  . GLN A 1 60  ? 9.062   3.029   3.454   1.00 0.00 ? 60  GLN A HB3  1 
ATOM 892  H HG2  . GLN A 1 60  ? 6.917   3.617   4.749   1.00 0.00 ? 60  GLN A HG2  1 
ATOM 893  H HG3  . GLN A 1 60  ? 7.913   3.637   6.200   1.00 0.00 ? 60  GLN A HG3  1 
ATOM 894  H HE21 . GLN A 1 60  ? 6.920   5.507   3.488   1.00 0.00 ? 60  GLN A HE21 1 
ATOM 895  H HE22 . GLN A 1 60  ? 8.016   6.788   3.686   1.00 0.00 ? 60  GLN A HE22 1 
ATOM 896  N N    . CYS A 1 61  ? 8.077   -0.291  2.744   1.00 0.00 ? 61  CYS A N    1 
ATOM 897  C CA   . CYS A 1 61  ? 8.637   -1.072  1.606   1.00 0.00 ? 61  CYS A CA   1 
ATOM 898  C C    . CYS A 1 61  ? 8.254   -0.271  0.352   1.00 0.00 ? 61  CYS A C    1 
ATOM 899  O O    . CYS A 1 61  ? 7.204   0.340   0.286   1.00 0.00 ? 61  CYS A O    1 
ATOM 900  C CB   . CYS A 1 61  ? 8.019   -2.464  1.482   1.00 0.00 ? 61  CYS A CB   1 
ATOM 901  S SG   . CYS A 1 61  ? 8.006   -3.638  2.854   1.00 0.00 ? 61  CYS A SG   1 
ATOM 902  H H    . CYS A 1 61  ? 7.133   -0.379  3.002   1.00 0.00 ? 61  CYS A H    1 
ATOM 903  H HA   . CYS A 1 61  ? 9.710   -1.142  1.681   1.00 0.00 ? 61  CYS A HA   1 
ATOM 904  H HB2  . CYS A 1 61  ? 7.006   -2.371  1.116   1.00 0.00 ? 61  CYS A HB2  1 
ATOM 905  H HB3  . CYS A 1 61  ? 8.607   -2.958  0.725   1.00 0.00 ? 61  CYS A HB3  1 
ATOM 906  N N    . GLU A 1 62  ? 9.151   -0.334  -0.590  1.00 0.00 ? 62  GLU A N    1 
ATOM 907  C CA   . GLU A 1 62  ? 9.047   0.352   -1.916  1.00 0.00 ? 62  GLU A CA   1 
ATOM 908  C C    . GLU A 1 62  ? 10.434  0.197   -2.556  1.00 0.00 ? 62  GLU A C    1 
ATOM 909  O O    . GLU A 1 62  ? 11.195  -0.655  -2.138  1.00 0.00 ? 62  GLU A O    1 
ATOM 910  C CB   . GLU A 1 62  ? 8.685   1.869   -1.724  1.00 0.00 ? 62  GLU A CB   1 
ATOM 911  C CG   . GLU A 1 62  ? 9.726   2.606   -0.832  1.00 0.00 ? 62  GLU A CG   1 
ATOM 912  C CD   . GLU A 1 62  ? 9.136   3.937   -0.320  1.00 0.00 ? 62  GLU A CD   1 
ATOM 913  O OE1  . GLU A 1 62  ? 8.864   4.775   -1.167  1.00 0.00 ? 62  GLU A OE1  1 
ATOM 914  O OE2  . GLU A 1 62  ? 8.990   4.043   0.889   1.00 0.00 ? 62  GLU A OE2  1 
ATOM 915  H H    . GLU A 1 62  ? 9.944   -0.875  -0.400  1.00 0.00 ? 62  GLU A H    1 
ATOM 916  H HA   . GLU A 1 62  ? 8.314   -0.146  -2.527  1.00 0.00 ? 62  GLU A HA   1 
ATOM 917  H HB2  . GLU A 1 62  ? 8.683   2.322   -2.702  1.00 0.00 ? 62  GLU A HB2  1 
ATOM 918  H HB3  . GLU A 1 62  ? 7.689   1.988   -1.324  1.00 0.00 ? 62  GLU A HB3  1 
ATOM 919  H HG2  . GLU A 1 62  ? 10.035  1.995   0.006   1.00 0.00 ? 62  GLU A HG2  1 
ATOM 920  H HG3  . GLU A 1 62  ? 10.599  2.847   -1.424  1.00 0.00 ? 62  GLU A HG3  1 
ATOM 921  N N    . GLY A 1 63  ? 10.741  0.992   -3.546  1.00 0.00 ? 63  GLY A N    1 
ATOM 922  C CA   . GLY A 1 63  ? 12.085  0.865   -4.196  1.00 0.00 ? 63  GLY A CA   1 
ATOM 923  C C    . GLY A 1 63  ? 11.923  0.112   -5.519  1.00 0.00 ? 63  GLY A C    1 
ATOM 924  O O    . GLY A 1 63  ? 12.799  0.132   -6.364  1.00 0.00 ? 63  GLY A O    1 
ATOM 925  H H    . GLY A 1 63  ? 10.097  1.658   -3.861  1.00 0.00 ? 63  GLY A H    1 
ATOM 926  H HA2  . GLY A 1 63  ? 12.509  1.838   -4.368  1.00 0.00 ? 63  GLY A HA2  1 
ATOM 927  H HA3  . GLY A 1 63  ? 12.760  0.304   -3.563  1.00 0.00 ? 63  GLY A HA3  1 
ATOM 928  N N    . LEU A 1 64  ? 10.786  -0.531  -5.646  1.00 0.00 ? 64  LEU A N    1 
ATOM 929  C CA   . LEU A 1 64  ? 10.457  -1.324  -6.852  1.00 0.00 ? 64  LEU A CA   1 
ATOM 930  C C    . LEU A 1 64  ? 9.949   -0.505  -8.045  1.00 0.00 ? 64  LEU A C    1 
ATOM 931  O O    . LEU A 1 64  ? 9.152   0.396   -7.877  1.00 0.00 ? 64  LEU A O    1 
ATOM 932  C CB   . LEU A 1 64  ? 9.393   -2.377  -6.415  1.00 0.00 ? 64  LEU A CB   1 
ATOM 933  C CG   . LEU A 1 64  ? 9.912   -3.834  -6.314  1.00 0.00 ? 64  LEU A CG   1 
ATOM 934  C CD1  . LEU A 1 64  ? 9.681   -4.503  -7.654  1.00 0.00 ? 64  LEU A CD1  1 
ATOM 935  C CD2  . LEU A 1 64  ? 11.407  -3.922  -5.948  1.00 0.00 ? 64  LEU A CD2  1 
ATOM 936  H H    . LEU A 1 64  ? 10.113  -0.514  -4.935  1.00 0.00 ? 64  LEU A H    1 
ATOM 937  H HA   . LEU A 1 64  ? 11.380  -1.778  -7.130  1.00 0.00 ? 64  LEU A HA   1 
ATOM 938  H HB2  . LEU A 1 64  ? 8.953   -2.096  -5.467  1.00 0.00 ? 64  LEU A HB2  1 
ATOM 939  H HB3  . LEU A 1 64  ? 8.598   -2.368  -7.142  1.00 0.00 ? 64  LEU A HB3  1 
ATOM 940  H HG   . LEU A 1 64  ? 9.339   -4.371  -5.579  1.00 0.00 ? 64  LEU A HG   1 
ATOM 941  H HD11 . LEU A 1 64  ? 10.178  -3.945  -8.428  1.00 0.00 ? 64  LEU A HD11 1 
ATOM 942  H HD12 . LEU A 1 64  ? 10.052  -5.515  -7.632  1.00 0.00 ? 64  LEU A HD12 1 
ATOM 943  H HD13 . LEU A 1 64  ? 8.616   -4.502  -7.851  1.00 0.00 ? 64  LEU A HD13 1 
ATOM 944  H HD21 . LEU A 1 64  ? 11.595  -3.420  -5.012  1.00 0.00 ? 64  LEU A HD21 1 
ATOM 945  H HD22 . LEU A 1 64  ? 11.695  -4.953  -5.879  1.00 0.00 ? 64  LEU A HD22 1 
ATOM 946  H HD23 . LEU A 1 64  ? 12.026  -3.489  -6.712  1.00 0.00 ? 64  LEU A HD23 1 
ATOM 947  N N    . PRO A 1 65  ? 10.417  -0.841  -9.232  1.00 0.00 ? 65  PRO A N    1 
ATOM 948  C CA   . PRO A 1 65  ? 9.797   -0.365  -10.492 1.00 0.00 ? 65  PRO A CA   1 
ATOM 949  C C    . PRO A 1 65  ? 8.306   -0.695  -10.547 1.00 0.00 ? 65  PRO A C    1 
ATOM 950  O O    . PRO A 1 65  ? 7.905   -1.816  -10.296 1.00 0.00 ? 65  PRO A O    1 
ATOM 951  C CB   . PRO A 1 65  ? 10.629  -1.049  -11.600 1.00 0.00 ? 65  PRO A CB   1 
ATOM 952  C CG   . PRO A 1 65  ? 11.198  -2.299  -10.888 1.00 0.00 ? 65  PRO A CG   1 
ATOM 953  C CD   . PRO A 1 65  ? 11.585  -1.733  -9.523  1.00 0.00 ? 65  PRO A CD   1 
ATOM 954  H HA   . PRO A 1 65  ? 9.901   0.703   -10.559 1.00 0.00 ? 65  PRO A HA   1 
ATOM 955  H HB2  . PRO A 1 65  ? 10.018  -1.363  -12.435 1.00 0.00 ? 65  PRO A HB2  1 
ATOM 956  H HB3  . PRO A 1 65  ? 11.427  -0.407  -11.946 1.00 0.00 ? 65  PRO A HB3  1 
ATOM 957  H HG2  . PRO A 1 65  ? 10.456  -3.080  -10.788 1.00 0.00 ? 65  PRO A HG2  1 
ATOM 958  H HG3  . PRO A 1 65  ? 12.069  -2.678  -11.400 1.00 0.00 ? 65  PRO A HG3  1 
ATOM 959  H HD2  . PRO A 1 65  ? 11.673  -2.537  -8.811  1.00 0.00 ? 65  PRO A HD2  1 
ATOM 960  H HD3  . PRO A 1 65  ? 12.498  -1.158  -9.569  1.00 0.00 ? 65  PRO A HD3  1 
ATOM 961  N N    . CYS A 1 66  ? 7.537   0.306   -10.882 1.00 0.00 ? 66  CYS A N    1 
ATOM 962  C CA   . CYS A 1 66  ? 6.061   0.124   -10.985 1.00 0.00 ? 66  CYS A CA   1 
ATOM 963  C C    . CYS A 1 66  ? 5.794   -0.049  -12.472 1.00 0.00 ? 66  CYS A C    1 
ATOM 964  O O    . CYS A 1 66  ? 6.687   0.035   -13.295 1.00 0.00 ? 66  CYS A O    1 
ATOM 965  C CB   . CYS A 1 66  ? 5.286   1.380   -10.487 1.00 0.00 ? 66  CYS A CB   1 
ATOM 966  S SG   . CYS A 1 66  ? 4.584   1.433   -8.823  1.00 0.00 ? 66  CYS A SG   1 
ATOM 967  H H    . CYS A 1 66  ? 7.920   1.187   -11.072 1.00 0.00 ? 66  CYS A H    1 
ATOM 968  H HA   . CYS A 1 66  ? 5.744   -0.764  -10.454 1.00 0.00 ? 66  CYS A HA   1 
ATOM 969  H HB2  . CYS A 1 66  ? 5.862   2.272   -10.599 1.00 0.00 ? 66  CYS A HB2  1 
ATOM 970  H HB3  . CYS A 1 66  ? 4.444   1.517   -11.151 1.00 0.00 ? 66  CYS A HB3  1 
ATOM 971  N N    . LYS A 1 67  ? 4.544   -0.277  -12.745 1.00 0.00 ? 67  LYS A N    1 
ATOM 972  C CA   . LYS A 1 67  ? 4.100   -0.467  -14.149 1.00 0.00 ? 67  LYS A CA   1 
ATOM 973  C C    . LYS A 1 67  ? 3.554   0.917   -14.532 1.00 0.00 ? 67  LYS A C    1 
ATOM 974  O O    . LYS A 1 67  ? 3.676   1.866   -13.777 1.00 0.00 ? 67  LYS A O    1 
ATOM 975  C CB   . LYS A 1 67  ? 2.959   -1.501  -14.217 1.00 0.00 ? 67  LYS A CB   1 
ATOM 976  C CG   . LYS A 1 67  ? 3.193   -2.687  -13.245 1.00 0.00 ? 67  LYS A CG   1 
ATOM 977  C CD   . LYS A 1 67  ? 1.947   -3.602  -13.263 1.00 0.00 ? 67  LYS A CD   1 
ATOM 978  C CE   . LYS A 1 67  ? 2.031   -4.630  -12.123 1.00 0.00 ? 67  LYS A CE   1 
ATOM 979  N NZ   . LYS A 1 67  ? 3.304   -5.402  -12.197 1.00 0.00 ? 67  LYS A NZ   1 
ATOM 980  H H    . LYS A 1 67  ? 3.904   -0.333  -12.006 1.00 0.00 ? 67  LYS A H    1 
ATOM 981  H HA   . LYS A 1 67  ? 4.939   -0.734  -14.786 1.00 0.00 ? 67  LYS A HA   1 
ATOM 982  H HB2  . LYS A 1 67  ? 2.018   -1.025  -13.979 1.00 0.00 ? 67  LYS A HB2  1 
ATOM 983  H HB3  . LYS A 1 67  ? 2.897   -1.883  -15.228 1.00 0.00 ? 67  LYS A HB3  1 
ATOM 984  H HG2  . LYS A 1 67  ? 4.064   -3.246  -13.565 1.00 0.00 ? 67  LYS A HG2  1 
ATOM 985  H HG3  . LYS A 1 67  ? 3.360   -2.327  -12.241 1.00 0.00 ? 67  LYS A HG3  1 
ATOM 986  H HD2  . LYS A 1 67  ? 1.056   -3.006  -13.131 1.00 0.00 ? 67  LYS A HD2  1 
ATOM 987  H HD3  . LYS A 1 67  ? 1.881   -4.112  -14.214 1.00 0.00 ? 67  LYS A HD3  1 
ATOM 988  H HE2  . LYS A 1 67  ? 1.986   -4.133  -11.166 1.00 0.00 ? 67  LYS A HE2  1 
ATOM 989  H HE3  . LYS A 1 67  ? 1.208   -5.325  -12.191 1.00 0.00 ? 67  LYS A HE3  1 
ATOM 990  H HZ1  . LYS A 1 67  ? 3.872   -5.067  -13.003 1.00 0.00 ? 67  LYS A HZ1  1 
ATOM 991  H HZ2  . LYS A 1 67  ? 3.840   -5.265  -11.317 1.00 0.00 ? 67  LYS A HZ2  1 
ATOM 992  H HZ3  . LYS A 1 67  ? 3.096   -6.413  -12.320 1.00 0.00 ? 67  LYS A HZ3  1 
ATOM 993  N N    . SER A 1 68  ? 2.966   1.008   -15.690 1.00 0.00 ? 68  SER A N    1 
ATOM 994  C CA   . SER A 1 68  ? 2.403   2.322   -16.122 1.00 0.00 ? 68  SER A CA   1 
ATOM 995  C C    . SER A 1 68  ? 1.101   2.424   -15.302 1.00 0.00 ? 68  SER A C    1 
ATOM 996  O O    . SER A 1 68  ? 0.793   1.509   -14.561 1.00 0.00 ? 68  SER A O    1 
ATOM 997  C CB   . SER A 1 68  ? 2.132   2.256   -17.637 1.00 0.00 ? 68  SER A CB   1 
ATOM 998  O OG   . SER A 1 68  ? 2.721   3.452   -18.128 1.00 0.00 ? 68  SER A OG   1 
ATOM 999  H H    . SER A 1 68  ? 2.891   0.223   -16.265 1.00 0.00 ? 68  SER A H    1 
ATOM 1000 H HA   . SER A 1 68  ? 3.062   3.136   -15.847 1.00 0.00 ? 68  SER A HA   1 
ATOM 1001 H HB2  . SER A 1 68  ? 2.620   1.411   -18.098 1.00 0.00 ? 68  SER A HB2  1 
ATOM 1002 H HB3  . SER A 1 68  ? 1.079   2.257   -17.865 1.00 0.00 ? 68  SER A HB3  1 
ATOM 1003 H HG   . SER A 1 68  ? 2.076   3.928   -18.658 1.00 0.00 ? 68  SER A HG   1 
ATOM 1004 N N    . PRO A 1 69  ? 0.354   3.490   -15.409 1.00 0.00 ? 69  PRO A N    1 
ATOM 1005 C CA   . PRO A 1 69  ? -0.866  3.614   -14.585 1.00 0.00 ? 69  PRO A CA   1 
ATOM 1006 C C    . PRO A 1 69  ? -1.856  2.515   -14.993 1.00 0.00 ? 69  PRO A C    1 
ATOM 1007 O O    . PRO A 1 69  ? -1.805  2.019   -16.103 1.00 0.00 ? 69  PRO A O    1 
ATOM 1008 C CB   . PRO A 1 69  ? -1.365  5.015   -14.862 1.00 0.00 ? 69  PRO A CB   1 
ATOM 1009 C CG   . PRO A 1 69  ? -0.066  5.723   -15.317 1.00 0.00 ? 69  PRO A CG   1 
ATOM 1010 C CD   . PRO A 1 69  ? 0.574   4.688   -16.252 1.00 0.00 ? 69  PRO A CD   1 
ATOM 1011 H HA   . PRO A 1 69  ? -0.577  3.499   -13.554 1.00 0.00 ? 69  PRO A HA   1 
ATOM 1012 H HB2  . PRO A 1 69  ? -2.124  5.024   -15.628 1.00 0.00 ? 69  PRO A HB2  1 
ATOM 1013 H HB3  . PRO A 1 69  ? -1.745  5.445   -13.945 1.00 0.00 ? 69  PRO A HB3  1 
ATOM 1014 H HG2  . PRO A 1 69  ? -0.291  6.660   -15.802 1.00 0.00 ? 69  PRO A HG2  1 
ATOM 1015 H HG3  . PRO A 1 69  ? 0.564   5.884   -14.453 1.00 0.00 ? 69  PRO A HG3  1 
ATOM 1016 H HD2  . PRO A 1 69  ? 0.048   4.573   -17.188 1.00 0.00 ? 69  PRO A HD2  1 
ATOM 1017 H HD3  . PRO A 1 69  ? 1.625   4.854   -16.418 1.00 0.00 ? 69  PRO A HD3  1 
ATOM 1018 N N    . PRO A 1 70  ? -2.734  2.159   -14.093 1.00 0.00 ? 70  PRO A N    1 
ATOM 1019 C CA   . PRO A 1 70  ? -3.840  1.201   -14.362 1.00 0.00 ? 70  PRO A CA   1 
ATOM 1020 C C    . PRO A 1 70  ? -4.871  1.951   -15.213 1.00 0.00 ? 70  PRO A C    1 
ATOM 1021 O O    . PRO A 1 70  ? -4.752  3.145   -15.414 1.00 0.00 ? 70  PRO A O    1 
ATOM 1022 C CB   . PRO A 1 70  ? -4.335  0.837   -12.976 1.00 0.00 ? 70  PRO A CB   1 
ATOM 1023 C CG   . PRO A 1 70  ? -4.178  2.200   -12.234 1.00 0.00 ? 70  PRO A CG   1 
ATOM 1024 C CD   . PRO A 1 70  ? -2.777  2.632   -12.682 1.00 0.00 ? 70  PRO A CD   1 
ATOM 1025 H HA   . PRO A 1 70  ? -3.471  0.340   -14.894 1.00 0.00 ? 70  PRO A HA   1 
ATOM 1026 H HB2  . PRO A 1 70  ? -5.356  0.482   -12.978 1.00 0.00 ? 70  PRO A HB2  1 
ATOM 1027 H HB3  . PRO A 1 70  ? -3.687  0.103   -12.529 1.00 0.00 ? 70  PRO A HB3  1 
ATOM 1028 H HG2  . PRO A 1 70  ? -4.924  2.921   -12.547 1.00 0.00 ? 70  PRO A HG2  1 
ATOM 1029 H HG3  . PRO A 1 70  ? -4.224  2.065   -11.164 1.00 0.00 ? 70  PRO A HG3  1 
ATOM 1030 H HD2  . PRO A 1 70  ? -2.635  3.698   -12.629 1.00 0.00 ? 70  PRO A HD2  1 
ATOM 1031 H HD3  . PRO A 1 70  ? -2.025  2.129   -12.110 1.00 0.00 ? 70  PRO A HD3  1 
ATOM 1032 N N    . GLU A 1 71  ? -5.850  1.228   -15.679 1.00 0.00 ? 71  GLU A N    1 
ATOM 1033 C CA   . GLU A 1 71  ? -6.906  1.874   -16.509 1.00 0.00 ? 71  GLU A CA   1 
ATOM 1034 C C    . GLU A 1 71  ? -8.093  1.956   -15.560 1.00 0.00 ? 71  GLU A C    1 
ATOM 1035 O O    . GLU A 1 71  ? -8.146  1.280   -14.548 1.00 0.00 ? 71  GLU A O    1 
ATOM 1036 C CB   . GLU A 1 71  ? -7.228  0.998   -17.721 1.00 0.00 ? 71  GLU A CB   1 
ATOM 1037 C CG   . GLU A 1 71  ? -8.332  1.640   -18.599 1.00 0.00 ? 71  GLU A CG   1 
ATOM 1038 C CD   . GLU A 1 71  ? -8.461  0.860   -19.916 1.00 0.00 ? 71  GLU A CD   1 
ATOM 1039 O OE1  . GLU A 1 71  ? -8.849  -0.294  -19.836 1.00 0.00 ? 71  GLU A OE1  1 
ATOM 1040 O OE2  . GLU A 1 71  ? -8.157  1.462   -20.933 1.00 0.00 ? 71  GLU A OE2  1 
ATOM 1041 H H    . GLU A 1 71  ? -5.886  0.267   -15.483 1.00 0.00 ? 71  GLU A H    1 
ATOM 1042 H HA   . GLU A 1 71  ? -6.607  2.871   -16.816 1.00 0.00 ? 71  GLU A HA   1 
ATOM 1043 H HB2  . GLU A 1 71  ? -6.334  0.932   -18.313 1.00 0.00 ? 71  GLU A HB2  1 
ATOM 1044 H HB3  . GLU A 1 71  ? -7.534  0.016   -17.396 1.00 0.00 ? 71  GLU A HB3  1 
ATOM 1045 H HG2  . GLU A 1 71  ? -9.283  1.586   -18.088 1.00 0.00 ? 71  GLU A HG2  1 
ATOM 1046 H HG3  . GLU A 1 71  ? -8.103  2.676   -18.808 1.00 0.00 ? 71  GLU A HG3  1 
ATOM 1047 N N    . ILE A 1 72  ? -9.011  2.791   -15.934 1.00 0.00 ? 72  ILE A N    1 
ATOM 1048 C CA   . ILE A 1 72  ? -10.234 2.998   -15.106 1.00 0.00 ? 72  ILE A CA   1 
ATOM 1049 C C    . ILE A 1 72  ? -11.559 2.786   -15.846 1.00 0.00 ? 72  ILE A C    1 
ATOM 1050 O O    . ILE A 1 72  ? -11.599 2.532   -17.034 1.00 0.00 ? 72  ILE A O    1 
ATOM 1051 C CB   . ILE A 1 72  ? -10.109 4.436   -14.484 1.00 0.00 ? 72  ILE A CB   1 
ATOM 1052 C CG1  . ILE A 1 72  ? -9.696  5.463   -15.561 1.00 0.00 ? 72  ILE A CG1  1 
ATOM 1053 C CG2  . ILE A 1 72  ? -9.059  4.363   -13.333 1.00 0.00 ? 72  ILE A CG2  1 
ATOM 1054 C CD1  . ILE A 1 72  ? -9.494  6.838   -14.921 1.00 0.00 ? 72  ILE A CD1  1 
ATOM 1055 H H    . ILE A 1 72  ? -8.869  3.262   -16.779 1.00 0.00 ? 72  ILE A H    1 
ATOM 1056 H HA   . ILE A 1 72  ? -10.207 2.318   -14.276 1.00 0.00 ? 72  ILE A HA   1 
ATOM 1057 H HB   . ILE A 1 72  ? -11.039 4.797   -14.080 1.00 0.00 ? 72  ILE A HB   1 
ATOM 1058 H HG12 . ILE A 1 72  ? -8.783  5.170   -16.051 1.00 0.00 ? 72  ILE A HG12 1 
ATOM 1059 H HG13 . ILE A 1 72  ? -10.488 5.504   -16.286 1.00 0.00 ? 72  ILE A HG13 1 
ATOM 1060 H HG21 . ILE A 1 72  ? -9.363  3.657   -12.577 1.00 0.00 ? 72  ILE A HG21 1 
ATOM 1061 H HG22 . ILE A 1 72  ? -8.087  4.073   -13.714 1.00 0.00 ? 72  ILE A HG22 1 
ATOM 1062 H HG23 . ILE A 1 72  ? -8.986  5.318   -12.850 1.00 0.00 ? 72  ILE A HG23 1 
ATOM 1063 H HD11 . ILE A 1 72  ? -8.713  6.769   -14.178 1.00 0.00 ? 72  ILE A HD11 1 
ATOM 1064 H HD12 . ILE A 1 72  ? -9.181  7.558   -15.656 1.00 0.00 ? 72  ILE A HD12 1 
ATOM 1065 H HD13 . ILE A 1 72  ? -10.401 7.192   -14.456 1.00 0.00 ? 72  ILE A HD13 1 
ATOM 1066 N N    . SER A 1 73  ? -12.603 2.908   -15.068 1.00 0.00 ? 73  SER A N    1 
ATOM 1067 C CA   . SER A 1 73  ? -14.019 2.743   -15.521 1.00 0.00 ? 73  SER A CA   1 
ATOM 1068 C C    . SER A 1 73  ? -14.693 4.018   -16.030 1.00 0.00 ? 73  SER A C    1 
ATOM 1069 O O    . SER A 1 73  ? -15.481 3.958   -16.954 1.00 0.00 ? 73  SER A O    1 
ATOM 1070 C CB   . SER A 1 73  ? -14.867 2.209   -14.341 1.00 0.00 ? 73  SER A CB   1 
ATOM 1071 O OG   . SER A 1 73  ? -14.655 3.166   -13.310 1.00 0.00 ? 73  SER A OG   1 
ATOM 1072 H H    . SER A 1 73  ? -12.455 3.117   -14.126 1.00 0.00 ? 73  SER A H    1 
ATOM 1073 H HA   . SER A 1 73  ? -14.036 2.012   -16.314 1.00 0.00 ? 73  SER A HA   1 
ATOM 1074 H HB2  . SER A 1 73  ? -15.916 2.206   -14.591 1.00 0.00 ? 73  SER A HB2  1 
ATOM 1075 H HB3  . SER A 1 73  ? -14.587 1.238   -13.968 1.00 0.00 ? 73  SER A HB3  1 
ATOM 1076 H HG   . SER A 1 73  ? -14.287 2.704   -12.553 1.00 0.00 ? 73  SER A HG   1 
ATOM 1077 N N    . HIS A 1 74  ? -14.357 5.123   -15.418 1.00 0.00 ? 74  HIS A N    1 
ATOM 1078 C CA   . HIS A 1 74  ? -14.968 6.436   -15.808 1.00 0.00 ? 74  HIS A CA   1 
ATOM 1079 C C    . HIS A 1 74  ? -14.020 7.508   -16.367 1.00 0.00 ? 74  HIS A C    1 
ATOM 1080 O O    . HIS A 1 74  ? -14.480 8.534   -16.825 1.00 0.00 ? 74  HIS A O    1 
ATOM 1081 C CB   . HIS A 1 74  ? -15.658 6.982   -14.583 1.00 0.00 ? 74  HIS A CB   1 
ATOM 1082 C CG   . HIS A 1 74  ? -16.460 5.925   -13.825 1.00 0.00 ? 74  HIS A CG   1 
ATOM 1083 N ND1  . HIS A 1 74  ? -16.529 5.890   -12.540 1.00 0.00 ? 74  HIS A ND1  1 
ATOM 1084 C CD2  . HIS A 1 74  ? -17.229 4.851   -14.237 1.00 0.00 ? 74  HIS A CD2  1 
ATOM 1085 C CE1  . HIS A 1 74  ? -17.264 4.895   -12.168 1.00 0.00 ? 74  HIS A CE1  1 
ATOM 1086 N NE2  . HIS A 1 74  ? -17.724 4.221   -13.192 1.00 0.00 ? 74  HIS A NE2  1 
ATOM 1087 H H    . HIS A 1 74  ? -13.697 5.094   -14.694 1.00 0.00 ? 74  HIS A H    1 
ATOM 1088 H HA   . HIS A 1 74  ? -15.718 6.267   -16.569 1.00 0.00 ? 74  HIS A HA   1 
ATOM 1089 H HB2  . HIS A 1 74  ? -14.889 7.343   -13.913 1.00 0.00 ? 74  HIS A HB2  1 
ATOM 1090 H HB3  . HIS A 1 74  ? -16.323 7.783   -14.864 1.00 0.00 ? 74  HIS A HB3  1 
ATOM 1091 H HD1  . HIS A 1 74  ? -16.085 6.524   -11.936 1.00 0.00 ? 74  HIS A HD1  1 
ATOM 1092 H HD2  . HIS A 1 74  ? -17.405 4.569   -15.265 1.00 0.00 ? 74  HIS A HD2  1 
ATOM 1093 H HE1  . HIS A 1 74  ? -17.469 4.646   -11.141 1.00 0.00 ? 74  HIS A HE1  1 
ATOM 1094 N N    . GLY A 1 75  ? -12.738 7.272   -16.303 1.00 0.00 ? 75  GLY A N    1 
ATOM 1095 C CA   . GLY A 1 75  ? -11.742 8.267   -16.824 1.00 0.00 ? 75  GLY A CA   1 
ATOM 1096 C C    . GLY A 1 75  ? -10.716 7.587   -17.740 1.00 0.00 ? 75  GLY A C    1 
ATOM 1097 O O    . GLY A 1 75  ? -10.980 6.527   -18.274 1.00 0.00 ? 75  GLY A O    1 
ATOM 1098 H H    . GLY A 1 75  ? -12.423 6.434   -15.909 1.00 0.00 ? 75  GLY A H    1 
ATOM 1099 H HA2  . GLY A 1 75  ? -12.240 9.049   -17.377 1.00 0.00 ? 75  GLY A HA2  1 
ATOM 1100 H HA3  . GLY A 1 75  ? -11.240 8.714   -15.981 1.00 0.00 ? 75  GLY A HA3  1 
ATOM 1101 N N    . VAL A 1 76  ? -9.584  8.235   -17.902 1.00 0.00 ? 76  VAL A N    1 
ATOM 1102 C CA   . VAL A 1 76  ? -8.487  7.673   -18.771 1.00 0.00 ? 76  VAL A CA   1 
ATOM 1103 C C    . VAL A 1 76  ? -7.199  8.522   -18.684 1.00 0.00 ? 76  VAL A C    1 
ATOM 1104 O O    . VAL A 1 76  ? -7.314  9.725   -18.794 1.00 0.00 ? 76  VAL A O    1 
ATOM 1105 C CB   . VAL A 1 76  ? -8.986  7.626   -20.253 1.00 0.00 ? 76  VAL A CB   1 
ATOM 1106 C CG1  . VAL A 1 76  ? -9.397  9.044   -20.745 1.00 0.00 ? 76  VAL A CG1  1 
ATOM 1107 C CG2  . VAL A 1 76  ? -7.872  7.056   -21.158 1.00 0.00 ? 76  VAL A CG2  1 
ATOM 1108 H H    . VAL A 1 76  ? -9.473  9.097   -17.445 1.00 0.00 ? 76  VAL A H    1 
ATOM 1109 H HA   . VAL A 1 76  ? -8.261  6.669   -18.438 1.00 0.00 ? 76  VAL A HA   1 
ATOM 1110 H HB   . VAL A 1 76  ? -9.843  6.978   -20.329 1.00 0.00 ? 76  VAL A HB   1 
ATOM 1111 H HG11 . VAL A 1 76  ? -10.169 9.450   -20.107 1.00 0.00 ? 76  VAL A HG11 1 
ATOM 1112 H HG12 . VAL A 1 76  ? -8.557  9.723   -20.743 1.00 0.00 ? 76  VAL A HG12 1 
ATOM 1113 H HG13 . VAL A 1 76  ? -9.779  8.988   -21.755 1.00 0.00 ? 76  VAL A HG13 1 
ATOM 1114 H HG21 . VAL A 1 76  ? -7.622  6.060   -20.828 1.00 0.00 ? 76  VAL A HG21 1 
ATOM 1115 H HG22 . VAL A 1 76  ? -8.214  7.007   -22.180 1.00 0.00 ? 76  VAL A HG22 1 
ATOM 1116 H HG23 . VAL A 1 76  ? -6.982  7.668   -21.119 1.00 0.00 ? 76  VAL A HG23 1 
ATOM 1117 N N    . VAL A 1 77  ? -6.032  7.929   -18.500 1.00 0.00 ? 77  VAL A N    1 
ATOM 1118 C CA   . VAL A 1 77  ? -4.804  8.786   -18.432 1.00 0.00 ? 77  VAL A CA   1 
ATOM 1119 C C    . VAL A 1 77  ? -4.166  8.668   -19.802 1.00 0.00 ? 77  VAL A C    1 
ATOM 1120 O O    . VAL A 1 77  ? -3.829  7.604   -20.279 1.00 0.00 ? 77  VAL A O    1 
ATOM 1121 C CB   . VAL A 1 77  ? -3.775  8.317   -17.296 1.00 0.00 ? 77  VAL A CB   1 
ATOM 1122 C CG1  . VAL A 1 77  ? -3.210  6.908   -17.404 1.00 0.00 ? 77  VAL A CG1  1 
ATOM 1123 C CG2  . VAL A 1 77  ? -2.551  9.240   -17.251 1.00 0.00 ? 77  VAL A CG2  1 
ATOM 1124 H H    . VAL A 1 77  ? -5.956  6.954   -18.408 1.00 0.00 ? 77  VAL A H    1 
ATOM 1125 H HA   . VAL A 1 77  ? -5.084  9.814   -18.294 1.00 0.00 ? 77  VAL A HA   1 
ATOM 1126 H HB   . VAL A 1 77  ? -4.245  8.414   -16.340 1.00 0.00 ? 77  VAL A HB   1 
ATOM 1127 H HG11 . VAL A 1 77  ? -3.997  6.176   -17.367 1.00 0.00 ? 77  VAL A HG11 1 
ATOM 1128 H HG12 . VAL A 1 77  ? -2.633  6.818   -18.310 1.00 0.00 ? 77  VAL A HG12 1 
ATOM 1129 H HG13 . VAL A 1 77  ? -2.547  6.759   -16.558 1.00 0.00 ? 77  VAL A HG13 1 
ATOM 1130 H HG21 . VAL A 1 77  ? -2.092  9.304   -18.223 1.00 0.00 ? 77  VAL A HG21 1 
ATOM 1131 H HG22 . VAL A 1 77  ? -2.834  10.221  -16.925 1.00 0.00 ? 77  VAL A HG22 1 
ATOM 1132 H HG23 . VAL A 1 77  ? -1.828  8.851   -16.551 1.00 0.00 ? 77  VAL A HG23 1 
ATOM 1133 N N    . ALA A 1 78  ? -4.052  9.838   -20.362 1.00 0.00 ? 78  ALA A N    1 
ATOM 1134 C CA   . ALA A 1 78  ? -3.468  10.052  -21.709 1.00 0.00 ? 78  ALA A CA   1 
ATOM 1135 C C    . ALA A 1 78  ? -2.074  10.641  -21.517 1.00 0.00 ? 78  ALA A C    1 
ATOM 1136 O O    . ALA A 1 78  ? -1.267  10.644  -22.425 1.00 0.00 ? 78  ALA A O    1 
ATOM 1137 C CB   . ALA A 1 78  ? -4.363  11.019  -22.459 1.00 0.00 ? 78  ALA A CB   1 
ATOM 1138 H H    . ALA A 1 78  ? -4.367  10.626  -19.869 1.00 0.00 ? 78  ALA A H    1 
ATOM 1139 H HA   . ALA A 1 78  ? -3.386  9.102   -22.219 1.00 0.00 ? 78  ALA A HA   1 
ATOM 1140 H HB1  . ALA A 1 78  ? -5.358  10.606  -22.513 1.00 0.00 ? 78  ALA A HB1  1 
ATOM 1141 H HB2  . ALA A 1 78  ? -4.412  11.967  -21.937 1.00 0.00 ? 78  ALA A HB2  1 
ATOM 1142 H HB3  . ALA A 1 78  ? -3.987  11.191  -23.455 1.00 0.00 ? 78  ALA A HB3  1 
ATOM 1143 N N    . HIS A 1 79  ? -1.856  11.122  -20.320 1.00 0.00 ? 79  HIS A N    1 
ATOM 1144 C CA   . HIS A 1 79  ? -0.549  11.728  -19.962 1.00 0.00 ? 79  HIS A CA   1 
ATOM 1145 C C    . HIS A 1 79  ? 0.146   10.858  -18.935 1.00 0.00 ? 79  HIS A C    1 
ATOM 1146 O O    . HIS A 1 79  ? 0.423   11.250  -17.818 1.00 0.00 ? 79  HIS A O    1 
ATOM 1147 C CB   . HIS A 1 79  ? -0.823  13.145  -19.436 1.00 0.00 ? 79  HIS A CB   1 
ATOM 1148 C CG   . HIS A 1 79  ? -1.390  13.917  -20.626 1.00 0.00 ? 79  HIS A CG   1 
ATOM 1149 N ND1  . HIS A 1 79  ? -0.796  14.017  -21.769 1.00 0.00 ? 79  HIS A ND1  1 
ATOM 1150 C CD2  . HIS A 1 79  ? -2.563  14.632  -20.784 1.00 0.00 ? 79  HIS A CD2  1 
ATOM 1151 C CE1  . HIS A 1 79  ? -1.518  14.723  -22.577 1.00 0.00 ? 79  HIS A CE1  1 
ATOM 1152 N NE2  . HIS A 1 79  ? -2.627  15.128  -22.007 1.00 0.00 ? 79  HIS A NE2  1 
ATOM 1153 H H    . HIS A 1 79  ? -2.563  11.089  -19.640 1.00 0.00 ? 79  HIS A H    1 
ATOM 1154 H HA   . HIS A 1 79  ? 0.087   11.777  -20.836 1.00 0.00 ? 79  HIS A HA   1 
ATOM 1155 H HB2  . HIS A 1 79  ? -1.546  13.134  -18.631 1.00 0.00 ? 79  HIS A HB2  1 
ATOM 1156 H HB3  . HIS A 1 79  ? 0.087   13.619  -19.104 1.00 0.00 ? 79  HIS A HB3  1 
ATOM 1157 H HD1  . HIS A 1 79  ? 0.071   13.615  -21.989 1.00 0.00 ? 79  HIS A HD1  1 
ATOM 1158 H HD2  . HIS A 1 79  ? -3.313  14.764  -20.019 1.00 0.00 ? 79  HIS A HD2  1 
ATOM 1159 H HE1  . HIS A 1 79  ? -1.237  14.948  -23.596 1.00 0.00 ? 79  HIS A HE1  1 
ATOM 1160 N N    . MET A 1 80  ? 0.384   9.659   -19.397 1.00 0.00 ? 80  MET A N    1 
ATOM 1161 C CA   . MET A 1 80  ? 1.070   8.636   -18.575 1.00 0.00 ? 80  MET A CA   1 
ATOM 1162 C C    . MET A 1 80  ? 2.393   8.366   -19.278 1.00 0.00 ? 80  MET A C    1 
ATOM 1163 O O    . MET A 1 80  ? 2.519   8.498   -20.480 1.00 0.00 ? 80  MET A O    1 
ATOM 1164 C CB   . MET A 1 80  ? 0.228   7.345   -18.491 1.00 0.00 ? 80  MET A CB   1 
ATOM 1165 C CG   . MET A 1 80  ? -0.396  6.960   -19.822 1.00 0.00 ? 80  MET A CG   1 
ATOM 1166 S SD   . MET A 1 80  ? -1.251  5.363   -19.890 1.00 0.00 ? 80  MET A SD   1 
ATOM 1167 C CE   . MET A 1 80  ? -1.921  5.452   -21.570 1.00 0.00 ? 80  MET A CE   1 
ATOM 1168 H H    . MET A 1 80  ? 0.103   9.417   -20.302 1.00 0.00 ? 80  MET A H    1 
ATOM 1169 H HA   . MET A 1 80  ? 1.246   9.010   -17.583 1.00 0.00 ? 80  MET A HA   1 
ATOM 1170 H HB2  . MET A 1 80  ? 0.886   6.553   -18.179 1.00 0.00 ? 80  MET A HB2  1 
ATOM 1171 H HB3  . MET A 1 80  ? -0.522  7.480   -17.732 1.00 0.00 ? 80  MET A HB3  1 
ATOM 1172 H HG2  . MET A 1 80  ? -1.107  7.733   -20.074 1.00 0.00 ? 80  MET A HG2  1 
ATOM 1173 H HG3  . MET A 1 80  ? 0.392   6.975   -20.554 1.00 0.00 ? 80  MET A HG3  1 
ATOM 1174 H HE1  . MET A 1 80  ? -2.190  6.471   -21.810 1.00 0.00 ? 80  MET A HE1  1 
ATOM 1175 H HE2  . MET A 1 80  ? -1.199  5.079   -22.279 1.00 0.00 ? 80  MET A HE2  1 
ATOM 1176 H HE3  . MET A 1 80  ? -2.822  4.858   -21.616 1.00 0.00 ? 80  MET A HE3  1 
ATOM 1177 N N    . SER A 1 81  ? 3.335   7.976   -18.476 1.00 0.00 ? 81  SER A N    1 
ATOM 1178 C CA   . SER A 1 81  ? 4.707   7.668   -18.957 1.00 0.00 ? 81  SER A CA   1 
ATOM 1179 C C    . SER A 1 81  ? 4.873   6.176   -19.212 1.00 0.00 ? 81  SER A C    1 
ATOM 1180 O O    . SER A 1 81  ? 3.910   5.434   -19.195 1.00 0.00 ? 81  SER A O    1 
ATOM 1181 C CB   . SER A 1 81  ? 5.701   8.136   -17.892 1.00 0.00 ? 81  SER A CB   1 
ATOM 1182 O OG   . SER A 1 81  ? 5.366   9.498   -17.665 1.00 0.00 ? 81  SER A OG   1 
ATOM 1183 H H    . SER A 1 81  ? 3.134   7.889   -17.529 1.00 0.00 ? 81  SER A H    1 
ATOM 1184 H HA   . SER A 1 81  ? 4.891   8.197   -19.882 1.00 0.00 ? 81  SER A HA   1 
ATOM 1185 H HB2  . SER A 1 81  ? 5.614   7.572   -16.974 1.00 0.00 ? 81  SER A HB2  1 
ATOM 1186 H HB3  . SER A 1 81  ? 6.711   8.078   -18.255 1.00 0.00 ? 81  SER A HB3  1 
ATOM 1187 H HG   . SER A 1 81  ? 6.116   10.043  -17.909 1.00 0.00 ? 81  SER A HG   1 
ATOM 1188 N N    . ASP A 1 82  ? 6.104   5.801   -19.439 1.00 0.00 ? 82  ASP A N    1 
ATOM 1189 C CA   . ASP A 1 82  ? 6.472   4.382   -19.711 1.00 0.00 ? 82  ASP A CA   1 
ATOM 1190 C C    . ASP A 1 82  ? 7.255   3.839   -18.525 1.00 0.00 ? 82  ASP A C    1 
ATOM 1191 O O    . ASP A 1 82  ? 7.078   2.702   -18.137 1.00 0.00 ? 82  ASP A O    1 
ATOM 1192 C CB   . ASP A 1 82  ? 7.327   4.332   -21.000 1.00 0.00 ? 82  ASP A CB   1 
ATOM 1193 C CG   . ASP A 1 82  ? 7.971   2.947   -21.161 1.00 0.00 ? 82  ASP A CG   1 
ATOM 1194 O OD1  . ASP A 1 82  ? 9.010   2.752   -20.551 1.00 0.00 ? 82  ASP A OD1  1 
ATOM 1195 O OD2  . ASP A 1 82  ? 7.383   2.162   -21.885 1.00 0.00 ? 82  ASP A OD2  1 
ATOM 1196 H H    . ASP A 1 82  ? 6.810   6.483   -19.423 1.00 0.00 ? 82  ASP A H    1 
ATOM 1197 H HA   . ASP A 1 82  ? 5.581   3.780   -19.833 1.00 0.00 ? 82  ASP A HA   1 
ATOM 1198 H HB2  . ASP A 1 82  ? 6.705   4.536   -21.857 1.00 0.00 ? 82  ASP A HB2  1 
ATOM 1199 H HB3  . ASP A 1 82  ? 8.107   5.080   -20.961 1.00 0.00 ? 82  ASP A HB3  1 
ATOM 1200 N N    . SER A 1 83  ? 8.100   4.685   -17.991 1.00 0.00 ? 83  SER A N    1 
ATOM 1201 C CA   . SER A 1 83  ? 8.936   4.283   -16.829 1.00 0.00 ? 83  SER A CA   1 
ATOM 1202 C C    . SER A 1 83  ? 8.560   4.950   -15.509 1.00 0.00 ? 83  SER A C    1 
ATOM 1203 O O    . SER A 1 83  ? 9.212   5.871   -15.056 1.00 0.00 ? 83  SER A O    1 
ATOM 1204 C CB   . SER A 1 83  ? 10.419  4.587   -17.194 1.00 0.00 ? 83  SER A CB   1 
ATOM 1205 O OG   . SER A 1 83  ? 10.434  5.960   -17.557 1.00 0.00 ? 83  SER A OG   1 
ATOM 1206 H H    . SER A 1 83  ? 8.177   5.591   -18.357 1.00 0.00 ? 83  SER A H    1 
ATOM 1207 H HA   . SER A 1 83  ? 8.794   3.229   -16.662 1.00 0.00 ? 83  SER A HA   1 
ATOM 1208 H HB2  . SER A 1 83  ? 11.072  4.440   -16.348 1.00 0.00 ? 83  SER A HB2  1 
ATOM 1209 H HB3  . SER A 1 83  ? 10.767  4.001   -18.030 1.00 0.00 ? 83  SER A HB3  1 
ATOM 1210 H HG   . SER A 1 83  ? 11.146  6.387   -17.072 1.00 0.00 ? 83  SER A HG   1 
ATOM 1211 N N    . TYR A 1 84  ? 7.496   4.446   -14.934 1.00 0.00 ? 84  TYR A N    1 
ATOM 1212 C CA   . TYR A 1 84  ? 7.027   4.997   -13.635 1.00 0.00 ? 84  TYR A CA   1 
ATOM 1213 C C    . TYR A 1 84  ? 7.570   4.091   -12.536 1.00 0.00 ? 84  TYR A C    1 
ATOM 1214 O O    . TYR A 1 84  ? 7.221   2.931   -12.441 1.00 0.00 ? 84  TYR A O    1 
ATOM 1215 C CB   . TYR A 1 84  ? 5.482   5.011   -13.569 1.00 0.00 ? 84  TYR A CB   1 
ATOM 1216 C CG   . TYR A 1 84  ? 4.870   6.256   -14.234 1.00 0.00 ? 84  TYR A CG   1 
ATOM 1217 C CD1  . TYR A 1 84  ? 5.431   7.506   -14.063 1.00 0.00 ? 84  TYR A CD1  1 
ATOM 1218 C CD2  . TYR A 1 84  ? 3.734   6.144   -15.004 1.00 0.00 ? 84  TYR A CD2  1 
ATOM 1219 C CE1  . TYR A 1 84  ? 4.881   8.618   -14.643 1.00 0.00 ? 84  TYR A CE1  1 
ATOM 1220 C CE2  . TYR A 1 84  ? 3.179   7.256   -15.586 1.00 0.00 ? 84  TYR A CE2  1 
ATOM 1221 C CZ   . TYR A 1 84  ? 3.748   8.508   -15.414 1.00 0.00 ? 84  TYR A CZ   1 
ATOM 1222 O OH   . TYR A 1 84  ? 3.196   9.626   -16.012 1.00 0.00 ? 84  TYR A OH   1 
ATOM 1223 H H    . TYR A 1 84  ? 6.999   3.711   -15.352 1.00 0.00 ? 84  TYR A H    1 
ATOM 1224 H HA   . TYR A 1 84  ? 7.427   5.989   -13.503 1.00 0.00 ? 84  TYR A HA   1 
ATOM 1225 H HB2  . TYR A 1 84  ? 5.069   4.130   -14.037 1.00 0.00 ? 84  TYR A HB2  1 
ATOM 1226 H HB3  . TYR A 1 84  ? 5.187   5.021   -12.529 1.00 0.00 ? 84  TYR A HB3  1 
ATOM 1227 H HD1  . TYR A 1 84  ? 6.316   7.637   -13.459 1.00 0.00 ? 84  TYR A HD1  1 
ATOM 1228 H HD2  . TYR A 1 84  ? 3.283   5.177   -15.148 1.00 0.00 ? 84  TYR A HD2  1 
ATOM 1229 H HE1  . TYR A 1 84  ? 5.347   9.583   -14.491 1.00 0.00 ? 84  TYR A HE1  1 
ATOM 1230 H HE2  . TYR A 1 84  ? 2.287   7.126   -16.175 1.00 0.00 ? 84  TYR A HE2  1 
ATOM 1231 H HH   . TYR A 1 84  ? 3.444   10.403  -15.505 1.00 0.00 ? 84  TYR A HH   1 
ATOM 1232 N N    . GLN A 1 85  ? 8.416   4.687   -11.742 1.00 0.00 ? 85  GLN A N    1 
ATOM 1233 C CA   . GLN A 1 85  ? 9.053   3.974   -10.606 1.00 0.00 ? 85  GLN A CA   1 
ATOM 1234 C C    . GLN A 1 85  ? 8.385   4.533   -9.361  1.00 0.00 ? 85  GLN A C    1 
ATOM 1235 O O    . GLN A 1 85  ? 8.359   5.727   -9.154  1.00 0.00 ? 85  GLN A O    1 
ATOM 1236 C CB   . GLN A 1 85  ? 10.575  4.275   -10.545 1.00 0.00 ? 85  GLN A CB   1 
ATOM 1237 C CG   . GLN A 1 85  ? 11.387  2.990   -10.753 1.00 0.00 ? 85  GLN A CG   1 
ATOM 1238 C CD   . GLN A 1 85  ? 11.249  2.485   -12.198 1.00 0.00 ? 85  GLN A CD   1 
ATOM 1239 O OE1  . GLN A 1 85  ? 10.173  2.211   -12.692 1.00 0.00 ? 85  GLN A OE1  1 
ATOM 1240 N NE2  . GLN A 1 85  ? 12.336  2.346   -12.906 1.00 0.00 ? 85  GLN A NE2  1 
ATOM 1241 H H    . GLN A 1 85  ? 8.639   5.627   -11.897 1.00 0.00 ? 85  GLN A H    1 
ATOM 1242 H HA   . GLN A 1 85  ? 8.857   2.910   -10.682 1.00 0.00 ? 85  GLN A HA   1 
ATOM 1243 H HB2  . GLN A 1 85  ? 10.852  5.010   -11.286 1.00 0.00 ? 85  GLN A HB2  1 
ATOM 1244 H HB3  . GLN A 1 85  ? 10.853  4.667   -9.575  1.00 0.00 ? 85  GLN A HB3  1 
ATOM 1245 H HG2  . GLN A 1 85  ? 12.431  3.175   -10.540 1.00 0.00 ? 85  GLN A HG2  1 
ATOM 1246 H HG3  . GLN A 1 85  ? 11.031  2.236   -10.071 1.00 0.00 ? 85  GLN A HG3  1 
ATOM 1247 H HE21 . GLN A 1 85  ? 13.204  2.562   -12.507 1.00 0.00 ? 85  GLN A HE21 1 
ATOM 1248 H HE22 . GLN A 1 85  ? 12.279  2.028   -13.831 1.00 0.00 ? 85  GLN A HE22 1 
ATOM 1249 N N    . TYR A 1 86  ? 7.868   3.620   -8.591  1.00 0.00 ? 86  TYR A N    1 
ATOM 1250 C CA   . TYR A 1 86  ? 7.157   3.882   -7.304  1.00 0.00 ? 86  TYR A CA   1 
ATOM 1251 C C    . TYR A 1 86  ? 7.144   5.281   -6.658  1.00 0.00 ? 86  TYR A C    1 
ATOM 1252 O O    . TYR A 1 86  ? 8.100   6.030   -6.702  1.00 0.00 ? 86  TYR A O    1 
ATOM 1253 C CB   . TYR A 1 86  ? 7.725   2.928   -6.332  1.00 0.00 ? 86  TYR A CB   1 
ATOM 1254 C CG   . TYR A 1 86  ? 9.152   3.268   -5.965  1.00 0.00 ? 86  TYR A CG   1 
ATOM 1255 C CD1  . TYR A 1 86  ? 10.173  3.029   -6.848  1.00 0.00 ? 86  TYR A CD1  1 
ATOM 1256 C CD2  . TYR A 1 86  ? 9.415   3.826   -4.742  1.00 0.00 ? 86  TYR A CD2  1 
ATOM 1257 C CE1  . TYR A 1 86  ? 11.452  3.350   -6.509  1.00 0.00 ? 86  TYR A CE1  1 
ATOM 1258 C CE2  . TYR A 1 86  ? 10.688  4.150   -4.396  1.00 0.00 ? 86  TYR A CE2  1 
ATOM 1259 C CZ   . TYR A 1 86  ? 11.730  3.920   -5.275  1.00 0.00 ? 86  TYR A CZ   1 
ATOM 1260 O OH   . TYR A 1 86  ? 13.024  4.256   -4.927  1.00 0.00 ? 86  TYR A OH   1 
ATOM 1261 H H    . TYR A 1 86  ? 7.949   2.681   -8.865  1.00 0.00 ? 86  TYR A H    1 
ATOM 1262 H HA   . TYR A 1 86  ? 6.129   3.584   -7.451  1.00 0.00 ? 86  TYR A HA   1 
ATOM 1263 H HB2  . TYR A 1 86  ? 7.137   2.827   -5.434  1.00 0.00 ? 86  TYR A HB2  1 
ATOM 1264 H HB3  . TYR A 1 86  ? 7.772   2.023   -6.898  1.00 0.00 ? 86  TYR A HB3  1 
ATOM 1265 H HD1  . TYR A 1 86  ? 9.976   2.582   -7.812  1.00 0.00 ? 86  TYR A HD1  1 
ATOM 1266 H HD2  . TYR A 1 86  ? 8.614   4.008   -4.044  1.00 0.00 ? 86  TYR A HD2  1 
ATOM 1267 H HE1  . TYR A 1 86  ? 12.215  3.129   -7.229  1.00 0.00 ? 86  TYR A HE1  1 
ATOM 1268 H HE2  . TYR A 1 86  ? 10.831  4.574   -3.416  1.00 0.00 ? 86  TYR A HE2  1 
ATOM 1269 H HH   . TYR A 1 86  ? 13.032  5.196   -4.736  1.00 0.00 ? 86  TYR A HH   1 
ATOM 1270 N N    . GLY A 1 87  ? 6.027   5.552   -6.048  1.00 0.00 ? 87  GLY A N    1 
ATOM 1271 C CA   . GLY A 1 87  ? 5.830   6.861   -5.358  1.00 0.00 ? 87  GLY A CA   1 
ATOM 1272 C C    . GLY A 1 87  ? 5.745   8.038   -6.336  1.00 0.00 ? 87  GLY A C    1 
ATOM 1273 O O    . GLY A 1 87  ? 6.241   9.108   -6.040  1.00 0.00 ? 87  GLY A O    1 
ATOM 1274 H H    . GLY A 1 87  ? 5.310   4.883   -6.049  1.00 0.00 ? 87  GLY A H    1 
ATOM 1275 H HA2  . GLY A 1 87  ? 4.923   6.796   -4.782  1.00 0.00 ? 87  GLY A HA2  1 
ATOM 1276 H HA3  . GLY A 1 87  ? 6.649   7.030   -4.674  1.00 0.00 ? 87  GLY A HA3  1 
ATOM 1277 N N    . GLU A 1 88  ? 5.131   7.802   -7.467  1.00 0.00 ? 88  GLU A N    1 
ATOM 1278 C CA   . GLU A 1 88  ? 4.976   8.869   -8.514  1.00 0.00 ? 88  GLU A CA   1 
ATOM 1279 C C    . GLU A 1 88  ? 3.480   8.998   -8.857  1.00 0.00 ? 88  GLU A C    1 
ATOM 1280 O O    . GLU A 1 88  ? 2.725   8.090   -8.562  1.00 0.00 ? 88  GLU A O    1 
ATOM 1281 C CB   . GLU A 1 88  ? 5.820   8.461   -9.760  1.00 0.00 ? 88  GLU A CB   1 
ATOM 1282 C CG   . GLU A 1 88  ? 7.348   8.570   -9.403  1.00 0.00 ? 88  GLU A CG   1 
ATOM 1283 C CD   . GLU A 1 88  ? 8.295   8.100   -10.539 1.00 0.00 ? 88  GLU A CD   1 
ATOM 1284 O OE1  . GLU A 1 88  ? 7.812   7.661   -11.568 1.00 0.00 ? 88  GLU A OE1  1 
ATOM 1285 O OE2  . GLU A 1 88  ? 9.488   8.205   -10.308 1.00 0.00 ? 88  GLU A OE2  1 
ATOM 1286 H H    . GLU A 1 88  ? 4.762   6.910   -7.633  1.00 0.00 ? 88  GLU A H    1 
ATOM 1287 H HA   . GLU A 1 88  ? 5.322   9.815   -8.126  1.00 0.00 ? 88  GLU A HA   1 
ATOM 1288 H HB2  . GLU A 1 88  ? 5.582   7.449   -10.057 1.00 0.00 ? 88  GLU A HB2  1 
ATOM 1289 H HB3  . GLU A 1 88  ? 5.593   9.128   -10.579 1.00 0.00 ? 88  GLU A HB3  1 
ATOM 1290 H HG2  . GLU A 1 88  ? 7.580   9.604   -9.186  1.00 0.00 ? 88  GLU A HG2  1 
ATOM 1291 H HG3  . GLU A 1 88  ? 7.550   7.976   -8.522  1.00 0.00 ? 88  GLU A HG3  1 
ATOM 1292 N N    . GLU A 1 89  ? 3.097   10.098  -9.464  1.00 0.00 ? 89  GLU A N    1 
ATOM 1293 C CA   . GLU A 1 89  ? 1.656   10.301  -9.825  1.00 0.00 ? 89  GLU A CA   1 
ATOM 1294 C C    . GLU A 1 89  ? 1.394   10.652  -11.296 1.00 0.00 ? 89  GLU A C    1 
ATOM 1295 O O    . GLU A 1 89  ? 2.241   11.163  -12.005 1.00 0.00 ? 89  GLU A O    1 
ATOM 1296 C CB   . GLU A 1 89  ? 1.078   11.419  -8.905  1.00 0.00 ? 89  GLU A CB   1 
ATOM 1297 C CG   . GLU A 1 89  ? 1.718   12.828  -9.168  1.00 0.00 ? 89  GLU A CG   1 
ATOM 1298 C CD   . GLU A 1 89  ? 1.198   13.479  -10.471 1.00 0.00 ? 89  GLU A CD   1 
ATOM 1299 O OE1  . GLU A 1 89  ? -0.014  13.576  -10.601 1.00 0.00 ? 89  GLU A OE1  1 
ATOM 1300 O OE2  . GLU A 1 89  ? 2.044   13.851  -11.269 1.00 0.00 ? 89  GLU A OE2  1 
ATOM 1301 H H    . GLU A 1 89  ? 3.752   10.791  -9.684  1.00 0.00 ? 89  GLU A H    1 
ATOM 1302 H HA   . GLU A 1 89  ? 1.107   9.396   -9.602  1.00 0.00 ? 89  GLU A HA   1 
ATOM 1303 H HB2  . GLU A 1 89  ? 0.006   11.469  -9.030  1.00 0.00 ? 89  GLU A HB2  1 
ATOM 1304 H HB3  . GLU A 1 89  ? 1.269   11.149  -7.878  1.00 0.00 ? 89  GLU A HB3  1 
ATOM 1305 H HG2  . GLU A 1 89  ? 1.500   13.491  -8.344  1.00 0.00 ? 89  GLU A HG2  1 
ATOM 1306 H HG3  . GLU A 1 89  ? 2.791   12.721  -9.236  1.00 0.00 ? 89  GLU A HG3  1 
ATOM 1307 N N    . VAL A 1 90  ? 0.179   10.343  -11.675 1.00 0.00 ? 90  VAL A N    1 
ATOM 1308 C CA   . VAL A 1 90  ? -0.336  10.597  -13.061 1.00 0.00 ? 90  VAL A CA   1 
ATOM 1309 C C    . VAL A 1 90  ? -1.698  11.226  -12.949 1.00 0.00 ? 90  VAL A C    1 
ATOM 1310 O O    . VAL A 1 90  ? -2.328  11.129  -11.917 1.00 0.00 ? 90  VAL A O    1 
ATOM 1311 C CB   . VAL A 1 90  ? -0.476  9.312   -13.837 1.00 0.00 ? 90  VAL A CB   1 
ATOM 1312 C CG1  . VAL A 1 90  ? 0.921   8.834   -14.061 1.00 0.00 ? 90  VAL A CG1  1 
ATOM 1313 C CG2  . VAL A 1 90  ? -1.254  8.280   -13.059 1.00 0.00 ? 90  VAL A CG2  1 
ATOM 1314 H H    . VAL A 1 90  ? -0.415  9.919   -11.018 1.00 0.00 ? 90  VAL A H    1 
ATOM 1315 H HA   . VAL A 1 90  ? 0.299   11.233  -13.640 1.00 0.00 ? 90  VAL A HA   1 
ATOM 1316 H HB   . VAL A 1 90  ? -0.947  9.518   -14.783 1.00 0.00 ? 90  VAL A HB   1 
ATOM 1317 H HG11 . VAL A 1 90  ? 1.412   8.743   -13.109 1.00 0.00 ? 90  VAL A HG11 1 
ATOM 1318 H HG12 . VAL A 1 90  ? 0.911   7.895   -14.571 1.00 0.00 ? 90  VAL A HG12 1 
ATOM 1319 H HG13 . VAL A 1 90  ? 1.412   9.578   -14.666 1.00 0.00 ? 90  VAL A HG13 1 
ATOM 1320 H HG21 . VAL A 1 90  ? -2.218  8.678   -12.836 1.00 0.00 ? 90  VAL A HG21 1 
ATOM 1321 H HG22 . VAL A 1 90  ? -1.342  7.384   -13.645 1.00 0.00 ? 90  VAL A HG22 1 
ATOM 1322 H HG23 . VAL A 1 90  ? -0.762  8.057   -12.135 1.00 0.00 ? 90  VAL A HG23 1 
ATOM 1323 N N    . THR A 1 91  ? -2.099  11.841  -14.027 1.00 0.00 ? 91  THR A N    1 
ATOM 1324 C CA   . THR A 1 91  ? -3.423  12.515  -14.071 1.00 0.00 ? 91  THR A CA   1 
ATOM 1325 C C    . THR A 1 91  ? -4.226  12.040  -15.286 1.00 0.00 ? 91  THR A C    1 
ATOM 1326 O O    . THR A 1 91  ? -3.788  12.148  -16.417 1.00 0.00 ? 91  THR A O    1 
ATOM 1327 C CB   . THR A 1 91  ? -3.257  14.067  -14.159 1.00 0.00 ? 91  THR A CB   1 
ATOM 1328 O OG1  . THR A 1 91  ? -1.862  14.371  -14.119 1.00 0.00 ? 91  THR A OG1  1 
ATOM 1329 C CG2  . THR A 1 91  ? -3.891  14.756  -12.948 1.00 0.00 ? 91  THR A CG2  1 
ATOM 1330 H H    . THR A 1 91  ? -1.523  11.857  -14.817 1.00 0.00 ? 91  THR A H    1 
ATOM 1331 H HA   . THR A 1 91  ? -3.967  12.244  -13.171 1.00 0.00 ? 91  THR A HA   1 
ATOM 1332 H HB   . THR A 1 91  ? -3.678  14.439  -15.080 1.00 0.00 ? 91  THR A HB   1 
ATOM 1333 H HG1  . THR A 1 91  ? -1.683  14.913  -13.345 1.00 0.00 ? 91  THR A HG1  1 
ATOM 1334 H HG21 . THR A 1 91  ? -4.926  14.441  -12.867 1.00 0.00 ? 91  THR A HG21 1 
ATOM 1335 H HG22 . THR A 1 91  ? -3.370  14.500  -12.039 1.00 0.00 ? 91  THR A HG22 1 
ATOM 1336 H HG23 . THR A 1 91  ? -3.857  15.824  -13.083 1.00 0.00 ? 91  THR A HG23 1 
ATOM 1337 N N    . TYR A 1 92  ? -5.399  11.544  -14.999 1.00 0.00 ? 92  TYR A N    1 
ATOM 1338 C CA   . TYR A 1 92  ? -6.296  11.040  -16.072 1.00 0.00 ? 92  TYR A CA   1 
ATOM 1339 C C    . TYR A 1 92  ? -7.302  12.162  -16.312 1.00 0.00 ? 92  TYR A C    1 
ATOM 1340 O O    . TYR A 1 92  ? -7.242  13.206  -15.693 1.00 0.00 ? 92  TYR A O    1 
ATOM 1341 C CB   . TYR A 1 92  ? -7.089  9.746   -15.634 1.00 0.00 ? 92  TYR A CB   1 
ATOM 1342 C CG   . TYR A 1 92  ? -6.256  8.548   -15.102 1.00 0.00 ? 92  TYR A CG   1 
ATOM 1343 C CD1  . TYR A 1 92  ? -5.313  8.702   -14.106 1.00 0.00 ? 92  TYR A CD1  1 
ATOM 1344 C CD2  . TYR A 1 92  ? -6.448  7.263   -15.603 1.00 0.00 ? 92  TYR A CD2  1 
ATOM 1345 C CE1  . TYR A 1 92  ? -4.588  7.619   -13.624 1.00 0.00 ? 92  TYR A CE1  1 
ATOM 1346 C CE2  . TYR A 1 92  ? -5.718  6.186   -15.117 1.00 0.00 ? 92  TYR A CE2  1 
ATOM 1347 C CZ   . TYR A 1 92  ? -4.784  6.352   -14.125 1.00 0.00 ? 92  TYR A CZ   1 
ATOM 1348 O OH   . TYR A 1 92  ? -4.089  5.246   -13.678 1.00 0.00 ? 92  TYR A OH   1 
ATOM 1349 H H    . TYR A 1 92  ? -5.689  11.515  -14.068 1.00 0.00 ? 92  TYR A H    1 
ATOM 1350 H HA   . TYR A 1 92  ? -5.718  10.914  -16.963 1.00 0.00 ? 92  TYR A HA   1 
ATOM 1351 H HB2  . TYR A 1 92  ? -7.826  10.023  -14.900 1.00 0.00 ? 92  TYR A HB2  1 
ATOM 1352 H HB3  . TYR A 1 92  ? -7.665  9.382   -16.468 1.00 0.00 ? 92  TYR A HB3  1 
ATOM 1353 H HD1  . TYR A 1 92  ? -5.128  9.675   -13.680 1.00 0.00 ? 92  TYR A HD1  1 
ATOM 1354 H HD2  . TYR A 1 92  ? -7.181  7.083   -16.377 1.00 0.00 ? 92  TYR A HD2  1 
ATOM 1355 H HE1  . TYR A 1 92  ? -3.862  7.778   -12.845 1.00 0.00 ? 92  TYR A HE1  1 
ATOM 1356 H HE2  . TYR A 1 92  ? -5.884  5.204   -15.531 1.00 0.00 ? 92  TYR A HE2  1 
ATOM 1357 H HH   . TYR A 1 92  ? -3.876  5.275   -12.742 1.00 0.00 ? 92  TYR A HH   1 
ATOM 1358 N N    . LYS A 1 93  ? -8.196  11.899  -17.221 1.00 0.00 ? 93  LYS A N    1 
ATOM 1359 C CA   . LYS A 1 93  ? -9.254  12.885  -17.574 1.00 0.00 ? 93  LYS A CA   1 
ATOM 1360 C C    . LYS A 1 93  ? -10.601 12.231  -17.220 1.00 0.00 ? 93  LYS A C    1 
ATOM 1361 O O    . LYS A 1 93  ? -10.633 11.084  -16.809 1.00 0.00 ? 93  LYS A O    1 
ATOM 1362 C CB   . LYS A 1 93  ? -9.158  13.188  -19.088 1.00 0.00 ? 93  LYS A CB   1 
ATOM 1363 C CG   . LYS A 1 93  ? -7.670  13.131  -19.566 1.00 0.00 ? 93  LYS A CG   1 
ATOM 1364 C CD   . LYS A 1 93  ? -7.506  13.689  -20.994 1.00 0.00 ? 93  LYS A CD   1 
ATOM 1365 C CE   . LYS A 1 93  ? -7.589  15.223  -20.986 1.00 0.00 ? 93  LYS A CE   1 
ATOM 1366 N NZ   . LYS A 1 93  ? -6.470  15.799  -20.181 1.00 0.00 ? 93  LYS A NZ   1 
ATOM 1367 H H    . LYS A 1 93  ? -8.168  11.042  -17.681 1.00 0.00 ? 93  LYS A H    1 
ATOM 1368 H HA   . LYS A 1 93  ? -9.149  13.790  -16.994 1.00 0.00 ? 93  LYS A HA   1 
ATOM 1369 H HB2  . LYS A 1 93  ? -9.723  12.452  -19.644 1.00 0.00 ? 93  LYS A HB2  1 
ATOM 1370 H HB3  . LYS A 1 93  ? -9.582  14.163  -19.271 1.00 0.00 ? 93  LYS A HB3  1 
ATOM 1371 H HG2  . LYS A 1 93  ? -7.010  13.640  -18.879 1.00 0.00 ? 93  LYS A HG2  1 
ATOM 1372 H HG3  . LYS A 1 93  ? -7.382  12.092  -19.604 1.00 0.00 ? 93  LYS A HG3  1 
ATOM 1373 H HD2  . LYS A 1 93  ? -6.554  13.365  -21.387 1.00 0.00 ? 93  LYS A HD2  1 
ATOM 1374 H HD3  . LYS A 1 93  ? -8.291  13.290  -21.622 1.00 0.00 ? 93  LYS A HD3  1 
ATOM 1375 H HE2  . LYS A 1 93  ? -7.505  15.596  -21.995 1.00 0.00 ? 93  LYS A HE2  1 
ATOM 1376 H HE3  . LYS A 1 93  ? -8.526  15.560  -20.572 1.00 0.00 ? 93  LYS A HE3  1 
ATOM 1377 H HZ1  . LYS A 1 93  ? -5.854  15.038  -19.830 1.00 0.00 ? 93  LYS A HZ1  1 
ATOM 1378 H HZ2  . LYS A 1 93  ? -5.910  16.447  -20.774 1.00 0.00 ? 93  LYS A HZ2  1 
ATOM 1379 H HZ3  . LYS A 1 93  ? -6.862  16.326  -19.373 1.00 0.00 ? 93  LYS A HZ3  1 
ATOM 1380 N N    . CYS A 1 94  ? -11.660 12.983  -17.396 1.00 0.00 ? 94  CYS A N    1 
ATOM 1381 C CA   . CYS A 1 94  ? -13.037 12.488  -17.096 1.00 0.00 ? 94  CYS A CA   1 
ATOM 1382 C C    . CYS A 1 94  ? -13.764 12.149  -18.403 1.00 0.00 ? 94  CYS A C    1 
ATOM 1383 O O    . CYS A 1 94  ? -13.251 12.397  -19.478 1.00 0.00 ? 94  CYS A O    1 
ATOM 1384 C CB   . CYS A 1 94  ? -13.795 13.593  -16.336 1.00 0.00 ? 94  CYS A CB   1 
ATOM 1385 S SG   . CYS A 1 94  ? -13.229 14.079  -14.686 1.00 0.00 ? 94  CYS A SG   1 
ATOM 1386 H H    . CYS A 1 94  ? -11.560 13.897  -17.730 1.00 0.00 ? 94  CYS A H    1 
ATOM 1387 H HA   . CYS A 1 94  ? -12.985 11.596  -16.490 1.00 0.00 ? 94  CYS A HA   1 
ATOM 1388 H HB2  . CYS A 1 94  ? -13.770 14.484  -16.941 1.00 0.00 ? 94  CYS A HB2  1 
ATOM 1389 H HB3  . CYS A 1 94  ? -14.827 13.299  -16.252 1.00 0.00 ? 94  CYS A HB3  1 
ATOM 1390 N N    . PHE A 1 95  ? -14.942 11.594  -18.268 1.00 0.00 ? 95  PHE A N    1 
ATOM 1391 C CA   . PHE A 1 95  ? -15.748 11.215  -19.472 1.00 0.00 ? 95  PHE A CA   1 
ATOM 1392 C C    . PHE A 1 95  ? -16.973 12.133  -19.487 1.00 0.00 ? 95  PHE A C    1 
ATOM 1393 O O    . PHE A 1 95  ? -17.047 13.071  -18.714 1.00 0.00 ? 95  PHE A O    1 
ATOM 1394 C CB   . PHE A 1 95  ? -16.175 9.735   -19.342 1.00 0.00 ? 95  PHE A CB   1 
ATOM 1395 C CG   . PHE A 1 95  ? -15.454 8.898   -20.413 1.00 0.00 ? 95  PHE A CG   1 
ATOM 1396 C CD1  . PHE A 1 95  ? -15.788 9.009   -21.748 1.00 0.00 ? 95  PHE A CD1  1 
ATOM 1397 C CD2  . PHE A 1 95  ? -14.444 8.023   -20.047 1.00 0.00 ? 95  PHE A CD2  1 
ATOM 1398 C CE1  . PHE A 1 95  ? -15.124 8.260   -22.699 1.00 0.00 ? 95  PHE A CE1  1 
ATOM 1399 C CE2  . PHE A 1 95  ? -13.782 7.275   -20.992 1.00 0.00 ? 95  PHE A CE2  1 
ATOM 1400 C CZ   . PHE A 1 95  ? -14.121 7.393   -22.320 1.00 0.00 ? 95  PHE A CZ   1 
ATOM 1401 H H    . PHE A 1 95  ? -15.302 11.425  -17.370 1.00 0.00 ? 95  PHE A H    1 
ATOM 1402 H HA   . PHE A 1 95  ? -15.203 11.391  -20.386 1.00 0.00 ? 95  PHE A HA   1 
ATOM 1403 H HB2  . PHE A 1 95  ? -15.949 9.353   -18.364 1.00 0.00 ? 95  PHE A HB2  1 
ATOM 1404 H HB3  . PHE A 1 95  ? -17.238 9.627   -19.502 1.00 0.00 ? 95  PHE A HB3  1 
ATOM 1405 H HD1  . PHE A 1 95  ? -16.572 9.688   -22.051 1.00 0.00 ? 95  PHE A HD1  1 
ATOM 1406 H HD2  . PHE A 1 95  ? -14.162 7.918   -19.013 1.00 0.00 ? 95  PHE A HD2  1 
ATOM 1407 H HE1  . PHE A 1 95  ? -15.390 8.354   -23.741 1.00 0.00 ? 95  PHE A HE1  1 
ATOM 1408 H HE2  . PHE A 1 95  ? -12.995 6.598   -20.690 1.00 0.00 ? 95  PHE A HE2  1 
ATOM 1409 H HZ   . PHE A 1 95  ? -13.599 6.807   -23.062 1.00 0.00 ? 95  PHE A HZ   1 
ATOM 1410 N N    . GLU A 1 96  ? -17.901 11.835  -20.360 1.00 0.00 ? 96  GLU A N    1 
ATOM 1411 C CA   . GLU A 1 96  ? -19.134 12.680  -20.454 1.00 0.00 ? 96  GLU A CA   1 
ATOM 1412 C C    . GLU A 1 96  ? -20.323 11.983  -19.792 1.00 0.00 ? 96  GLU A C    1 
ATOM 1413 O O    . GLU A 1 96  ? -20.602 10.827  -20.040 1.00 0.00 ? 96  GLU A O    1 
ATOM 1414 C CB   . GLU A 1 96  ? -19.458 12.962  -21.949 1.00 0.00 ? 96  GLU A CB   1 
ATOM 1415 C CG   . GLU A 1 96  ? -19.504 14.496  -22.156 1.00 0.00 ? 96  GLU A CG   1 
ATOM 1416 C CD   . GLU A 1 96  ? -20.622 15.103  -21.277 1.00 0.00 ? 96  GLU A CD   1 
ATOM 1417 O OE1  . GLU A 1 96  ? -21.773 14.888  -21.622 1.00 0.00 ? 96  GLU A OE1  1 
ATOM 1418 O OE2  . GLU A 1 96  ? -20.257 15.744  -20.302 1.00 0.00 ? 96  GLU A OE2  1 
ATOM 1419 H H    . GLU A 1 96  ? -17.772 11.056  -20.940 1.00 0.00 ? 96  GLU A H    1 
ATOM 1420 H HA   . GLU A 1 96  ? -18.952 13.605  -19.927 1.00 0.00 ? 96  GLU A HA   1 
ATOM 1421 H HB2  . GLU A 1 96  ? -18.708 12.535  -22.596 1.00 0.00 ? 96  GLU A HB2  1 
ATOM 1422 H HB3  . GLU A 1 96  ? -20.414 12.541  -22.227 1.00 0.00 ? 96  GLU A HB3  1 
ATOM 1423 H HG2  . GLU A 1 96  ? -18.550 14.926  -21.877 1.00 0.00 ? 96  GLU A HG2  1 
ATOM 1424 H HG3  . GLU A 1 96  ? -19.701 14.737  -23.193 1.00 0.00 ? 96  GLU A HG3  1 
ATOM 1425 N N    . GLY A 1 97  ? -20.979 12.744  -18.955 1.00 0.00 ? 97  GLY A N    1 
ATOM 1426 C CA   . GLY A 1 97  ? -22.168 12.236  -18.209 1.00 0.00 ? 97  GLY A CA   1 
ATOM 1427 C C    . GLY A 1 97  ? -21.733 11.820  -16.793 1.00 0.00 ? 97  GLY A C    1 
ATOM 1428 O O    . GLY A 1 97  ? -22.516 11.265  -16.045 1.00 0.00 ? 97  GLY A O    1 
ATOM 1429 H H    . GLY A 1 97  ? -20.686 13.669  -18.816 1.00 0.00 ? 97  GLY A H    1 
ATOM 1430 H HA2  . GLY A 1 97  ? -22.897 13.031  -18.134 1.00 0.00 ? 97  GLY A HA2  1 
ATOM 1431 H HA3  . GLY A 1 97  ? -22.602 11.389  -18.719 1.00 0.00 ? 97  GLY A HA3  1 
ATOM 1432 N N    . PHE A 1 98  ? -20.492 12.112  -16.475 1.00 0.00 ? 98  PHE A N    1 
ATOM 1433 C CA   . PHE A 1 98  ? -19.913 11.774  -15.138 1.00 0.00 ? 98  PHE A CA   1 
ATOM 1434 C C    . PHE A 1 98  ? -19.748 13.066  -14.329 1.00 0.00 ? 98  PHE A C    1 
ATOM 1435 O O    . PHE A 1 98  ? -19.806 14.147  -14.882 1.00 0.00 ? 98  PHE A O    1 
ATOM 1436 C CB   . PHE A 1 98  ? -18.534 11.084  -15.352 1.00 0.00 ? 98  PHE A CB   1 
ATOM 1437 C CG   . PHE A 1 98  ? -18.751 9.720   -16.033 1.00 0.00 ? 98  PHE A CG   1 
ATOM 1438 C CD1  . PHE A 1 98  ? -19.006 9.648   -17.390 1.00 0.00 ? 98  PHE A CD1  1 
ATOM 1439 C CD2  . PHE A 1 98  ? -18.710 8.549   -15.298 1.00 0.00 ? 98  PHE A CD2  1 
ATOM 1440 C CE1  . PHE A 1 98  ? -19.216 8.432   -17.998 1.00 0.00 ? 98  PHE A CE1  1 
ATOM 1441 C CE2  . PHE A 1 98  ? -18.921 7.332   -15.907 1.00 0.00 ? 98  PHE A CE2  1 
ATOM 1442 C CZ   . PHE A 1 98  ? -19.175 7.270   -17.259 1.00 0.00 ? 98  PHE A CZ   1 
ATOM 1443 H H    . PHE A 1 98  ? -19.922 12.563  -17.130 1.00 0.00 ? 98  PHE A H    1 
ATOM 1444 H HA   . PHE A 1 98  ? -20.580 11.110  -14.608 1.00 0.00 ? 98  PHE A HA   1 
ATOM 1445 H HB2  . PHE A 1 98  ? -17.915 11.688  -16.000 1.00 0.00 ? 98  PHE A HB2  1 
ATOM 1446 H HB3  . PHE A 1 98  ? -18.007 10.939  -14.423 1.00 0.00 ? 98  PHE A HB3  1 
ATOM 1447 H HD1  . PHE A 1 98  ? -19.037 10.552  -17.976 1.00 0.00 ? 98  PHE A HD1  1 
ATOM 1448 H HD2  . PHE A 1 98  ? -18.505 8.574   -14.238 1.00 0.00 ? 98  PHE A HD2  1 
ATOM 1449 H HE1  . PHE A 1 98  ? -19.413 8.387   -19.057 1.00 0.00 ? 98  PHE A HE1  1 
ATOM 1450 H HE2  . PHE A 1 98  ? -18.890 6.432   -15.313 1.00 0.00 ? 98  PHE A HE2  1 
ATOM 1451 H HZ   . PHE A 1 98  ? -19.342 6.316   -17.737 1.00 0.00 ? 98  PHE A HZ   1 
ATOM 1452 N N    . GLY A 1 99  ? -19.541 12.906  -13.048 1.00 0.00 ? 99  GLY A N    1 
ATOM 1453 C CA   . GLY A 1 99  ? -19.359 14.051  -12.111 1.00 0.00 ? 99  GLY A CA   1 
ATOM 1454 C C    . GLY A 1 99  ? -17.940 13.913  -11.585 1.00 0.00 ? 99  GLY A C    1 
ATOM 1455 O O    . GLY A 1 99  ? -17.276 12.938  -11.886 1.00 0.00 ? 99  GLY A O    1 
ATOM 1456 H H    . GLY A 1 99  ? -19.494 12.008  -12.669 1.00 0.00 ? 99  GLY A H    1 
ATOM 1457 H HA2  . GLY A 1 99  ? -19.459 14.998  -12.626 1.00 0.00 ? 99  GLY A HA2  1 
ATOM 1458 H HA3  . GLY A 1 99  ? -20.052 13.991  -11.288 1.00 0.00 ? 99  GLY A HA3  1 
ATOM 1459 N N    . ILE A 1 100 ? -17.518 14.874  -10.811 1.00 0.00 ? 100 ILE A N    1 
ATOM 1460 C CA   . ILE A 1 100 ? -16.125 14.800  -10.269 1.00 0.00 ? 100 ILE A CA   1 
ATOM 1461 C C    . ILE A 1 100 ? -16.103 14.707  -8.731  1.00 0.00 ? 100 ILE A C    1 
ATOM 1462 O O    . ILE A 1 100 ? -16.969 15.202  -8.037  1.00 0.00 ? 100 ILE A O    1 
ATOM 1463 C CB   . ILE A 1 100 ? -15.355 16.066  -10.797 1.00 0.00 ? 100 ILE A CB   1 
ATOM 1464 C CG1  . ILE A 1 100 ? -15.681 16.187  -12.340 1.00 0.00 ? 100 ILE A CG1  1 
ATOM 1465 C CG2  . ILE A 1 100 ? -13.822 15.898  -10.638 1.00 0.00 ? 100 ILE A CG2  1 
ATOM 1466 C CD1  . ILE A 1 100 ? -14.905 17.305  -13.058 1.00 0.00 ? 100 ILE A CD1  1 
ATOM 1467 H H    . ILE A 1 100 ? -18.117 15.622  -10.597 1.00 0.00 ? 100 ILE A H    1 
ATOM 1468 H HA   . ILE A 1 100 ? -15.647 13.923  -10.666 1.00 0.00 ? 100 ILE A HA   1 
ATOM 1469 H HB   . ILE A 1 100 ? -15.678 16.932  -10.247 1.00 0.00 ? 100 ILE A HB   1 
ATOM 1470 H HG12 . ILE A 1 100 ? -15.463 15.247  -12.823 1.00 0.00 ? 100 ILE A HG12 1 
ATOM 1471 H HG13 . ILE A 1 100 ? -16.733 16.396  -12.468 1.00 0.00 ? 100 ILE A HG13 1 
ATOM 1472 H HG21 . ILE A 1 100 ? -13.562 15.668  -9.615  1.00 0.00 ? 100 ILE A HG21 1 
ATOM 1473 H HG22 . ILE A 1 100 ? -13.457 15.119  -11.292 1.00 0.00 ? 100 ILE A HG22 1 
ATOM 1474 H HG23 . ILE A 1 100 ? -13.318 16.813  -10.909 1.00 0.00 ? 100 ILE A HG23 1 
ATOM 1475 H HD11 . ILE A 1 100 ? -15.116 18.266  -12.614 1.00 0.00 ? 100 ILE A HD11 1 
ATOM 1476 H HD12 . ILE A 1 100 ? -13.843 17.124  -13.028 1.00 0.00 ? 100 ILE A HD12 1 
ATOM 1477 H HD13 . ILE A 1 100 ? -15.213 17.329  -14.092 1.00 0.00 ? 100 ILE A HD13 1 
ATOM 1478 N N    . ASP A 1 101 ? -15.061 14.055  -8.287  1.00 0.00 ? 101 ASP A N    1 
ATOM 1479 C CA   . ASP A 1 101 ? -14.758 13.787  -6.846  1.00 0.00 ? 101 ASP A CA   1 
ATOM 1480 C C    . ASP A 1 101 ? -13.494 14.593  -6.481  1.00 0.00 ? 101 ASP A C    1 
ATOM 1481 O O    . ASP A 1 101 ? -13.418 15.743  -6.867  1.00 0.00 ? 101 ASP A O    1 
ATOM 1482 C CB   . ASP A 1 101 ? -14.631 12.206  -6.747  1.00 0.00 ? 101 ASP A CB   1 
ATOM 1483 C CG   . ASP A 1 101 ? -14.141 11.683  -5.385  1.00 0.00 ? 101 ASP A CG   1 
ATOM 1484 O OD1  . ASP A 1 101 ? -14.807 11.976  -4.406  1.00 0.00 ? 101 ASP A OD1  1 
ATOM 1485 O OD2  . ASP A 1 101 ? -13.120 11.014  -5.408  1.00 0.00 ? 101 ASP A OD2  1 
ATOM 1486 H H    . ASP A 1 101 ? -14.439 13.725  -8.963  1.00 0.00 ? 101 ASP A H    1 
ATOM 1487 H HA   . ASP A 1 101 ? -15.549 14.128  -6.211  1.00 0.00 ? 101 ASP A HA   1 
ATOM 1488 H HB2  . ASP A 1 101 ? -15.611 11.782  -6.905  1.00 0.00 ? 101 ASP A HB2  1 
ATOM 1489 H HB3  . ASP A 1 101 ? -13.998 11.825  -7.529  1.00 0.00 ? 101 ASP A HB3  1 
ATOM 1490 N N    . GLY A 1 102 ? -12.548 14.027  -5.778  1.00 0.00 ? 102 GLY A N    1 
ATOM 1491 C CA   . GLY A 1 102 ? -11.316 14.800  -5.411  1.00 0.00 ? 102 GLY A CA   1 
ATOM 1492 C C    . GLY A 1 102 ? -10.181 14.650  -6.441  1.00 0.00 ? 102 GLY A C    1 
ATOM 1493 O O    . GLY A 1 102 ? -10.163 15.429  -7.375  1.00 0.00 ? 102 GLY A O    1 
ATOM 1494 H H    . GLY A 1 102 ? -12.656 13.105  -5.497  1.00 0.00 ? 102 GLY A H    1 
ATOM 1495 H HA2  . GLY A 1 102 ? -11.570 15.846  -5.341  1.00 0.00 ? 102 GLY A HA2  1 
ATOM 1496 H HA3  . GLY A 1 102 ? -10.978 14.481  -4.438  1.00 0.00 ? 102 GLY A HA3  1 
ATOM 1497 N N    . PRO A 1 103 ? -9.272  13.706  -6.305  1.00 0.00 ? 103 PRO A N    1 
ATOM 1498 C CA   . PRO A 1 103 ? -8.075  13.642  -7.182  1.00 0.00 ? 103 PRO A CA   1 
ATOM 1499 C C    . PRO A 1 103 ? -8.320  12.893  -8.491  1.00 0.00 ? 103 PRO A C    1 
ATOM 1500 O O    . PRO A 1 103 ? -8.859  11.804  -8.486  1.00 0.00 ? 103 PRO A O    1 
ATOM 1501 C CB   . PRO A 1 103 ? -7.001  12.952  -6.344  1.00 0.00 ? 103 PRO A CB   1 
ATOM 1502 C CG   . PRO A 1 103 ? -7.706  12.624  -4.983  1.00 0.00 ? 103 PRO A CG   1 
ATOM 1503 C CD   . PRO A 1 103 ? -9.219  12.611  -5.303  1.00 0.00 ? 103 PRO A CD   1 
ATOM 1504 H HA   . PRO A 1 103 ? -7.757  14.649  -7.415  1.00 0.00 ? 103 PRO A HA   1 
ATOM 1505 H HB2  . PRO A 1 103 ? -6.654  12.045  -6.819  1.00 0.00 ? 103 PRO A HB2  1 
ATOM 1506 H HB3  . PRO A 1 103 ? -6.164  13.619  -6.195  1.00 0.00 ? 103 PRO A HB3  1 
ATOM 1507 H HG2  . PRO A 1 103 ? -7.391  11.653  -4.626  1.00 0.00 ? 103 PRO A HG2  1 
ATOM 1508 H HG3  . PRO A 1 103 ? -7.470  13.376  -4.246  1.00 0.00 ? 103 PRO A HG3  1 
ATOM 1509 H HD2  . PRO A 1 103 ? -9.531  11.675  -5.746  1.00 0.00 ? 103 PRO A HD2  1 
ATOM 1510 H HD3  . PRO A 1 103 ? -9.803  12.841  -4.424  1.00 0.00 ? 103 PRO A HD3  1 
ATOM 1511 N N    . ALA A 1 104 ? -7.897  13.506  -9.566  1.00 0.00 ? 104 ALA A N    1 
ATOM 1512 C CA   . ALA A 1 104 ? -8.072  12.873  -10.908 1.00 0.00 ? 104 ALA A CA   1 
ATOM 1513 C C    . ALA A 1 104 ? -6.735  12.173  -11.229 1.00 0.00 ? 104 ALA A C    1 
ATOM 1514 O O    . ALA A 1 104 ? -6.304  12.121  -12.360 1.00 0.00 ? 104 ALA A O    1 
ATOM 1515 C CB   . ALA A 1 104 ? -8.396  13.986  -11.929 1.00 0.00 ? 104 ALA A CB   1 
ATOM 1516 H H    . ALA A 1 104 ? -7.466  14.383  -9.492  1.00 0.00 ? 104 ALA A H    1 
ATOM 1517 H HA   . ALA A 1 104 ? -8.874  12.156  -10.892 1.00 0.00 ? 104 ALA A HA   1 
ATOM 1518 H HB1  . ALA A 1 104 ? -7.608  14.729  -11.952 1.00 0.00 ? 104 ALA A HB1  1 
ATOM 1519 H HB2  . ALA A 1 104 ? -8.507  13.558  -12.914 1.00 0.00 ? 104 ALA A HB2  1 
ATOM 1520 H HB3  . ALA A 1 104 ? -9.323  14.473  -11.662 1.00 0.00 ? 104 ALA A HB3  1 
ATOM 1521 N N    . ILE A 1 105 ? -6.128  11.642  -10.191 1.00 0.00 ? 105 ILE A N    1 
ATOM 1522 C CA   . ILE A 1 105 ? -4.822  10.925  -10.290 1.00 0.00 ? 105 ILE A CA   1 
ATOM 1523 C C    . ILE A 1 105 ? -4.943  9.489   -9.804  1.00 0.00 ? 105 ILE A C    1 
ATOM 1524 O O    . ILE A 1 105 ? -5.980  9.042   -9.364  1.00 0.00 ? 105 ILE A O    1 
ATOM 1525 C CB   . ILE A 1 105 ? -3.724  11.597  -9.377  1.00 0.00 ? 105 ILE A CB   1 
ATOM 1526 C CG1  . ILE A 1 105 ? -3.820  11.169  -7.856  1.00 0.00 ? 105 ILE A CG1  1 
ATOM 1527 C CG2  . ILE A 1 105 ? -3.907  13.096  -9.394  1.00 0.00 ? 105 ILE A CG2  1 
ATOM 1528 C CD1  . ILE A 1 105 ? -2.458  11.379  -7.167  1.00 0.00 ? 105 ILE A CD1  1 
ATOM 1529 H H    . ILE A 1 105 ? -6.524  11.710  -9.300  1.00 0.00 ? 105 ILE A H    1 
ATOM 1530 H HA   . ILE A 1 105 ? -4.490  10.917  -11.328 1.00 0.00 ? 105 ILE A HA   1 
ATOM 1531 H HB   . ILE A 1 105 ? -2.753  11.349  -9.741  1.00 0.00 ? 105 ILE A HB   1 
ATOM 1532 H HG12 . ILE A 1 105 ? -4.560  11.755  -7.333  1.00 0.00 ? 105 ILE A HG12 1 
ATOM 1533 H HG13 . ILE A 1 105 ? -4.071  10.127  -7.731  1.00 0.00 ? 105 ILE A HG13 1 
ATOM 1534 H HG21 . ILE A 1 105 ? -3.830  13.445  -10.407 1.00 0.00 ? 105 ILE A HG21 1 
ATOM 1535 H HG22 . ILE A 1 105 ? -4.879  13.335  -8.996  1.00 0.00 ? 105 ILE A HG22 1 
ATOM 1536 H HG23 . ILE A 1 105 ? -3.150  13.566  -8.785  1.00 0.00 ? 105 ILE A HG23 1 
ATOM 1537 H HD11 . ILE A 1 105 ? -2.146  12.414  -7.207  1.00 0.00 ? 105 ILE A HD11 1 
ATOM 1538 H HD12 . ILE A 1 105 ? -2.531  11.072  -6.133  1.00 0.00 ? 105 ILE A HD12 1 
ATOM 1539 H HD13 . ILE A 1 105 ? -1.716  10.766  -7.658  1.00 0.00 ? 105 ILE A HD13 1 
ATOM 1540 N N    . ALA A 1 106 ? -3.814  8.860   -9.952  1.00 0.00 ? 106 ALA A N    1 
ATOM 1541 C CA   . ALA A 1 106 ? -3.588  7.449   -9.534  1.00 0.00 ? 106 ALA A CA   1 
ATOM 1542 C C    . ALA A 1 106 ? -2.180  7.617   -8.936  1.00 0.00 ? 106 ALA A C    1 
ATOM 1543 O O    . ALA A 1 106 ? -1.379  8.288   -9.565  1.00 0.00 ? 106 ALA A O    1 
ATOM 1544 C CB   . ALA A 1 106 ? -3.539  6.477   -10.728 1.00 0.00 ? 106 ALA A CB   1 
ATOM 1545 H H    . ALA A 1 106 ? -3.082  9.362   -10.369 1.00 0.00 ? 106 ALA A H    1 
ATOM 1546 H HA   . ALA A 1 106 ? -4.298  7.164   -8.769  1.00 0.00 ? 106 ALA A HA   1 
ATOM 1547 H HB1  . ALA A 1 106 ? -4.474  6.499   -11.266 1.00 0.00 ? 106 ALA A HB1  1 
ATOM 1548 H HB2  . ALA A 1 106 ? -2.731  6.727   -11.396 1.00 0.00 ? 106 ALA A HB2  1 
ATOM 1549 H HB3  . ALA A 1 106 ? -3.389  5.468   -10.370 1.00 0.00 ? 106 ALA A HB3  1 
ATOM 1550 N N    . LYS A 1 107 ? -1.894  7.055   -7.783  1.00 0.00 ? 107 LYS A N    1 
ATOM 1551 C CA   . LYS A 1 107 ? -0.503  7.217   -7.206  1.00 0.00 ? 107 LYS A CA   1 
ATOM 1552 C C    . LYS A 1 107 ? 0.171   5.834   -7.037  1.00 0.00 ? 107 LYS A C    1 
ATOM 1553 O O    . LYS A 1 107 ? -0.368  4.981   -6.366  1.00 0.00 ? 107 LYS A O    1 
ATOM 1554 C CB   . LYS A 1 107 ? -0.642  7.937   -5.858  1.00 0.00 ? 107 LYS A CB   1 
ATOM 1555 C CG   . LYS A 1 107 ? 0.672   8.667   -5.565  1.00 0.00 ? 107 LYS A CG   1 
ATOM 1556 C CD   . LYS A 1 107 ? 0.639   9.255   -4.139  1.00 0.00 ? 107 LYS A CD   1 
ATOM 1557 C CE   . LYS A 1 107 ? 1.679   10.380  -4.034  1.00 0.00 ? 107 LYS A CE   1 
ATOM 1558 N NZ   . LYS A 1 107 ? 3.038   9.885   -4.404  1.00 0.00 ? 107 LYS A NZ   1 
ATOM 1559 H H    . LYS A 1 107 ? -2.586  6.552   -7.300  1.00 0.00 ? 107 LYS A H    1 
ATOM 1560 H HA   . LYS A 1 107 ? 0.105   7.805   -7.884  1.00 0.00 ? 107 LYS A HA   1 
ATOM 1561 H HB2  . LYS A 1 107 ? -1.431  8.669   -5.948  1.00 0.00 ? 107 LYS A HB2  1 
ATOM 1562 H HB3  . LYS A 1 107 ? -0.894  7.253   -5.057  1.00 0.00 ? 107 LYS A HB3  1 
ATOM 1563 H HG2  . LYS A 1 107 ? 1.501   7.981   -5.663  1.00 0.00 ? 107 LYS A HG2  1 
ATOM 1564 H HG3  . LYS A 1 107 ? 0.797   9.458   -6.288  1.00 0.00 ? 107 LYS A HG3  1 
ATOM 1565 H HD2  . LYS A 1 107 ? -0.342  9.632   -3.894  1.00 0.00 ? 107 LYS A HD2  1 
ATOM 1566 H HD3  . LYS A 1 107 ? 0.892   8.479   -3.434  1.00 0.00 ? 107 LYS A HD3  1 
ATOM 1567 H HE2  . LYS A 1 107 ? 1.413   11.193  -4.695  1.00 0.00 ? 107 LYS A HE2  1 
ATOM 1568 H HE3  . LYS A 1 107 ? 1.714   10.754  -3.023  1.00 0.00 ? 107 LYS A HE3  1 
ATOM 1569 H HZ1  . LYS A 1 107 ? 2.993   8.875   -4.650  1.00 0.00 ? 107 LYS A HZ1  1 
ATOM 1570 H HZ2  . LYS A 1 107 ? 3.390   10.424  -5.223  1.00 0.00 ? 107 LYS A HZ2  1 
ATOM 1571 H HZ3  . LYS A 1 107 ? 3.685   10.017  -3.599  1.00 0.00 ? 107 LYS A HZ3  1 
ATOM 1572 N N    . CYS A 1 108 ? 1.337   5.646   -7.616  1.00 0.00 ? 108 CYS A N    1 
ATOM 1573 C CA   . CYS A 1 108 ? 2.004   4.304   -7.481  1.00 0.00 ? 108 CYS A CA   1 
ATOM 1574 C C    . CYS A 1 108 ? 2.683   4.088   -6.145  1.00 0.00 ? 108 CYS A C    1 
ATOM 1575 O O    . CYS A 1 108 ? 3.217   4.994   -5.536  1.00 0.00 ? 108 CYS A O    1 
ATOM 1576 C CB   . CYS A 1 108 ? 3.032   4.112   -8.608  1.00 0.00 ? 108 CYS A CB   1 
ATOM 1577 S SG   . CYS A 1 108 ? 2.904   2.444   -9.298  1.00 0.00 ? 108 CYS A SG   1 
ATOM 1578 H H    . CYS A 1 108 ? 1.753   6.380   -8.110  1.00 0.00 ? 108 CYS A H    1 
ATOM 1579 H HA   . CYS A 1 108 ? 1.298   3.512   -7.597  1.00 0.00 ? 108 CYS A HA   1 
ATOM 1580 H HB2  . CYS A 1 108 ? 2.886   4.834   -9.397  1.00 0.00 ? 108 CYS A HB2  1 
ATOM 1581 H HB3  . CYS A 1 108 ? 4.033   4.240   -8.219  1.00 0.00 ? 108 CYS A HB3  1 
ATOM 1582 N N    . LEU A 1 109 ? 2.610   2.834   -5.763  1.00 0.00 ? 109 LEU A N    1 
ATOM 1583 C CA   . LEU A 1 109 ? 3.193   2.364   -4.478  1.00 0.00 ? 109 LEU A CA   1 
ATOM 1584 C C    . LEU A 1 109 ? 4.064   1.110   -4.723  1.00 0.00 ? 109 LEU A C    1 
ATOM 1585 O O    . LEU A 1 109 ? 3.663   0.005   -4.421  1.00 0.00 ? 109 LEU A O    1 
ATOM 1586 C CB   . LEU A 1 109 ? 2.020   2.046   -3.493  1.00 0.00 ? 109 LEU A CB   1 
ATOM 1587 C CG   . LEU A 1 109 ? 0.765   2.958   -3.719  1.00 0.00 ? 109 LEU A CG   1 
ATOM 1588 C CD1  . LEU A 1 109 ? -0.266  2.169   -4.559  1.00 0.00 ? 109 LEU A CD1  1 
ATOM 1589 C CD2  . LEU A 1 109 ? 0.173   3.349   -2.366  1.00 0.00 ? 109 LEU A CD2  1 
ATOM 1590 H H    . LEU A 1 109 ? 2.154   2.191   -6.344  1.00 0.00 ? 109 LEU A H    1 
ATOM 1591 H HA   . LEU A 1 109 ? 3.819   3.142   -4.058  1.00 0.00 ? 109 LEU A HA   1 
ATOM 1592 H HB2  . LEU A 1 109 ? 1.729   1.006   -3.587  1.00 0.00 ? 109 LEU A HB2  1 
ATOM 1593 H HB3  . LEU A 1 109 ? 2.376   2.201   -2.484  1.00 0.00 ? 109 LEU A HB3  1 
ATOM 1594 H HG   . LEU A 1 109 ? 1.003   3.871   -4.243  1.00 0.00 ? 109 LEU A HG   1 
ATOM 1595 H HD11 . LEU A 1 109 ? -0.556  1.270   -4.037  1.00 0.00 ? 109 LEU A HD11 1 
ATOM 1596 H HD12 . LEU A 1 109 ? -1.153  2.746   -4.735  1.00 0.00 ? 109 LEU A HD12 1 
ATOM 1597 H HD13 . LEU A 1 109 ? 0.153   1.894   -5.515  1.00 0.00 ? 109 LEU A HD13 1 
ATOM 1598 H HD21 . LEU A 1 109 ? 0.924   3.875   -1.796  1.00 0.00 ? 109 LEU A HD21 1 
ATOM 1599 H HD22 . LEU A 1 109 ? -0.675  3.999   -2.516  1.00 0.00 ? 109 LEU A HD22 1 
ATOM 1600 H HD23 . LEU A 1 109 ? -0.135  2.466   -1.832  1.00 0.00 ? 109 LEU A HD23 1 
ATOM 1601 N N    . GLY A 1 110 ? 5.227   1.333   -5.281  1.00 0.00 ? 110 GLY A N    1 
ATOM 1602 C CA   . GLY A 1 110 ? 6.217   0.234   -5.591  1.00 0.00 ? 110 GLY A CA   1 
ATOM 1603 C C    . GLY A 1 110 ? 5.795   -0.798  -6.683  1.00 0.00 ? 110 GLY A C    1 
ATOM 1604 O O    . GLY A 1 110 ? 6.649   -1.206  -7.447  1.00 0.00 ? 110 GLY A O    1 
ATOM 1605 H H    . GLY A 1 110 ? 5.439   2.265   -5.493  1.00 0.00 ? 110 GLY A H    1 
ATOM 1606 H HA2  . GLY A 1 110 ? 7.078   0.686   -6.011  1.00 0.00 ? 110 GLY A HA2  1 
ATOM 1607 H HA3  . GLY A 1 110 ? 6.664   -0.171  -4.694  1.00 0.00 ? 110 GLY A HA3  1 
ATOM 1608 N N    . GLU A 1 111 ? 4.531   -1.192  -6.753  1.00 0.00 ? 111 GLU A N    1 
ATOM 1609 C CA   . GLU A 1 111 ? 4.073   -2.192  -7.791  1.00 0.00 ? 111 GLU A CA   1 
ATOM 1610 C C    . GLU A 1 111 ? 2.900   -1.637  -8.643  1.00 0.00 ? 111 GLU A C    1 
ATOM 1611 O O    . GLU A 1 111 ? 3.081   -1.344  -9.810  1.00 0.00 ? 111 GLU A O    1 
ATOM 1612 C CB   . GLU A 1 111 ? 3.639   -3.504  -7.057  1.00 0.00 ? 111 GLU A CB   1 
ATOM 1613 C CG   . GLU A 1 111 ? 2.888   -4.482  -8.001  1.00 0.00 ? 111 GLU A CG   1 
ATOM 1614 C CD   . GLU A 1 111 ? 2.628   -5.800  -7.244  1.00 0.00 ? 111 GLU A CD   1 
ATOM 1615 O OE1  . GLU A 1 111 ? 3.514   -6.635  -7.275  1.00 0.00 ? 111 GLU A OE1  1 
ATOM 1616 O OE2  . GLU A 1 111 ? 1.554   -5.892  -6.675  1.00 0.00 ? 111 GLU A OE2  1 
ATOM 1617 H H    . GLU A 1 111 ? 3.869   -0.820  -6.131  1.00 0.00 ? 111 GLU A H    1 
ATOM 1618 H HA   . GLU A 1 111 ? 4.906   -2.425  -8.442  1.00 0.00 ? 111 GLU A HA   1 
ATOM 1619 H HB2  . GLU A 1 111 ? 4.519   -4.008  -6.694  1.00 0.00 ? 111 GLU A HB2  1 
ATOM 1620 H HB3  . GLU A 1 111 ? 3.007   -3.276  -6.214  1.00 0.00 ? 111 GLU A HB3  1 
ATOM 1621 H HG2  . GLU A 1 111 ? 1.942   -4.064  -8.320  1.00 0.00 ? 111 GLU A HG2  1 
ATOM 1622 H HG3  . GLU A 1 111 ? 3.489   -4.691  -8.874  1.00 0.00 ? 111 GLU A HG3  1 
ATOM 1623 N N    . LYS A 1 112 ? 1.747   -1.502  -8.024  1.00 0.00 ? 112 LYS A N    1 
ATOM 1624 C CA   . LYS A 1 112 ? 0.527   -0.978  -8.734  1.00 0.00 ? 112 LYS A CA   1 
ATOM 1625 C C    . LYS A 1 112 ? 0.269   0.474   -8.281  1.00 0.00 ? 112 LYS A C    1 
ATOM 1626 O O    . LYS A 1 112 ? 1.152   1.089   -7.717  1.00 0.00 ? 112 LYS A O    1 
ATOM 1627 C CB   . LYS A 1 112 ? -0.704  -1.835  -8.381  1.00 0.00 ? 112 LYS A CB   1 
ATOM 1628 C CG   . LYS A 1 112 ? -1.738  -1.750  -9.553  1.00 0.00 ? 112 LYS A CG   1 
ATOM 1629 C CD   . LYS A 1 112 ? -3.172  -2.057  -9.068  1.00 0.00 ? 112 LYS A CD   1 
ATOM 1630 C CE   . LYS A 1 112 ? -3.708  -0.915  -8.178  1.00 0.00 ? 112 LYS A CE   1 
ATOM 1631 N NZ   . LYS A 1 112 ? -5.115  -1.211  -7.792  1.00 0.00 ? 112 LYS A NZ   1 
ATOM 1632 H H    . LYS A 1 112 ? 1.689   -1.754  -7.079  1.00 0.00 ? 112 LYS A H    1 
ATOM 1633 H HA   . LYS A 1 112 ? 0.694   -0.976  -9.804  1.00 0.00 ? 112 LYS A HA   1 
ATOM 1634 H HB2  . LYS A 1 112 ? -0.402  -2.864  -8.260  1.00 0.00 ? 112 LYS A HB2  1 
ATOM 1635 H HB3  . LYS A 1 112 ? -1.125  -1.487  -7.445  1.00 0.00 ? 112 LYS A HB3  1 
ATOM 1636 H HG2  . LYS A 1 112 ? -1.720  -0.801  -10.071 1.00 0.00 ? 112 LYS A HG2  1 
ATOM 1637 H HG3  . LYS A 1 112 ? -1.469  -2.510  -10.273 1.00 0.00 ? 112 LYS A HG3  1 
ATOM 1638 H HD2  . LYS A 1 112 ? -3.820  -2.163  -9.926  1.00 0.00 ? 112 LYS A HD2  1 
ATOM 1639 H HD3  . LYS A 1 112 ? -3.188  -2.983  -8.509  1.00 0.00 ? 112 LYS A HD3  1 
ATOM 1640 H HE2  . LYS A 1 112 ? -3.122  -0.820  -7.277  1.00 0.00 ? 112 LYS A HE2  1 
ATOM 1641 H HE3  . LYS A 1 112 ? -3.692  0.025   -8.713  1.00 0.00 ? 112 LYS A HE3  1 
ATOM 1642 H HZ1  . LYS A 1 112 ? -5.408  -2.114  -8.219  1.00 0.00 ? 112 LYS A HZ1  1 
ATOM 1643 H HZ2  . LYS A 1 112 ? -5.182  -1.278  -6.756  1.00 0.00 ? 112 LYS A HZ2  1 
ATOM 1644 H HZ3  . LYS A 1 112 ? -5.737  -0.450  -8.132  1.00 0.00 ? 112 LYS A HZ3  1 
ATOM 1645 N N    . TRP A 1 113 ? -0.920  0.977   -8.521  1.00 0.00 ? 113 TRP A N    1 
ATOM 1646 C CA   . TRP A 1 113 ? -1.251  2.377   -8.129  1.00 0.00 ? 113 TRP A CA   1 
ATOM 1647 C C    . TRP A 1 113 ? -2.344  2.511   -7.055  1.00 0.00 ? 113 TRP A C    1 
ATOM 1648 O O    . TRP A 1 113 ? -2.947  1.547   -6.625  1.00 0.00 ? 113 TRP A O    1 
ATOM 1649 C CB   . TRP A 1 113 ? -1.612  3.092   -9.435  1.00 0.00 ? 113 TRP A CB   1 
ATOM 1650 C CG   . TRP A 1 113 ? -0.388  3.183   -10.398 1.00 0.00 ? 113 TRP A CG   1 
ATOM 1651 C CD1  . TRP A 1 113 ? 0.236   2.154   -11.047 1.00 0.00 ? 113 TRP A CD1  1 
ATOM 1652 C CD2  . TRP A 1 113 ? 0.208   4.328   -10.782 1.00 0.00 ? 113 TRP A CD2  1 
ATOM 1653 N NE1  . TRP A 1 113 ? 1.147   2.759   -11.778 1.00 0.00 ? 113 TRP A NE1  1 
ATOM 1654 C CE2  . TRP A 1 113 ? 1.210   4.070   -11.688 1.00 0.00 ? 113 TRP A CE2  1 
ATOM 1655 C CE3  . TRP A 1 113 ? -0.045  5.615   -10.394 1.00 0.00 ? 113 TRP A CE3  1 
ATOM 1656 C CZ2  . TRP A 1 113 ? 1.947   5.105   -12.214 1.00 0.00 ? 113 TRP A CZ2  1 
ATOM 1657 C CZ3  . TRP A 1 113 ? 0.696   6.646   -10.915 1.00 0.00 ? 113 TRP A CZ3  1 
ATOM 1658 C CH2  . TRP A 1 113 ? 1.686   6.394   -11.824 1.00 0.00 ? 113 TRP A CH2  1 
ATOM 1659 H H    . TRP A 1 113 ? -1.607  0.434   -8.953  1.00 0.00 ? 113 TRP A H    1 
ATOM 1660 H HA   . TRP A 1 113 ? -0.382  2.843   -7.724  1.00 0.00 ? 113 TRP A HA   1 
ATOM 1661 H HB2  . TRP A 1 113 ? -2.380  2.523   -9.941  1.00 0.00 ? 113 TRP A HB2  1 
ATOM 1662 H HB3  . TRP A 1 113 ? -2.001  4.083   -9.244  1.00 0.00 ? 113 TRP A HB3  1 
ATOM 1663 H HD1  . TRP A 1 113 ? 0.060   1.097   -10.983 1.00 0.00 ? 113 TRP A HD1  1 
ATOM 1664 H HE1  . TRP A 1 113 ? 1.748   2.253   -12.364 1.00 0.00 ? 113 TRP A HE1  1 
ATOM 1665 H HE3  . TRP A 1 113 ? -0.824  5.799   -9.676  1.00 0.00 ? 113 TRP A HE3  1 
ATOM 1666 H HZ2  . TRP A 1 113 ? 2.718   4.912   -12.932 1.00 0.00 ? 113 TRP A HZ2  1 
ATOM 1667 H HZ3  . TRP A 1 113 ? 0.513   7.661   -10.606 1.00 0.00 ? 113 TRP A HZ3  1 
ATOM 1668 H HH2  . TRP A 1 113 ? 2.244   7.214   -12.234 1.00 0.00 ? 113 TRP A HH2  1 
ATOM 1669 N N    . SER A 1 114 ? -2.555  3.747   -6.670  1.00 0.00 ? 114 SER A N    1 
ATOM 1670 C CA   . SER A 1 114 ? -3.553  4.133   -5.622  1.00 0.00 ? 114 SER A CA   1 
ATOM 1671 C C    . SER A 1 114 ? -4.654  5.035   -6.170  1.00 0.00 ? 114 SER A C    1 
ATOM 1672 O O    . SER A 1 114 ? -4.646  5.349   -7.344  1.00 0.00 ? 114 SER A O    1 
ATOM 1673 C CB   . SER A 1 114 ? -2.816  4.881   -4.518  1.00 0.00 ? 114 SER A CB   1 
ATOM 1674 O OG   . SER A 1 114 ? -3.685  4.889   -3.395  1.00 0.00 ? 114 SER A OG   1 
ATOM 1675 H H    . SER A 1 114 ? -2.034  4.453   -7.097  1.00 0.00 ? 114 SER A H    1 
ATOM 1676 H HA   . SER A 1 114 ? -3.983  3.237   -5.204  1.00 0.00 ? 114 SER A HA   1 
ATOM 1677 H HB2  . SER A 1 114 ? -1.884  4.432   -4.260  1.00 0.00 ? 114 SER A HB2  1 
ATOM 1678 H HB3  . SER A 1 114 ? -2.628  5.896   -4.831  1.00 0.00 ? 114 SER A HB3  1 
ATOM 1679 H HG   . SER A 1 114 ? -3.831  5.804   -3.150  1.00 0.00 ? 114 SER A HG   1 
ATOM 1680 N N    . HIS A 1 115 ? -5.532  5.404   -5.260  1.00 0.00 ? 115 HIS A N    1 
ATOM 1681 C CA   . HIS A 1 115 ? -6.707  6.291   -5.507  1.00 0.00 ? 115 HIS A CA   1 
ATOM 1682 C C    . HIS A 1 115 ? -6.843  6.792   -6.947  1.00 0.00 ? 115 HIS A C    1 
ATOM 1683 O O    . HIS A 1 115 ? -6.505  7.930   -7.208  1.00 0.00 ? 115 HIS A O    1 
ATOM 1684 C CB   . HIS A 1 115 ? -6.601  7.490   -4.541  1.00 0.00 ? 115 HIS A CB   1 
ATOM 1685 C CG   . HIS A 1 115 ? -7.201  7.166   -3.179  1.00 0.00 ? 115 HIS A CG   1 
ATOM 1686 N ND1  . HIS A 1 115 ? -7.214  6.004   -2.616  1.00 0.00 ? 115 HIS A ND1  1 
ATOM 1687 C CD2  . HIS A 1 115 ? -7.837  7.998   -2.277  1.00 0.00 ? 115 HIS A CD2  1 
ATOM 1688 C CE1  . HIS A 1 115 ? -7.804  6.093   -1.464  1.00 0.00 ? 115 HIS A CE1  1 
ATOM 1689 N NE2  . HIS A 1 115 ? -8.207  7.313   -1.211  1.00 0.00 ? 115 HIS A NE2  1 
ATOM 1690 H H    . HIS A 1 115 ? -5.418  5.084   -4.342  1.00 0.00 ? 115 HIS A H    1 
ATOM 1691 H HA   . HIS A 1 115 ? -7.603  5.741   -5.250  1.00 0.00 ? 115 HIS A HA   1 
ATOM 1692 H HB2  . HIS A 1 115 ? -5.570  7.790   -4.404  1.00 0.00 ? 115 HIS A HB2  1 
ATOM 1693 H HB3  . HIS A 1 115 ? -7.149  8.322   -4.940  1.00 0.00 ? 115 HIS A HB3  1 
ATOM 1694 H HD1  . HIS A 1 115 ? -6.838  5.190   -3.004  1.00 0.00 ? 115 HIS A HD1  1 
ATOM 1695 H HD2  . HIS A 1 115 ? -8.004  9.056   -2.428  1.00 0.00 ? 115 HIS A HD2  1 
ATOM 1696 H HE1  . HIS A 1 115 ? -7.942  5.255   -0.794  1.00 0.00 ? 115 HIS A HE1  1 
ATOM 1697 N N    . PRO A 1 116 ? -7.317  5.956   -7.842  1.00 0.00 ? 116 PRO A N    1 
ATOM 1698 C CA   . PRO A 1 116 ? -7.443  6.336   -9.268  1.00 0.00 ? 116 PRO A CA   1 
ATOM 1699 C C    . PRO A 1 116 ? -8.510  7.445   -9.397  1.00 0.00 ? 116 PRO A C    1 
ATOM 1700 O O    . PRO A 1 116 ? -9.294  7.618   -8.484  1.00 0.00 ? 116 PRO A O    1 
ATOM 1701 C CB   . PRO A 1 116 ? -7.806  5.026   -9.958  1.00 0.00 ? 116 PRO A CB   1 
ATOM 1702 C CG   . PRO A 1 116 ? -8.606  4.267   -8.868  1.00 0.00 ? 116 PRO A CG   1 
ATOM 1703 C CD   . PRO A 1 116 ? -7.798  4.564   -7.592  1.00 0.00 ? 116 PRO A CD   1 
ATOM 1704 H HA   . PRO A 1 116 ? -6.488  6.700   -9.620  1.00 0.00 ? 116 PRO A HA   1 
ATOM 1705 H HB2  . PRO A 1 116 ? -8.414  5.207   -10.829 1.00 0.00 ? 116 PRO A HB2  1 
ATOM 1706 H HB3  . PRO A 1 116 ? -6.913  4.484   -10.243 1.00 0.00 ? 116 PRO A HB3  1 
ATOM 1707 H HG2  . PRO A 1 116 ? -9.619  4.630   -8.791  1.00 0.00 ? 116 PRO A HG2  1 
ATOM 1708 H HG3  . PRO A 1 116 ? -8.606  3.208   -9.079  1.00 0.00 ? 116 PRO A HG3  1 
ATOM 1709 H HD2  . PRO A 1 116 ? -8.434  4.541   -6.717  1.00 0.00 ? 116 PRO A HD2  1 
ATOM 1710 H HD3  . PRO A 1 116 ? -6.956  3.897   -7.482  1.00 0.00 ? 116 PRO A HD3  1 
ATOM 1711 N N    . PRO A 1 117 ? -8.498  8.152   -10.502 1.00 0.00 ? 117 PRO A N    1 
ATOM 1712 C CA   . PRO A 1 117 ? -9.346  9.352   -10.762 1.00 0.00 ? 117 PRO A CA   1 
ATOM 1713 C C    . PRO A 1 117 ? -10.699 9.577   -10.050 1.00 0.00 ? 117 PRO A C    1 
ATOM 1714 O O    . PRO A 1 117 ? -11.356 8.686   -9.549  1.00 0.00 ? 117 PRO A O    1 
ATOM 1715 C CB   . PRO A 1 117 ? -9.493  9.338   -12.267 1.00 0.00 ? 117 PRO A CB   1 
ATOM 1716 C CG   . PRO A 1 117 ? -8.068  8.967   -12.669 1.00 0.00 ? 117 PRO A CG   1 
ATOM 1717 C CD   . PRO A 1 117 ? -7.635  7.861   -11.684 1.00 0.00 ? 117 PRO A CD   1 
ATOM 1718 H HA   . PRO A 1 117 ? -8.721  10.192  -10.505 1.00 0.00 ? 117 PRO A HA   1 
ATOM 1719 H HB2  . PRO A 1 117 ? -10.213 8.590   -12.565 1.00 0.00 ? 117 PRO A HB2  1 
ATOM 1720 H HB3  . PRO A 1 117 ? -9.773  10.306  -12.664 1.00 0.00 ? 117 PRO A HB3  1 
ATOM 1721 H HG2  . PRO A 1 117 ? -8.116  8.565   -13.658 1.00 0.00 ? 117 PRO A HG2  1 
ATOM 1722 H HG3  . PRO A 1 117 ? -7.390  9.806   -12.632 1.00 0.00 ? 117 PRO A HG3  1 
ATOM 1723 H HD2  . PRO A 1 117 ? -7.831  6.877   -12.076 1.00 0.00 ? 117 PRO A HD2  1 
ATOM 1724 H HD3  . PRO A 1 117 ? -6.588  7.966   -11.436 1.00 0.00 ? 117 PRO A HD3  1 
ATOM 1725 N N    . SER A 1 118 ? -11.039 10.836  -10.074 1.00 0.00 ? 118 SER A N    1 
ATOM 1726 C CA   . SER A 1 118 ? -12.281 11.387  -9.467  1.00 0.00 ? 118 SER A CA   1 
ATOM 1727 C C    . SER A 1 118 ? -13.277 11.868  -10.521 1.00 0.00 ? 118 SER A C    1 
ATOM 1728 O O    . SER A 1 118 ? -13.608 13.030  -10.556 1.00 0.00 ? 118 SER A O    1 
ATOM 1729 C CB   . SER A 1 118 ? -11.814 12.520  -8.550  1.00 0.00 ? 118 SER A CB   1 
ATOM 1730 O OG   . SER A 1 118 ? -11.283 11.840  -7.425  1.00 0.00 ? 118 SER A OG   1 
ATOM 1731 H H    . SER A 1 118 ? -10.439 11.471  -10.515 1.00 0.00 ? 118 SER A H    1 
ATOM 1732 H HA   . SER A 1 118 ? -12.750 10.617  -8.872  1.00 0.00 ? 118 SER A HA   1 
ATOM 1733 H HB2  . SER A 1 118 ? -11.031 13.111  -9.003  1.00 0.00 ? 118 SER A HB2  1 
ATOM 1734 H HB3  . SER A 1 118 ? -12.611 13.173  -8.261  1.00 0.00 ? 118 SER A HB3  1 
ATOM 1735 H HG   . SER A 1 118 ? -11.696 12.195  -6.635  1.00 0.00 ? 118 SER A HG   1 
ATOM 1736 N N    . CYS A 1 119 ? -13.724 10.966  -11.347 1.00 0.00 ? 119 CYS A N    1 
ATOM 1737 C CA   . CYS A 1 119 ? -14.709 11.292  -12.427 1.00 0.00 ? 119 CYS A CA   1 
ATOM 1738 C C    . CYS A 1 119 ? -15.743 10.143  -12.357 1.00 0.00 ? 119 CYS A C    1 
ATOM 1739 O O    . CYS A 1 119 ? -15.718 9.274   -13.198 1.00 0.00 ? 119 CYS A O    1 
ATOM 1740 C CB   . CYS A 1 119 ? -13.964 11.314  -13.778 1.00 0.00 ? 119 CYS A CB   1 
ATOM 1741 S SG   . CYS A 1 119 ? -12.496 12.359  -13.932 1.00 0.00 ? 119 CYS A SG   1 
ATOM 1742 H H    . CYS A 1 119 ? -13.397 10.048  -11.256 1.00 0.00 ? 119 CYS A H    1 
ATOM 1743 H HA   . CYS A 1 119 ? -15.177 12.251  -12.235 1.00 0.00 ? 119 CYS A HA   1 
ATOM 1744 H HB2  . CYS A 1 119 ? -13.652 10.314  -14.040 1.00 0.00 ? 119 CYS A HB2  1 
ATOM 1745 H HB3  . CYS A 1 119 ? -14.662 11.633  -14.539 1.00 0.00 ? 119 CYS A HB3  1 
ATOM 1746 N N    . ILE A 1 120 ? -16.634 10.161  -11.394 1.00 0.00 ? 120 ILE A N    1 
ATOM 1747 C CA   . ILE A 1 120 ? -17.653 9.050   -11.262 1.00 0.00 ? 120 ILE A CA   1 
ATOM 1748 C C    . ILE A 1 120 ? -19.123 9.425   -11.567 1.00 0.00 ? 120 ILE A C    1 
ATOM 1749 O O    . ILE A 1 120 ? -20.025 9.025   -10.844 1.00 0.00 ? 120 ILE A O    1 
ATOM 1750 C CB   . ILE A 1 120 ? -17.497 8.480   -9.795  1.00 0.00 ? 120 ILE A CB   1 
ATOM 1751 C CG1  . ILE A 1 120 ? -17.996 9.449   -8.645  1.00 0.00 ? 120 ILE A CG1  1 
ATOM 1752 C CG2  . ILE A 1 120 ? -16.027 8.085   -9.535  1.00 0.00 ? 120 ILE A CG2  1 
ATOM 1753 C CD1  . ILE A 1 120 ? -17.433 10.886  -8.725  1.00 0.00 ? 120 ILE A CD1  1 
ATOM 1754 O OXT  . ILE A 1 120 ? -19.265 10.109  -12.558 1.00 0.00 ? 120 ILE A OXT  1 
ATOM 1755 H H    . ILE A 1 120 ? -16.629 10.917  -10.773 1.00 0.00 ? 120 ILE A H    1 
ATOM 1756 H HA   . ILE A 1 120 ? -17.396 8.255   -11.951 1.00 0.00 ? 120 ILE A HA   1 
ATOM 1757 H HB   . ILE A 1 120 ? -18.080 7.573   -9.723  1.00 0.00 ? 120 ILE A HB   1 
ATOM 1758 H HG12 . ILE A 1 120 ? -19.072 9.513   -8.669  1.00 0.00 ? 120 ILE A HG12 1 
ATOM 1759 H HG13 . ILE A 1 120 ? -17.732 9.028   -7.685  1.00 0.00 ? 120 ILE A HG13 1 
ATOM 1760 H HG21 . ILE A 1 120 ? -15.715 7.335   -10.245 1.00 0.00 ? 120 ILE A HG21 1 
ATOM 1761 H HG22 . ILE A 1 120 ? -15.383 8.947   -9.630  1.00 0.00 ? 120 ILE A HG22 1 
ATOM 1762 H HG23 . ILE A 1 120 ? -15.928 7.682   -8.536  1.00 0.00 ? 120 ILE A HG23 1 
ATOM 1763 H HD11 . ILE A 1 120 ? -16.353 10.877  -8.740  1.00 0.00 ? 120 ILE A HD11 1 
ATOM 1764 H HD12 . ILE A 1 120 ? -17.799 11.396  -9.606  1.00 0.00 ? 120 ILE A HD12 1 
ATOM 1765 H HD13 . ILE A 1 120 ? -17.766 11.436  -7.856  1.00 0.00 ? 120 ILE A HD13 1 
# 
